data_4RHN
# 
_entry.id   4RHN 
# 
_audit_conform.dict_name       mmcif_pdbx.dic 
_audit_conform.dict_version    5.387 
_audit_conform.dict_location   http://mmcif.pdb.org/dictionaries/ascii/mmcif_pdbx.dic 
# 
loop_
_database_2.database_id 
_database_2.database_code 
_database_2.pdbx_database_accession 
_database_2.pdbx_DOI 
PDB   4RHN         pdb_00004rhn 10.2210/pdb4rhn/pdb 
WWPDB D_1000179406 ?            ?                   
# 
loop_
_pdbx_audit_revision_history.ordinal 
_pdbx_audit_revision_history.data_content_type 
_pdbx_audit_revision_history.major_revision 
_pdbx_audit_revision_history.minor_revision 
_pdbx_audit_revision_history.revision_date 
1 'Structure model' 1 0 1997-06-16 
2 'Structure model' 1 1 2008-03-25 
3 'Structure model' 1 2 2011-07-13 
4 'Structure model' 2 0 2020-07-29 
5 'Structure model' 2 1 2024-02-28 
# 
loop_
_pdbx_audit_revision_details.ordinal 
_pdbx_audit_revision_details.revision_ordinal 
_pdbx_audit_revision_details.data_content_type 
_pdbx_audit_revision_details.provider 
_pdbx_audit_revision_details.type 
_pdbx_audit_revision_details.description 
_pdbx_audit_revision_details.details 
1 1 'Structure model' repository 'Initial release' ?                          ? 
2 4 'Structure model' repository Remediation       'Carbohydrate remediation' ? 
# 
loop_
_pdbx_audit_revision_group.ordinal 
_pdbx_audit_revision_group.revision_ordinal 
_pdbx_audit_revision_group.data_content_type 
_pdbx_audit_revision_group.group 
1  2 'Structure model' 'Version format compliance' 
2  3 'Structure model' 'Derived calculations'      
3  3 'Structure model' 'Version format compliance' 
4  4 'Structure model' Advisory                    
5  4 'Structure model' 'Atomic model'              
6  4 'Structure model' 'Data collection'           
7  4 'Structure model' 'Derived calculations'      
8  4 'Structure model' Other                       
9  4 'Structure model' 'Structure summary'         
10 5 'Structure model' 'Data collection'           
11 5 'Structure model' 'Database references'       
12 5 'Structure model' 'Structure summary'         
# 
loop_
_pdbx_audit_revision_category.ordinal 
_pdbx_audit_revision_category.revision_ordinal 
_pdbx_audit_revision_category.data_content_type 
_pdbx_audit_revision_category.category 
1  4 'Structure model' atom_site                 
2  4 'Structure model' chem_comp                 
3  4 'Structure model' database_PDB_caveat       
4  4 'Structure model' entity                    
5  4 'Structure model' pdbx_chem_comp_identifier 
6  4 'Structure model' pdbx_database_status      
7  4 'Structure model' pdbx_entity_nonpoly       
8  4 'Structure model' pdbx_validate_chiral      
9  4 'Structure model' struct_site               
10 4 'Structure model' struct_site_gen           
11 5 'Structure model' chem_comp                 
12 5 'Structure model' chem_comp_atom            
13 5 'Structure model' chem_comp_bond            
14 5 'Structure model' database_2                
# 
loop_
_pdbx_audit_revision_item.ordinal 
_pdbx_audit_revision_item.revision_ordinal 
_pdbx_audit_revision_item.data_content_type 
_pdbx_audit_revision_item.item 
1  4 'Structure model' '_atom_site.auth_atom_id'             
2  4 'Structure model' '_atom_site.label_atom_id'            
3  4 'Structure model' '_chem_comp.name'                     
4  4 'Structure model' '_chem_comp.type'                     
5  4 'Structure model' '_entity.pdbx_description'            
6  4 'Structure model' '_pdbx_database_status.process_site'  
7  4 'Structure model' '_pdbx_entity_nonpoly.name'           
8  4 'Structure model' '_pdbx_validate_chiral.auth_atom_id'  
9  5 'Structure model' '_chem_comp.pdbx_synonyms'            
10 5 'Structure model' '_database_2.pdbx_DOI'                
11 5 'Structure model' '_database_2.pdbx_database_accession' 
# 
_database_PDB_caveat.id     1 
_database_PDB_caveat.text   'RIB A 201 HAS WRONG CHIRALITY AT ATOM C1' 
# 
_pdbx_database_status.status_code                     REL 
_pdbx_database_status.entry_id                        4RHN 
_pdbx_database_status.recvd_initial_deposition_date   1997-02-26 
_pdbx_database_status.deposit_site                    ? 
_pdbx_database_status.process_site                    BNL 
_pdbx_database_status.status_code_sf                  REL 
_pdbx_database_status.status_code_mr                  ? 
_pdbx_database_status.SG_entry                        ? 
_pdbx_database_status.pdb_format_compatible           Y 
_pdbx_database_status.status_code_cs                  ? 
_pdbx_database_status.status_code_nmr_data            ? 
_pdbx_database_status.methods_development_category    ? 
# 
loop_
_audit_author.name 
_audit_author.pdbx_ordinal 
'Brenner, C.'      1 
'Garrison, P.'     2 
'Gilmour, J.'      3 
'Peisach, D.'      4 
'Ringe, D.'        5 
'Petsko, G.A.'     6 
'Lowenstein, J.M.' 7 
# 
_citation.id                        primary 
_citation.title                     
'Crystal structures of HINT demonstrate that histidine triad proteins are GalT-related nucleotide-binding proteins.' 
_citation.journal_abbrev            Nat.Struct.Biol. 
_citation.journal_volume            4 
_citation.page_first                231 
_citation.page_last                 238 
_citation.year                      1997 
_citation.journal_id_ASTM           NSBIEW 
_citation.country                   US 
_citation.journal_id_ISSN           1072-8368 
_citation.journal_id_CSD            2024 
_citation.book_publisher            ? 
_citation.pdbx_database_id_PubMed   9164465 
_citation.pdbx_database_id_DOI      10.1038/nsb0397-231 
# 
loop_
_citation_author.citation_id 
_citation_author.name 
_citation_author.ordinal 
_citation_author.identifier_ORCID 
primary 'Brenner, C.'      1 ? 
primary 'Garrison, P.'     2 ? 
primary 'Gilmour, J.'      3 ? 
primary 'Peisach, D.'      4 ? 
primary 'Ringe, D.'        5 ? 
primary 'Petsko, G.A.'     6 ? 
primary 'Lowenstein, J.M.' 7 ? 
# 
loop_
_entity.id 
_entity.type 
_entity.src_method 
_entity.pdbx_description 
_entity.formula_weight 
_entity.pdbx_number_of_molecules 
_entity.pdbx_ec 
_entity.pdbx_mutation 
_entity.pdbx_fragment 
_entity.details 
1 polymer     man 'HISTIDINE TRIAD NUCLEOTIDE-BINDING PROTEIN' 12584.530 1  ? ? ? ? 
2 non-polymer man alpha-D-ribofuranose                         150.130   1  ? ? ? ? 
3 water       nat water                                        18.015    70 ? ? ? ? 
# 
_entity_name_com.entity_id   1 
_entity_name_com.name        HINT 
# 
_entity_poly.entity_id                      1 
_entity_poly.type                           'polypeptide(L)' 
_entity_poly.nstd_linkage                   no 
_entity_poly.nstd_monomer                   no 
_entity_poly.pdbx_seq_one_letter_code       
;RPGGDTIFGKIIRKEIPAKIIFEDDQCLAFHDISPQAPTHFLVIPKKHISQISAAEDADESLLGHLMIVGKKCAADLGLK
KGYRMVVNEGSDGGQSVYHVHLHVLGGRQMNWPPG
;
_entity_poly.pdbx_seq_one_letter_code_can   
;RPGGDTIFGKIIRKEIPAKIIFEDDQCLAFHDISPQAPTHFLVIPKKHISQISAAEDADESLLGHLMIVGKKCAADLGLK
KGYRMVVNEGSDGGQSVYHVHLHVLGGRQMNWPPG
;
_entity_poly.pdbx_strand_id                 A 
_entity_poly.pdbx_target_identifier         ? 
# 
loop_
_pdbx_entity_nonpoly.entity_id 
_pdbx_entity_nonpoly.name 
_pdbx_entity_nonpoly.comp_id 
2 alpha-D-ribofuranose RIB 
3 water                HOH 
# 
loop_
_entity_poly_seq.entity_id 
_entity_poly_seq.num 
_entity_poly_seq.mon_id 
_entity_poly_seq.hetero 
1 1   ARG n 
1 2   PRO n 
1 3   GLY n 
1 4   GLY n 
1 5   ASP n 
1 6   THR n 
1 7   ILE n 
1 8   PHE n 
1 9   GLY n 
1 10  LYS n 
1 11  ILE n 
1 12  ILE n 
1 13  ARG n 
1 14  LYS n 
1 15  GLU n 
1 16  ILE n 
1 17  PRO n 
1 18  ALA n 
1 19  LYS n 
1 20  ILE n 
1 21  ILE n 
1 22  PHE n 
1 23  GLU n 
1 24  ASP n 
1 25  ASP n 
1 26  GLN n 
1 27  CYS n 
1 28  LEU n 
1 29  ALA n 
1 30  PHE n 
1 31  HIS n 
1 32  ASP n 
1 33  ILE n 
1 34  SER n 
1 35  PRO n 
1 36  GLN n 
1 37  ALA n 
1 38  PRO n 
1 39  THR n 
1 40  HIS n 
1 41  PHE n 
1 42  LEU n 
1 43  VAL n 
1 44  ILE n 
1 45  PRO n 
1 46  LYS n 
1 47  LYS n 
1 48  HIS n 
1 49  ILE n 
1 50  SER n 
1 51  GLN n 
1 52  ILE n 
1 53  SER n 
1 54  ALA n 
1 55  ALA n 
1 56  GLU n 
1 57  ASP n 
1 58  ALA n 
1 59  ASP n 
1 60  GLU n 
1 61  SER n 
1 62  LEU n 
1 63  LEU n 
1 64  GLY n 
1 65  HIS n 
1 66  LEU n 
1 67  MET n 
1 68  ILE n 
1 69  VAL n 
1 70  GLY n 
1 71  LYS n 
1 72  LYS n 
1 73  CYS n 
1 74  ALA n 
1 75  ALA n 
1 76  ASP n 
1 77  LEU n 
1 78  GLY n 
1 79  LEU n 
1 80  LYS n 
1 81  LYS n 
1 82  GLY n 
1 83  TYR n 
1 84  ARG n 
1 85  MET n 
1 86  VAL n 
1 87  VAL n 
1 88  ASN n 
1 89  GLU n 
1 90  GLY n 
1 91  SER n 
1 92  ASP n 
1 93  GLY n 
1 94  GLY n 
1 95  GLN n 
1 96  SER n 
1 97  VAL n 
1 98  TYR n 
1 99  HIS n 
1 100 VAL n 
1 101 HIS n 
1 102 LEU n 
1 103 HIS n 
1 104 VAL n 
1 105 LEU n 
1 106 GLY n 
1 107 GLY n 
1 108 ARG n 
1 109 GLN n 
1 110 MET n 
1 111 ASN n 
1 112 TRP n 
1 113 PRO n 
1 114 PRO n 
1 115 GLY n 
# 
_entity_src_gen.entity_id                          1 
_entity_src_gen.pdbx_src_id                        1 
_entity_src_gen.pdbx_alt_source_flag               sample 
_entity_src_gen.pdbx_seq_type                      ? 
_entity_src_gen.pdbx_beg_seq_num                   ? 
_entity_src_gen.pdbx_end_seq_num                   ? 
_entity_src_gen.gene_src_common_name               rabbit 
_entity_src_gen.gene_src_genus                     Oryctolagus 
_entity_src_gen.pdbx_gene_src_gene                 HINT 
_entity_src_gen.gene_src_species                   ? 
_entity_src_gen.gene_src_strain                    ? 
_entity_src_gen.gene_src_tissue                    ? 
_entity_src_gen.gene_src_tissue_fraction           ? 
_entity_src_gen.gene_src_details                   ? 
_entity_src_gen.pdbx_gene_src_fragment             ? 
_entity_src_gen.pdbx_gene_src_scientific_name      'Oryctolagus cuniculus' 
_entity_src_gen.pdbx_gene_src_ncbi_taxonomy_id     9986 
_entity_src_gen.pdbx_gene_src_variant              ? 
_entity_src_gen.pdbx_gene_src_cell_line            ? 
_entity_src_gen.pdbx_gene_src_atcc                 ? 
_entity_src_gen.pdbx_gene_src_organ                HEART 
_entity_src_gen.pdbx_gene_src_organelle            ? 
_entity_src_gen.pdbx_gene_src_cell                 ? 
_entity_src_gen.pdbx_gene_src_cellular_location    ? 
_entity_src_gen.host_org_common_name               ? 
_entity_src_gen.pdbx_host_org_scientific_name      'Escherichia coli' 
_entity_src_gen.pdbx_host_org_ncbi_taxonomy_id     562 
_entity_src_gen.host_org_genus                     Escherichia 
_entity_src_gen.pdbx_host_org_gene                 HINT 
_entity_src_gen.pdbx_host_org_organ                ? 
_entity_src_gen.host_org_species                   ? 
_entity_src_gen.pdbx_host_org_tissue               ? 
_entity_src_gen.pdbx_host_org_tissue_fraction      ? 
_entity_src_gen.pdbx_host_org_strain               JM109/DE3/LACIQ 
_entity_src_gen.pdbx_host_org_variant              ? 
_entity_src_gen.pdbx_host_org_cell_line            ? 
_entity_src_gen.pdbx_host_org_atcc                 ? 
_entity_src_gen.pdbx_host_org_culture_collection   ? 
_entity_src_gen.pdbx_host_org_cell                 ? 
_entity_src_gen.pdbx_host_org_organelle            ? 
_entity_src_gen.pdbx_host_org_cellular_location    ? 
_entity_src_gen.pdbx_host_org_vector_type          LAC 
_entity_src_gen.pdbx_host_org_vector               PSGA02 
_entity_src_gen.host_org_details                   ? 
_entity_src_gen.expression_system_id               ? 
_entity_src_gen.plasmid_name                       PSGA02-HINT 
_entity_src_gen.plasmid_details                    ? 
_entity_src_gen.pdbx_description                   
;RABBIT HINT CDNA WAS CLONED FROM HEART LIBRARY, EXPRESSED IN ESCHERICHIA COLI, AND PURIFIED BY ADENOSINE-AGAROSE AFFINITY CHROMATOGRAPHY
;
# 
loop_
_chem_comp.id 
_chem_comp.type 
_chem_comp.mon_nstd_flag 
_chem_comp.name 
_chem_comp.pdbx_synonyms 
_chem_comp.formula 
_chem_comp.formula_weight 
ALA 'L-peptide linking'           y ALANINE              ?                                  'C3 H7 N O2'     89.093  
ARG 'L-peptide linking'           y ARGININE             ?                                  'C6 H15 N4 O2 1' 175.209 
ASN 'L-peptide linking'           y ASPARAGINE           ?                                  'C4 H8 N2 O3'    132.118 
ASP 'L-peptide linking'           y 'ASPARTIC ACID'      ?                                  'C4 H7 N O4'     133.103 
CYS 'L-peptide linking'           y CYSTEINE             ?                                  'C3 H7 N O2 S'   121.158 
GLN 'L-peptide linking'           y GLUTAMINE            ?                                  'C5 H10 N2 O3'   146.144 
GLU 'L-peptide linking'           y 'GLUTAMIC ACID'      ?                                  'C5 H9 N O4'     147.129 
GLY 'peptide linking'             y GLYCINE              ?                                  'C2 H5 N O2'     75.067  
HIS 'L-peptide linking'           y HISTIDINE            ?                                  'C6 H10 N3 O2 1' 156.162 
HOH non-polymer                   . WATER                ?                                  'H2 O'           18.015  
ILE 'L-peptide linking'           y ISOLEUCINE           ?                                  'C6 H13 N O2'    131.173 
LEU 'L-peptide linking'           y LEUCINE              ?                                  'C6 H13 N O2'    131.173 
LYS 'L-peptide linking'           y LYSINE               ?                                  'C6 H15 N2 O2 1' 147.195 
MET 'L-peptide linking'           y METHIONINE           ?                                  'C5 H11 N O2 S'  149.211 
PHE 'L-peptide linking'           y PHENYLALANINE        ?                                  'C9 H11 N O2'    165.189 
PRO 'L-peptide linking'           y PROLINE              ?                                  'C5 H9 N O2'     115.130 
RIB 'D-saccharide, alpha linking' . alpha-D-ribofuranose 'alpha-D-ribose; D-ribose; ribose' 'C5 H10 O5'      150.130 
SER 'L-peptide linking'           y SERINE               ?                                  'C3 H7 N O3'     105.093 
THR 'L-peptide linking'           y THREONINE            ?                                  'C4 H9 N O3'     119.119 
TRP 'L-peptide linking'           y TRYPTOPHAN           ?                                  'C11 H12 N2 O2'  204.225 
TYR 'L-peptide linking'           y TYROSINE             ?                                  'C9 H11 N O3'    181.189 
VAL 'L-peptide linking'           y VALINE               ?                                  'C5 H11 N O2'    117.146 
# 
loop_
_pdbx_chem_comp_identifier.comp_id 
_pdbx_chem_comp_identifier.type 
_pdbx_chem_comp_identifier.program 
_pdbx_chem_comp_identifier.program_version 
_pdbx_chem_comp_identifier.identifier 
RIB 'CONDENSED IUPAC CARBOHYDRATE SYMBOL' GMML     1.0 DRibfa           
RIB 'COMMON NAME'                         GMML     1.0 a-D-ribofuranose 
RIB 'IUPAC CARBOHYDRATE SYMBOL'           PDB-CARE 1.0 a-D-Ribf         
RIB 'SNFG CARBOHYDRATE SYMBOL'            GMML     1.0 Rib              
# 
loop_
_pdbx_poly_seq_scheme.asym_id 
_pdbx_poly_seq_scheme.entity_id 
_pdbx_poly_seq_scheme.seq_id 
_pdbx_poly_seq_scheme.mon_id 
_pdbx_poly_seq_scheme.ndb_seq_num 
_pdbx_poly_seq_scheme.pdb_seq_num 
_pdbx_poly_seq_scheme.auth_seq_num 
_pdbx_poly_seq_scheme.pdb_mon_id 
_pdbx_poly_seq_scheme.auth_mon_id 
_pdbx_poly_seq_scheme.pdb_strand_id 
_pdbx_poly_seq_scheme.pdb_ins_code 
_pdbx_poly_seq_scheme.hetero 
A 1 1   ARG 1   12  12  ARG ARG A . n 
A 1 2   PRO 2   13  13  PRO PRO A . n 
A 1 3   GLY 3   14  14  GLY GLY A . n 
A 1 4   GLY 4   15  15  GLY GLY A . n 
A 1 5   ASP 5   16  16  ASP ASP A . n 
A 1 6   THR 6   17  17  THR THR A . n 
A 1 7   ILE 7   18  18  ILE ILE A . n 
A 1 8   PHE 8   19  19  PHE PHE A . n 
A 1 9   GLY 9   20  20  GLY GLY A . n 
A 1 10  LYS 10  21  21  LYS LYS A . n 
A 1 11  ILE 11  22  22  ILE ILE A . n 
A 1 12  ILE 12  23  23  ILE ILE A . n 
A 1 13  ARG 13  24  24  ARG ARG A . n 
A 1 14  LYS 14  25  25  LYS LYS A . n 
A 1 15  GLU 15  26  26  GLU GLU A . n 
A 1 16  ILE 16  27  27  ILE ILE A . n 
A 1 17  PRO 17  28  28  PRO PRO A . n 
A 1 18  ALA 18  29  29  ALA ALA A . n 
A 1 19  LYS 19  30  30  LYS LYS A . n 
A 1 20  ILE 20  31  31  ILE ILE A . n 
A 1 21  ILE 21  32  32  ILE ILE A . n 
A 1 22  PHE 22  33  33  PHE PHE A . n 
A 1 23  GLU 23  34  34  GLU GLU A . n 
A 1 24  ASP 24  35  35  ASP ASP A . n 
A 1 25  ASP 25  36  36  ASP ASP A . n 
A 1 26  GLN 26  37  37  GLN GLN A . n 
A 1 27  CYS 27  38  38  CYS CYS A . n 
A 1 28  LEU 28  39  39  LEU LEU A . n 
A 1 29  ALA 29  40  40  ALA ALA A . n 
A 1 30  PHE 30  41  41  PHE PHE A . n 
A 1 31  HIS 31  42  42  HIS HIS A . n 
A 1 32  ASP 32  43  43  ASP ASP A . n 
A 1 33  ILE 33  44  44  ILE ILE A . n 
A 1 34  SER 34  45  45  SER SER A . n 
A 1 35  PRO 35  46  46  PRO PRO A . n 
A 1 36  GLN 36  47  47  GLN GLN A . n 
A 1 37  ALA 37  48  48  ALA ALA A . n 
A 1 38  PRO 38  49  49  PRO PRO A . n 
A 1 39  THR 39  50  50  THR THR A . n 
A 1 40  HIS 40  51  51  HIS HIS A . n 
A 1 41  PHE 41  52  52  PHE PHE A . n 
A 1 42  LEU 42  53  53  LEU LEU A . n 
A 1 43  VAL 43  54  54  VAL VAL A . n 
A 1 44  ILE 44  55  55  ILE ILE A . n 
A 1 45  PRO 45  56  56  PRO PRO A . n 
A 1 46  LYS 46  57  57  LYS LYS A . n 
A 1 47  LYS 47  58  58  LYS LYS A . n 
A 1 48  HIS 48  59  59  HIS HIS A . n 
A 1 49  ILE 49  60  60  ILE ILE A . n 
A 1 50  SER 50  61  61  SER SER A . n 
A 1 51  GLN 51  62  62  GLN GLN A . n 
A 1 52  ILE 52  63  63  ILE ILE A . n 
A 1 53  SER 53  64  64  SER SER A . n 
A 1 54  ALA 54  65  65  ALA ALA A . n 
A 1 55  ALA 55  66  66  ALA ALA A . n 
A 1 56  GLU 56  67  67  GLU GLU A . n 
A 1 57  ASP 57  68  68  ASP ASP A . n 
A 1 58  ALA 58  69  69  ALA ALA A . n 
A 1 59  ASP 59  70  70  ASP ASP A . n 
A 1 60  GLU 60  71  71  GLU GLU A . n 
A 1 61  SER 61  72  72  SER SER A . n 
A 1 62  LEU 62  73  73  LEU LEU A . n 
A 1 63  LEU 63  74  74  LEU LEU A . n 
A 1 64  GLY 64  75  75  GLY GLY A . n 
A 1 65  HIS 65  76  76  HIS HIS A . n 
A 1 66  LEU 66  77  77  LEU LEU A . n 
A 1 67  MET 67  78  78  MET MET A . n 
A 1 68  ILE 68  79  79  ILE ILE A . n 
A 1 69  VAL 69  80  80  VAL VAL A . n 
A 1 70  GLY 70  81  81  GLY GLY A . n 
A 1 71  LYS 71  82  82  LYS LYS A . n 
A 1 72  LYS 72  83  83  LYS LYS A . n 
A 1 73  CYS 73  84  84  CYS CYS A . n 
A 1 74  ALA 74  85  85  ALA ALA A . n 
A 1 75  ALA 75  86  86  ALA ALA A . n 
A 1 76  ASP 76  87  87  ASP ASP A . n 
A 1 77  LEU 77  88  88  LEU LEU A . n 
A 1 78  GLY 78  89  89  GLY GLY A . n 
A 1 79  LEU 79  90  90  LEU LEU A . n 
A 1 80  LYS 80  91  91  LYS LYS A . n 
A 1 81  LYS 81  92  92  LYS LYS A . n 
A 1 82  GLY 82  93  93  GLY GLY A . n 
A 1 83  TYR 83  94  94  TYR TYR A . n 
A 1 84  ARG 84  95  95  ARG ARG A . n 
A 1 85  MET 85  96  96  MET MET A . n 
A 1 86  VAL 86  97  97  VAL VAL A . n 
A 1 87  VAL 87  98  98  VAL VAL A . n 
A 1 88  ASN 88  99  99  ASN ASN A . n 
A 1 89  GLU 89  100 100 GLU GLU A . n 
A 1 90  GLY 90  101 101 GLY GLY A . n 
A 1 91  SER 91  102 102 SER SER A . n 
A 1 92  ASP 92  103 103 ASP ASP A . n 
A 1 93  GLY 93  104 104 GLY GLY A . n 
A 1 94  GLY 94  105 105 GLY GLY A . n 
A 1 95  GLN 95  106 106 GLN GLN A . n 
A 1 96  SER 96  107 107 SER SER A . n 
A 1 97  VAL 97  108 108 VAL VAL A . n 
A 1 98  TYR 98  109 109 TYR TYR A . n 
A 1 99  HIS 99  110 110 HIS HIS A . n 
A 1 100 VAL 100 111 111 VAL VAL A . n 
A 1 101 HIS 101 112 112 HIS HIS A . n 
A 1 102 LEU 102 113 113 LEU LEU A . n 
A 1 103 HIS 103 114 114 HIS HIS A . n 
A 1 104 VAL 104 115 115 VAL VAL A . n 
A 1 105 LEU 105 116 116 LEU LEU A . n 
A 1 106 GLY 106 117 117 GLY GLY A . n 
A 1 107 GLY 107 118 118 GLY GLY A . n 
A 1 108 ARG 108 119 119 ARG ARG A . n 
A 1 109 GLN 109 120 120 GLN GLN A . n 
A 1 110 MET 110 121 121 MET MET A . n 
A 1 111 ASN 111 122 122 ASN ASN A . n 
A 1 112 TRP 112 123 123 TRP TRP A . n 
A 1 113 PRO 113 124 124 PRO PRO A . n 
A 1 114 PRO 114 125 125 PRO PRO A . n 
A 1 115 GLY 115 126 126 GLY GLY A . n 
# 
loop_
_pdbx_nonpoly_scheme.asym_id 
_pdbx_nonpoly_scheme.entity_id 
_pdbx_nonpoly_scheme.mon_id 
_pdbx_nonpoly_scheme.ndb_seq_num 
_pdbx_nonpoly_scheme.pdb_seq_num 
_pdbx_nonpoly_scheme.auth_seq_num 
_pdbx_nonpoly_scheme.pdb_mon_id 
_pdbx_nonpoly_scheme.auth_mon_id 
_pdbx_nonpoly_scheme.pdb_strand_id 
_pdbx_nonpoly_scheme.pdb_ins_code 
B 2 RIB 1  201 201 RIB RIB A . 
C 3 HOH 1  211 211 HOH HOH A . 
C 3 HOH 2  212 212 HOH HOH A . 
C 3 HOH 3  213 213 HOH HOH A . 
C 3 HOH 4  214 214 HOH HOH A . 
C 3 HOH 5  215 215 HOH HOH A . 
C 3 HOH 6  216 216 HOH HOH A . 
C 3 HOH 7  217 217 HOH HOH A . 
C 3 HOH 8  218 218 HOH HOH A . 
C 3 HOH 9  219 219 HOH HOH A . 
C 3 HOH 10 220 220 HOH HOH A . 
C 3 HOH 11 221 221 HOH HOH A . 
C 3 HOH 12 222 222 HOH HOH A . 
C 3 HOH 13 223 223 HOH HOH A . 
C 3 HOH 14 224 224 HOH HOH A . 
C 3 HOH 15 225 225 HOH HOH A . 
C 3 HOH 16 226 226 HOH HOH A . 
C 3 HOH 17 227 227 HOH HOH A . 
C 3 HOH 18 228 228 HOH HOH A . 
C 3 HOH 19 229 229 HOH HOH A . 
C 3 HOH 20 230 230 HOH HOH A . 
C 3 HOH 21 231 231 HOH HOH A . 
C 3 HOH 22 232 232 HOH HOH A . 
C 3 HOH 23 233 233 HOH HOH A . 
C 3 HOH 24 234 234 HOH HOH A . 
C 3 HOH 25 235 235 HOH HOH A . 
C 3 HOH 26 236 236 HOH HOH A . 
C 3 HOH 27 237 237 HOH HOH A . 
C 3 HOH 28 238 238 HOH HOH A . 
C 3 HOH 29 239 239 HOH HOH A . 
C 3 HOH 30 240 240 HOH HOH A . 
C 3 HOH 31 241 241 HOH HOH A . 
C 3 HOH 32 242 242 HOH HOH A . 
C 3 HOH 33 243 243 HOH HOH A . 
C 3 HOH 34 244 244 HOH HOH A . 
C 3 HOH 35 245 245 HOH HOH A . 
C 3 HOH 36 246 246 HOH HOH A . 
C 3 HOH 37 247 247 HOH HOH A . 
C 3 HOH 38 248 248 HOH HOH A . 
C 3 HOH 39 249 249 HOH HOH A . 
C 3 HOH 40 250 250 HOH HOH A . 
C 3 HOH 41 251 251 HOH HOH A . 
C 3 HOH 42 252 252 HOH HOH A . 
C 3 HOH 43 253 253 HOH HOH A . 
C 3 HOH 44 254 254 HOH HOH A . 
C 3 HOH 45 255 255 HOH HOH A . 
C 3 HOH 46 256 256 HOH HOH A . 
C 3 HOH 47 257 257 HOH HOH A . 
C 3 HOH 48 258 258 HOH HOH A . 
C 3 HOH 49 259 259 HOH HOH A . 
C 3 HOH 50 260 260 HOH HOH A . 
C 3 HOH 51 261 261 HOH HOH A . 
C 3 HOH 52 262 262 HOH HOH A . 
C 3 HOH 53 263 263 HOH HOH A . 
C 3 HOH 54 264 264 HOH HOH A . 
C 3 HOH 55 265 265 HOH HOH A . 
C 3 HOH 56 266 266 HOH HOH A . 
C 3 HOH 57 267 267 HOH HOH A . 
C 3 HOH 58 268 268 HOH HOH A . 
C 3 HOH 59 269 269 HOH HOH A . 
C 3 HOH 60 270 270 HOH HOH A . 
C 3 HOH 61 271 271 HOH HOH A . 
C 3 HOH 62 272 272 HOH HOH A . 
C 3 HOH 63 273 273 HOH HOH A . 
C 3 HOH 64 274 274 HOH HOH A . 
C 3 HOH 65 275 275 HOH HOH A . 
C 3 HOH 66 276 276 HOH HOH A . 
C 3 HOH 67 277 277 HOH HOH A . 
C 3 HOH 68 278 278 HOH HOH A . 
C 3 HOH 69 279 279 HOH HOH A . 
C 3 HOH 70 280 280 HOH HOH A . 
# 
loop_
_pdbx_unobs_or_zero_occ_atoms.id 
_pdbx_unobs_or_zero_occ_atoms.PDB_model_num 
_pdbx_unobs_or_zero_occ_atoms.polymer_flag 
_pdbx_unobs_or_zero_occ_atoms.occupancy_flag 
_pdbx_unobs_or_zero_occ_atoms.auth_asym_id 
_pdbx_unobs_or_zero_occ_atoms.auth_comp_id 
_pdbx_unobs_or_zero_occ_atoms.auth_seq_id 
_pdbx_unobs_or_zero_occ_atoms.PDB_ins_code 
_pdbx_unobs_or_zero_occ_atoms.auth_atom_id 
_pdbx_unobs_or_zero_occ_atoms.label_alt_id 
_pdbx_unobs_or_zero_occ_atoms.label_asym_id 
_pdbx_unobs_or_zero_occ_atoms.label_comp_id 
_pdbx_unobs_or_zero_occ_atoms.label_seq_id 
_pdbx_unobs_or_zero_occ_atoms.label_atom_id 
1 1 Y 1 A ARG 12 ? CG  ? A ARG 1 CG  
2 1 Y 1 A ARG 12 ? CD  ? A ARG 1 CD  
3 1 Y 1 A ARG 12 ? NE  ? A ARG 1 NE  
4 1 Y 1 A ARG 12 ? CZ  ? A ARG 1 CZ  
5 1 Y 1 A ARG 12 ? NH1 ? A ARG 1 NH1 
6 1 Y 1 A ARG 12 ? NH2 ? A ARG 1 NH2 
# 
loop_
_software.name 
_software.classification 
_software.version 
_software.citation_id 
_software.pdbx_ordinal 
PROTSYS 'model building' . ? 1 
X-PLOR  'model building' . ? 2 
X-PLOR  refinement       . ? 3 
XDS     'data reduction' . ? 4 
XDS     'data scaling'   . ? 5 
PROTSYS phasing          . ? 6 
X-PLOR  phasing          . ? 7 
# 
_cell.entry_id           4RHN 
_cell.length_a           50.850 
_cell.length_b           50.850 
_cell.length_c           81.830 
_cell.angle_alpha        90.00 
_cell.angle_beta         90.00 
_cell.angle_gamma        120.00 
_cell.Z_PDB              6 
_cell.pdbx_unique_axis   ? 
# 
_symmetry.entry_id                         4RHN 
_symmetry.space_group_name_H-M             'P 31 2 1' 
_symmetry.pdbx_full_space_group_name_H-M   ? 
_symmetry.cell_setting                     ? 
_symmetry.Int_Tables_number                152 
# 
_exptl.entry_id          4RHN 
_exptl.method            'X-RAY DIFFRACTION' 
_exptl.crystals_number   1 
# 
_exptl_crystal.id                    1 
_exptl_crystal.density_meas          ? 
_exptl_crystal.density_Matthews      2.23 
_exptl_crystal.density_percent_sol   45. 
_exptl_crystal.description           ? 
# 
_exptl_crystal_grow.crystal_id      1 
_exptl_crystal_grow.method          ? 
_exptl_crystal_grow.temp            ? 
_exptl_crystal_grow.temp_details    ? 
_exptl_crystal_grow.pH              6.5 
_exptl_crystal_grow.pdbx_pH_range   ? 
_exptl_crystal_grow.pdbx_details    '30% POLYETHYLENE GLYCOL 8000, 0.1 M SODIUM ACETATE,N0.1 M SODIUM CACODYLATE, PH 6.5' 
# 
_diffrn.id                     1 
_diffrn.ambient_temp           277 
_diffrn.ambient_temp_details   ? 
_diffrn.crystal_id             1 
# 
_diffrn_detector.diffrn_id              1 
_diffrn_detector.detector               'IMAGE PLATE' 
_diffrn_detector.type                   'RIGAKU RAXIS II' 
_diffrn_detector.pdbx_collection_date   1994-09 
_diffrn_detector.details                COLLIMATOR 
# 
_diffrn_radiation.diffrn_id                        1 
_diffrn_radiation.wavelength_id                    1 
_diffrn_radiation.pdbx_monochromatic_or_laue_m_l   M 
_diffrn_radiation.monochromator                    'NI FILTER' 
_diffrn_radiation.pdbx_diffrn_protocol             ? 
_diffrn_radiation.pdbx_scattering_type             x-ray 
# 
_diffrn_radiation_wavelength.id           1 
_diffrn_radiation_wavelength.wavelength   1.5418 
_diffrn_radiation_wavelength.wt           1.0 
# 
_diffrn_source.diffrn_id                   1 
_diffrn_source.source                      'ROTATING ANODE' 
_diffrn_source.type                        'RIGAKU RUH2R' 
_diffrn_source.pdbx_synchrotron_site       ? 
_diffrn_source.pdbx_synchrotron_beamline   ? 
_diffrn_source.pdbx_wavelength             1.5418 
_diffrn_source.pdbx_wavelength_list        ? 
# 
_reflns.entry_id                     4RHN 
_reflns.observed_criterion_sigma_I   0. 
_reflns.observed_criterion_sigma_F   ? 
_reflns.d_resolution_low             25.82 
_reflns.d_resolution_high            1.90 
_reflns.number_obs                   9074 
_reflns.number_all                   ? 
_reflns.percent_possible_obs         84. 
_reflns.pdbx_Rmerge_I_obs            ? 
_reflns.pdbx_Rsym_value              0.0300000 
_reflns.pdbx_netI_over_sigmaI        10. 
_reflns.B_iso_Wilson_estimate        ? 
_reflns.pdbx_redundancy              5.6 
_reflns.pdbx_ordinal                 1 
_reflns.pdbx_diffrn_id               1 
# 
_refine.entry_id                                 4RHN 
_refine.ls_number_reflns_obs                     9007 
_refine.ls_number_reflns_all                     ? 
_refine.pdbx_ls_sigma_I                          ? 
_refine.pdbx_ls_sigma_F                          0. 
_refine.pdbx_data_cutoff_high_absF               ? 
_refine.pdbx_data_cutoff_low_absF                ? 
_refine.pdbx_data_cutoff_high_rms_absF           ? 
_refine.ls_d_res_low                             10.00 
_refine.ls_d_res_high                            1.90 
_refine.ls_percent_reflns_obs                    99. 
_refine.ls_R_factor_obs                          0.2000000 
_refine.ls_R_factor_all                          ? 
_refine.ls_R_factor_R_work                       0.2000000 
_refine.ls_R_factor_R_free                       0.2640000 
_refine.ls_R_factor_R_free_error                 0.010 
_refine.ls_R_factor_R_free_error_details         ? 
_refine.ls_percent_reflns_R_free                 8. 
_refine.ls_number_reflns_R_free                  751 
_refine.ls_number_parameters                     ? 
_refine.ls_number_restraints                     ? 
_refine.occupancy_min                            ? 
_refine.occupancy_max                            ? 
_refine.B_iso_mean                               ? 
_refine.aniso_B[1][1]                            ? 
_refine.aniso_B[2][2]                            ? 
_refine.aniso_B[3][3]                            ? 
_refine.aniso_B[1][2]                            ? 
_refine.aniso_B[1][3]                            ? 
_refine.aniso_B[2][3]                            ? 
_refine.solvent_model_details                    ? 
_refine.solvent_model_param_ksol                 ? 
_refine.solvent_model_param_bsol                 ? 
_refine.pdbx_ls_cross_valid_method               ? 
_refine.details                                  ? 
_refine.pdbx_starting_model                      ? 
_refine.pdbx_method_to_determine_struct          MIR 
_refine.pdbx_isotropic_thermal_model             ? 
_refine.pdbx_stereochemistry_target_values       ? 
_refine.pdbx_stereochem_target_val_spec_case     ? 
_refine.pdbx_R_Free_selection_details            RANDOM 
_refine.pdbx_overall_ESU_R                       ? 
_refine.pdbx_overall_ESU_R_Free                  ? 
_refine.overall_SU_ML                            ? 
_refine.overall_SU_B                             ? 
_refine.pdbx_refine_id                           'X-RAY DIFFRACTION' 
_refine.pdbx_diffrn_id                           1 
_refine.pdbx_TLS_residual_ADP_flag               ? 
_refine.correlation_coeff_Fo_to_Fc               ? 
_refine.correlation_coeff_Fo_to_Fc_free          ? 
_refine.pdbx_solvent_vdw_probe_radii             ? 
_refine.pdbx_solvent_ion_probe_radii             ? 
_refine.pdbx_solvent_shrinkage_radii             ? 
_refine.pdbx_overall_phase_error                 ? 
_refine.overall_SU_R_Cruickshank_DPI             ? 
_refine.pdbx_overall_SU_R_free_Cruickshank_DPI   ? 
_refine.pdbx_overall_SU_R_Blow_DPI               ? 
_refine.pdbx_overall_SU_R_free_Blow_DPI          ? 
# 
_refine_hist.pdbx_refine_id                   'X-RAY DIFFRACTION' 
_refine_hist.cycle_id                         LAST 
_refine_hist.pdbx_number_atoms_protein        878 
_refine_hist.pdbx_number_atoms_nucleic_acid   0 
_refine_hist.pdbx_number_atoms_ligand         10 
_refine_hist.number_atoms_solvent             70 
_refine_hist.number_atoms_total               958 
_refine_hist.d_res_high                       1.90 
_refine_hist.d_res_low                        10.00 
# 
loop_
_refine_ls_restr.type 
_refine_ls_restr.dev_ideal 
_refine_ls_restr.dev_ideal_target 
_refine_ls_restr.weight 
_refine_ls_restr.number 
_refine_ls_restr.pdbx_refine_id 
_refine_ls_restr.pdbx_restraint_function 
x_bond_d                0.010 ? ? ? 'X-RAY DIFFRACTION' ? 
x_bond_d_na             ?     ? ? ? 'X-RAY DIFFRACTION' ? 
x_bond_d_prot           ?     ? ? ? 'X-RAY DIFFRACTION' ? 
x_angle_d               ?     ? ? ? 'X-RAY DIFFRACTION' ? 
x_angle_d_na            ?     ? ? ? 'X-RAY DIFFRACTION' ? 
x_angle_d_prot          ?     ? ? ? 'X-RAY DIFFRACTION' ? 
x_angle_deg             1.74  ? ? ? 'X-RAY DIFFRACTION' ? 
x_angle_deg_na          ?     ? ? ? 'X-RAY DIFFRACTION' ? 
x_angle_deg_prot        ?     ? ? ? 'X-RAY DIFFRACTION' ? 
x_dihedral_angle_d      25.2  ? ? ? 'X-RAY DIFFRACTION' ? 
x_dihedral_angle_d_na   ?     ? ? ? 'X-RAY DIFFRACTION' ? 
x_dihedral_angle_d_prot ?     ? ? ? 'X-RAY DIFFRACTION' ? 
x_improper_angle_d      1.43  ? ? ? 'X-RAY DIFFRACTION' ? 
x_improper_angle_d_na   ?     ? ? ? 'X-RAY DIFFRACTION' ? 
x_improper_angle_d_prot ?     ? ? ? 'X-RAY DIFFRACTION' ? 
x_mcbond_it             ?     ? ? ? 'X-RAY DIFFRACTION' ? 
x_mcangle_it            ?     ? ? ? 'X-RAY DIFFRACTION' ? 
x_scbond_it             ?     ? ? ? 'X-RAY DIFFRACTION' ? 
x_scangle_it            ?     ? ? ? 'X-RAY DIFFRACTION' ? 
# 
_refine_ls_shell.pdbx_total_number_of_bins_used   8 
_refine_ls_shell.d_res_high                       1.90 
_refine_ls_shell.d_res_low                        1.99 
_refine_ls_shell.number_reflns_R_work             899 
_refine_ls_shell.R_factor_R_work                  0.3820000 
_refine_ls_shell.percent_reflns_obs               ? 
_refine_ls_shell.R_factor_R_free                  0.4380000 
_refine_ls_shell.R_factor_R_free_error            0.045 
_refine_ls_shell.percent_reflns_R_free            11.2 
_refine_ls_shell.number_reflns_R_free             95 
_refine_ls_shell.pdbx_refine_id                   'X-RAY DIFFRACTION' 
_refine_ls_shell.number_reflns_all                ? 
_refine_ls_shell.R_factor_all                     ? 
# 
loop_
_pdbx_xplor_file.serial_no 
_pdbx_xplor_file.param_file 
_pdbx_xplor_file.topol_file 
_pdbx_xplor_file.pdbx_refine_id 
1 PARHCSDX.PRO TOPHCSDX.PRO 'X-RAY DIFFRACTION' 
2 RIB.PAR      WATER.TOPH   'X-RAY DIFFRACTION' 
3 WATER.PARAM  RIB.TOP      'X-RAY DIFFRACTION' 
# 
_struct.entry_id                  4RHN 
_struct.title                     'HISTIDINE TRIAD NUCLEOTIDE-BINDING PROTEIN (HINT) FROM RABBIT COMPLEXED WITH ADENOSINE' 
_struct.pdbx_model_details        ? 
_struct.pdbx_CASP_flag            ? 
_struct.pdbx_model_type_details   ? 
# 
_struct_keywords.entry_id        4RHN 
_struct_keywords.pdbx_keywords   'NUCLEOTIDE-BINDING PROTEIN' 
_struct_keywords.text            'NUCLEOTIDE-BINDING PROTEIN' 
# 
loop_
_struct_asym.id 
_struct_asym.pdbx_blank_PDB_chainid_flag 
_struct_asym.pdbx_modified 
_struct_asym.entity_id 
_struct_asym.details 
A N N 1 ? 
B N N 2 ? 
C N N 3 ? 
# 
_struct_ref.id                         1 
_struct_ref.db_name                    UNP 
_struct_ref.db_code                    HINT1_RABIT 
_struct_ref.entity_id                  1 
_struct_ref.pdbx_db_accession          P80912 
_struct_ref.pdbx_align_begin           1 
_struct_ref.pdbx_seq_one_letter_code   
;ADEIAKAQVARPGGDTIFGKIIRKEIPAKIIFEDDQCLAFHDISPQAPTHFLVIPKKHISQISAAEDADESLLGHLMIVG
KKCAADLGLKKGYRMVVNEGSDGGQSVYHVHLHVLGGRQMNWPPG
;
_struct_ref.pdbx_db_isoform            ? 
# 
_struct_ref_seq.align_id                      1 
_struct_ref_seq.ref_id                        1 
_struct_ref_seq.pdbx_PDB_id_code              4RHN 
_struct_ref_seq.pdbx_strand_id                A 
_struct_ref_seq.seq_align_beg                 1 
_struct_ref_seq.pdbx_seq_align_beg_ins_code   ? 
_struct_ref_seq.seq_align_end                 115 
_struct_ref_seq.pdbx_seq_align_end_ins_code   ? 
_struct_ref_seq.pdbx_db_accession             P80912 
_struct_ref_seq.db_align_beg                  11 
_struct_ref_seq.pdbx_db_align_beg_ins_code    ? 
_struct_ref_seq.db_align_end                  125 
_struct_ref_seq.pdbx_db_align_end_ins_code    ? 
_struct_ref_seq.pdbx_auth_seq_align_beg       12 
_struct_ref_seq.pdbx_auth_seq_align_end       126 
# 
_pdbx_struct_assembly.id                   1 
_pdbx_struct_assembly.details              author_and_software_defined_assembly 
_pdbx_struct_assembly.method_details       PISA,PQS 
_pdbx_struct_assembly.oligomeric_details   dimeric 
_pdbx_struct_assembly.oligomeric_count     2 
# 
loop_
_pdbx_struct_assembly_prop.biol_id 
_pdbx_struct_assembly_prop.type 
_pdbx_struct_assembly_prop.value 
_pdbx_struct_assembly_prop.details 
1 'ABSA (A^2)' 4560 ? 
1 MORE         -22  ? 
1 'SSA (A^2)'  9650 ? 
# 
_pdbx_struct_assembly_gen.assembly_id       1 
_pdbx_struct_assembly_gen.oper_expression   1,2 
_pdbx_struct_assembly_gen.asym_id_list      A,B,C 
# 
loop_
_pdbx_struct_oper_list.id 
_pdbx_struct_oper_list.type 
_pdbx_struct_oper_list.name 
_pdbx_struct_oper_list.symmetry_operation 
_pdbx_struct_oper_list.matrix[1][1] 
_pdbx_struct_oper_list.matrix[1][2] 
_pdbx_struct_oper_list.matrix[1][3] 
_pdbx_struct_oper_list.vector[1] 
_pdbx_struct_oper_list.matrix[2][1] 
_pdbx_struct_oper_list.matrix[2][2] 
_pdbx_struct_oper_list.matrix[2][3] 
_pdbx_struct_oper_list.vector[2] 
_pdbx_struct_oper_list.matrix[3][1] 
_pdbx_struct_oper_list.matrix[3][2] 
_pdbx_struct_oper_list.matrix[3][3] 
_pdbx_struct_oper_list.vector[3] 
1 'identity operation'         1_555 x,y,z              1.0000000000  0.0000000000  0.0000000000  0.0000000000   0.0000000000  1.0000000000  0.0000000000 0.0000000000 0.0000000000  0.0000000000 1.0000000000 0.0000000000   
2 'crystal symmetry operation' 6_765 -x+2,-x+y+1,-z+1/3 -0.6660750897 -0.3570334103 -0.6548825229 -14.5138857008 -0.3570334103 -0.6182589195 0.7002021511 5.7234496415 -0.6548825229 0.7002021511 0.2843340092 -10.5209873272 
# 
_struct_biol.id   1 
# 
loop_
_struct_conf.conf_type_id 
_struct_conf.id 
_struct_conf.pdbx_PDB_helix_id 
_struct_conf.beg_label_comp_id 
_struct_conf.beg_label_asym_id 
_struct_conf.beg_label_seq_id 
_struct_conf.pdbx_beg_PDB_ins_code 
_struct_conf.end_label_comp_id 
_struct_conf.end_label_asym_id 
_struct_conf.end_label_seq_id 
_struct_conf.pdbx_end_PDB_ins_code 
_struct_conf.beg_auth_comp_id 
_struct_conf.beg_auth_asym_id 
_struct_conf.beg_auth_seq_id 
_struct_conf.end_auth_comp_id 
_struct_conf.end_auth_asym_id 
_struct_conf.end_auth_seq_id 
_struct_conf.pdbx_PDB_helix_class 
_struct_conf.details 
_struct_conf.pdbx_PDB_helix_length 
HELX_P HELX_P1 A1 THR A 6  ? LYS A 14 ? THR A 17 LYS A 25 1 ? 9  
HELX_P HELX_P2 A2 ASP A 57 ? GLY A 78 ? ASP A 68 GLY A 89 1 ? 22 
# 
_struct_conf_type.id          HELX_P 
_struct_conf_type.criteria    ? 
_struct_conf_type.reference   ? 
# 
loop_
_struct_mon_prot_cis.pdbx_id 
_struct_mon_prot_cis.label_comp_id 
_struct_mon_prot_cis.label_seq_id 
_struct_mon_prot_cis.label_asym_id 
_struct_mon_prot_cis.label_alt_id 
_struct_mon_prot_cis.pdbx_PDB_ins_code 
_struct_mon_prot_cis.auth_comp_id 
_struct_mon_prot_cis.auth_seq_id 
_struct_mon_prot_cis.auth_asym_id 
_struct_mon_prot_cis.pdbx_label_comp_id_2 
_struct_mon_prot_cis.pdbx_label_seq_id_2 
_struct_mon_prot_cis.pdbx_label_asym_id_2 
_struct_mon_prot_cis.pdbx_PDB_ins_code_2 
_struct_mon_prot_cis.pdbx_auth_comp_id_2 
_struct_mon_prot_cis.pdbx_auth_seq_id_2 
_struct_mon_prot_cis.pdbx_auth_asym_id_2 
_struct_mon_prot_cis.pdbx_PDB_model_num 
_struct_mon_prot_cis.pdbx_omega_angle 
1 ARG 1   A . ? ARG 12  A PRO 2   A ? PRO 13  A 1 0.35 
2 TRP 112 A . ? TRP 123 A PRO 113 A ? PRO 124 A 1 0.83 
# 
_struct_sheet.id               B 
_struct_sheet.type             ? 
_struct_sheet.number_strands   5 
_struct_sheet.details          ? 
# 
loop_
_struct_sheet_order.sheet_id 
_struct_sheet_order.range_id_1 
_struct_sheet_order.range_id_2 
_struct_sheet_order.offset 
_struct_sheet_order.sense 
B 1 2 ? anti-parallel 
B 2 3 ? anti-parallel 
B 3 4 ? anti-parallel 
B 4 5 ? anti-parallel 
# 
loop_
_struct_sheet_range.sheet_id 
_struct_sheet_range.id 
_struct_sheet_range.beg_label_comp_id 
_struct_sheet_range.beg_label_asym_id 
_struct_sheet_range.beg_label_seq_id 
_struct_sheet_range.pdbx_beg_PDB_ins_code 
_struct_sheet_range.end_label_comp_id 
_struct_sheet_range.end_label_asym_id 
_struct_sheet_range.end_label_seq_id 
_struct_sheet_range.pdbx_end_PDB_ins_code 
_struct_sheet_range.beg_auth_comp_id 
_struct_sheet_range.beg_auth_asym_id 
_struct_sheet_range.beg_auth_seq_id 
_struct_sheet_range.end_auth_comp_id 
_struct_sheet_range.end_auth_asym_id 
_struct_sheet_range.end_auth_seq_id 
B 1 TYR A 83  ? VAL A 86  ? TYR A 94  VAL A 97  
B 2 HIS A 101 ? GLY A 106 ? HIS A 112 GLY A 117 
B 3 THR A 39  ? PRO A 45  ? THR A 50  PRO A 56  
B 4 CYS A 27  ? HIS A 31  ? CYS A 38  HIS A 42  
B 5 ILE A 20  ? GLU A 23  ? ILE A 31  GLU A 34  
# 
loop_
_pdbx_struct_sheet_hbond.sheet_id 
_pdbx_struct_sheet_hbond.range_id_1 
_pdbx_struct_sheet_hbond.range_id_2 
_pdbx_struct_sheet_hbond.range_1_label_atom_id 
_pdbx_struct_sheet_hbond.range_1_label_comp_id 
_pdbx_struct_sheet_hbond.range_1_label_asym_id 
_pdbx_struct_sheet_hbond.range_1_label_seq_id 
_pdbx_struct_sheet_hbond.range_1_PDB_ins_code 
_pdbx_struct_sheet_hbond.range_1_auth_atom_id 
_pdbx_struct_sheet_hbond.range_1_auth_comp_id 
_pdbx_struct_sheet_hbond.range_1_auth_asym_id 
_pdbx_struct_sheet_hbond.range_1_auth_seq_id 
_pdbx_struct_sheet_hbond.range_2_label_atom_id 
_pdbx_struct_sheet_hbond.range_2_label_comp_id 
_pdbx_struct_sheet_hbond.range_2_label_asym_id 
_pdbx_struct_sheet_hbond.range_2_label_seq_id 
_pdbx_struct_sheet_hbond.range_2_PDB_ins_code 
_pdbx_struct_sheet_hbond.range_2_auth_atom_id 
_pdbx_struct_sheet_hbond.range_2_auth_comp_id 
_pdbx_struct_sheet_hbond.range_2_auth_asym_id 
_pdbx_struct_sheet_hbond.range_2_auth_seq_id 
B 1 2 O ARG A 84  ? O ARG A 95  N LEU A 105 ? N LEU A 116 
B 2 3 O LEU A 102 ? O LEU A 113 N VAL A 43  ? N VAL A 54  
B 3 4 O LEU A 42  ? O LEU A 53  N PHE A 30  ? N PHE A 41  
B 4 5 O ALA A 29  ? O ALA A 40  N PHE A 22  ? N PHE A 33  
# 
_struct_site.id                   HIT 
_struct_site.pdbx_evidence_code   Unknown 
_struct_site.pdbx_auth_asym_id    ? 
_struct_site.pdbx_auth_comp_id    ? 
_struct_site.pdbx_auth_seq_id     ? 
_struct_site.pdbx_auth_ins_code   ? 
_struct_site.pdbx_num_residues    3 
_struct_site.details              
'THE HISTIDINE TRIAD FORMS PART OF THE ALPHA PHOSPHATE-BINDING LOOP IN THE HIT PROTEIN SUPERFAMILY OF NUCLEOTIDE-BINDING PROTEINS.' 
# 
loop_
_struct_site_gen.id 
_struct_site_gen.site_id 
_struct_site_gen.pdbx_num_res 
_struct_site_gen.label_comp_id 
_struct_site_gen.label_asym_id 
_struct_site_gen.label_seq_id 
_struct_site_gen.pdbx_auth_ins_code 
_struct_site_gen.auth_comp_id 
_struct_site_gen.auth_asym_id 
_struct_site_gen.auth_seq_id 
_struct_site_gen.label_atom_id 
_struct_site_gen.label_alt_id 
_struct_site_gen.symmetry 
_struct_site_gen.details 
1 HIT 3 HIS A 99  ? HIS A 110 . ? 1_555 ? 
2 HIT 3 HIS A 101 ? HIS A 112 . ? 1_555 ? 
3 HIT 3 HIS A 103 ? HIS A 114 . ? 1_555 ? 
# 
_pdbx_validate_close_contact.id               1 
_pdbx_validate_close_contact.PDB_model_num    1 
_pdbx_validate_close_contact.auth_atom_id_1   O 
_pdbx_validate_close_contact.auth_asym_id_1   A 
_pdbx_validate_close_contact.auth_comp_id_1   HOH 
_pdbx_validate_close_contact.auth_seq_id_1    212 
_pdbx_validate_close_contact.PDB_ins_code_1   ? 
_pdbx_validate_close_contact.label_alt_id_1   ? 
_pdbx_validate_close_contact.auth_atom_id_2   O 
_pdbx_validate_close_contact.auth_asym_id_2   A 
_pdbx_validate_close_contact.auth_comp_id_2   HOH 
_pdbx_validate_close_contact.auth_seq_id_2    236 
_pdbx_validate_close_contact.PDB_ins_code_2   ? 
_pdbx_validate_close_contact.label_alt_id_2   ? 
_pdbx_validate_close_contact.dist             1.93 
# 
_pdbx_validate_chiral.id              1 
_pdbx_validate_chiral.PDB_model_num   1 
_pdbx_validate_chiral.auth_atom_id    C1 
_pdbx_validate_chiral.label_alt_id    ? 
_pdbx_validate_chiral.auth_asym_id    A 
_pdbx_validate_chiral.auth_comp_id    RIB 
_pdbx_validate_chiral.auth_seq_id     201 
_pdbx_validate_chiral.PDB_ins_code    ? 
_pdbx_validate_chiral.details         'WRONG HAND' 
_pdbx_validate_chiral.omega           . 
# 
loop_
_chem_comp_atom.comp_id 
_chem_comp_atom.atom_id 
_chem_comp_atom.type_symbol 
_chem_comp_atom.pdbx_aromatic_flag 
_chem_comp_atom.pdbx_stereo_config 
_chem_comp_atom.pdbx_ordinal 
ALA N    N N N 1   
ALA CA   C N S 2   
ALA C    C N N 3   
ALA O    O N N 4   
ALA CB   C N N 5   
ALA OXT  O N N 6   
ALA H    H N N 7   
ALA H2   H N N 8   
ALA HA   H N N 9   
ALA HB1  H N N 10  
ALA HB2  H N N 11  
ALA HB3  H N N 12  
ALA HXT  H N N 13  
ARG N    N N N 14  
ARG CA   C N S 15  
ARG C    C N N 16  
ARG O    O N N 17  
ARG CB   C N N 18  
ARG CG   C N N 19  
ARG CD   C N N 20  
ARG NE   N N N 21  
ARG CZ   C N N 22  
ARG NH1  N N N 23  
ARG NH2  N N N 24  
ARG OXT  O N N 25  
ARG H    H N N 26  
ARG H2   H N N 27  
ARG HA   H N N 28  
ARG HB2  H N N 29  
ARG HB3  H N N 30  
ARG HG2  H N N 31  
ARG HG3  H N N 32  
ARG HD2  H N N 33  
ARG HD3  H N N 34  
ARG HE   H N N 35  
ARG HH11 H N N 36  
ARG HH12 H N N 37  
ARG HH21 H N N 38  
ARG HH22 H N N 39  
ARG HXT  H N N 40  
ASN N    N N N 41  
ASN CA   C N S 42  
ASN C    C N N 43  
ASN O    O N N 44  
ASN CB   C N N 45  
ASN CG   C N N 46  
ASN OD1  O N N 47  
ASN ND2  N N N 48  
ASN OXT  O N N 49  
ASN H    H N N 50  
ASN H2   H N N 51  
ASN HA   H N N 52  
ASN HB2  H N N 53  
ASN HB3  H N N 54  
ASN HD21 H N N 55  
ASN HD22 H N N 56  
ASN HXT  H N N 57  
ASP N    N N N 58  
ASP CA   C N S 59  
ASP C    C N N 60  
ASP O    O N N 61  
ASP CB   C N N 62  
ASP CG   C N N 63  
ASP OD1  O N N 64  
ASP OD2  O N N 65  
ASP OXT  O N N 66  
ASP H    H N N 67  
ASP H2   H N N 68  
ASP HA   H N N 69  
ASP HB2  H N N 70  
ASP HB3  H N N 71  
ASP HD2  H N N 72  
ASP HXT  H N N 73  
CYS N    N N N 74  
CYS CA   C N R 75  
CYS C    C N N 76  
CYS O    O N N 77  
CYS CB   C N N 78  
CYS SG   S N N 79  
CYS OXT  O N N 80  
CYS H    H N N 81  
CYS H2   H N N 82  
CYS HA   H N N 83  
CYS HB2  H N N 84  
CYS HB3  H N N 85  
CYS HG   H N N 86  
CYS HXT  H N N 87  
GLN N    N N N 88  
GLN CA   C N S 89  
GLN C    C N N 90  
GLN O    O N N 91  
GLN CB   C N N 92  
GLN CG   C N N 93  
GLN CD   C N N 94  
GLN OE1  O N N 95  
GLN NE2  N N N 96  
GLN OXT  O N N 97  
GLN H    H N N 98  
GLN H2   H N N 99  
GLN HA   H N N 100 
GLN HB2  H N N 101 
GLN HB3  H N N 102 
GLN HG2  H N N 103 
GLN HG3  H N N 104 
GLN HE21 H N N 105 
GLN HE22 H N N 106 
GLN HXT  H N N 107 
GLU N    N N N 108 
GLU CA   C N S 109 
GLU C    C N N 110 
GLU O    O N N 111 
GLU CB   C N N 112 
GLU CG   C N N 113 
GLU CD   C N N 114 
GLU OE1  O N N 115 
GLU OE2  O N N 116 
GLU OXT  O N N 117 
GLU H    H N N 118 
GLU H2   H N N 119 
GLU HA   H N N 120 
GLU HB2  H N N 121 
GLU HB3  H N N 122 
GLU HG2  H N N 123 
GLU HG3  H N N 124 
GLU HE2  H N N 125 
GLU HXT  H N N 126 
GLY N    N N N 127 
GLY CA   C N N 128 
GLY C    C N N 129 
GLY O    O N N 130 
GLY OXT  O N N 131 
GLY H    H N N 132 
GLY H2   H N N 133 
GLY HA2  H N N 134 
GLY HA3  H N N 135 
GLY HXT  H N N 136 
HIS N    N N N 137 
HIS CA   C N S 138 
HIS C    C N N 139 
HIS O    O N N 140 
HIS CB   C N N 141 
HIS CG   C Y N 142 
HIS ND1  N Y N 143 
HIS CD2  C Y N 144 
HIS CE1  C Y N 145 
HIS NE2  N Y N 146 
HIS OXT  O N N 147 
HIS H    H N N 148 
HIS H2   H N N 149 
HIS HA   H N N 150 
HIS HB2  H N N 151 
HIS HB3  H N N 152 
HIS HD1  H N N 153 
HIS HD2  H N N 154 
HIS HE1  H N N 155 
HIS HE2  H N N 156 
HIS HXT  H N N 157 
HOH O    O N N 158 
HOH H1   H N N 159 
HOH H2   H N N 160 
ILE N    N N N 161 
ILE CA   C N S 162 
ILE C    C N N 163 
ILE O    O N N 164 
ILE CB   C N S 165 
ILE CG1  C N N 166 
ILE CG2  C N N 167 
ILE CD1  C N N 168 
ILE OXT  O N N 169 
ILE H    H N N 170 
ILE H2   H N N 171 
ILE HA   H N N 172 
ILE HB   H N N 173 
ILE HG12 H N N 174 
ILE HG13 H N N 175 
ILE HG21 H N N 176 
ILE HG22 H N N 177 
ILE HG23 H N N 178 
ILE HD11 H N N 179 
ILE HD12 H N N 180 
ILE HD13 H N N 181 
ILE HXT  H N N 182 
LEU N    N N N 183 
LEU CA   C N S 184 
LEU C    C N N 185 
LEU O    O N N 186 
LEU CB   C N N 187 
LEU CG   C N N 188 
LEU CD1  C N N 189 
LEU CD2  C N N 190 
LEU OXT  O N N 191 
LEU H    H N N 192 
LEU H2   H N N 193 
LEU HA   H N N 194 
LEU HB2  H N N 195 
LEU HB3  H N N 196 
LEU HG   H N N 197 
LEU HD11 H N N 198 
LEU HD12 H N N 199 
LEU HD13 H N N 200 
LEU HD21 H N N 201 
LEU HD22 H N N 202 
LEU HD23 H N N 203 
LEU HXT  H N N 204 
LYS N    N N N 205 
LYS CA   C N S 206 
LYS C    C N N 207 
LYS O    O N N 208 
LYS CB   C N N 209 
LYS CG   C N N 210 
LYS CD   C N N 211 
LYS CE   C N N 212 
LYS NZ   N N N 213 
LYS OXT  O N N 214 
LYS H    H N N 215 
LYS H2   H N N 216 
LYS HA   H N N 217 
LYS HB2  H N N 218 
LYS HB3  H N N 219 
LYS HG2  H N N 220 
LYS HG3  H N N 221 
LYS HD2  H N N 222 
LYS HD3  H N N 223 
LYS HE2  H N N 224 
LYS HE3  H N N 225 
LYS HZ1  H N N 226 
LYS HZ2  H N N 227 
LYS HZ3  H N N 228 
LYS HXT  H N N 229 
MET N    N N N 230 
MET CA   C N S 231 
MET C    C N N 232 
MET O    O N N 233 
MET CB   C N N 234 
MET CG   C N N 235 
MET SD   S N N 236 
MET CE   C N N 237 
MET OXT  O N N 238 
MET H    H N N 239 
MET H2   H N N 240 
MET HA   H N N 241 
MET HB2  H N N 242 
MET HB3  H N N 243 
MET HG2  H N N 244 
MET HG3  H N N 245 
MET HE1  H N N 246 
MET HE2  H N N 247 
MET HE3  H N N 248 
MET HXT  H N N 249 
PHE N    N N N 250 
PHE CA   C N S 251 
PHE C    C N N 252 
PHE O    O N N 253 
PHE CB   C N N 254 
PHE CG   C Y N 255 
PHE CD1  C Y N 256 
PHE CD2  C Y N 257 
PHE CE1  C Y N 258 
PHE CE2  C Y N 259 
PHE CZ   C Y N 260 
PHE OXT  O N N 261 
PHE H    H N N 262 
PHE H2   H N N 263 
PHE HA   H N N 264 
PHE HB2  H N N 265 
PHE HB3  H N N 266 
PHE HD1  H N N 267 
PHE HD2  H N N 268 
PHE HE1  H N N 269 
PHE HE2  H N N 270 
PHE HZ   H N N 271 
PHE HXT  H N N 272 
PRO N    N N N 273 
PRO CA   C N S 274 
PRO C    C N N 275 
PRO O    O N N 276 
PRO CB   C N N 277 
PRO CG   C N N 278 
PRO CD   C N N 279 
PRO OXT  O N N 280 
PRO H    H N N 281 
PRO HA   H N N 282 
PRO HB2  H N N 283 
PRO HB3  H N N 284 
PRO HG2  H N N 285 
PRO HG3  H N N 286 
PRO HD2  H N N 287 
PRO HD3  H N N 288 
PRO HXT  H N N 289 
RIB O5   O N N 290 
RIB C5   C N N 291 
RIB C4   C N R 292 
RIB O4   O N N 293 
RIB C3   C N S 294 
RIB O3   O N N 295 
RIB C2   C N R 296 
RIB O2   O N N 297 
RIB C1   C N S 298 
RIB O1   O N N 299 
RIB HO5  H N N 300 
RIB H51  H N N 301 
RIB H52  H N N 302 
RIB H4   H N N 303 
RIB H3   H N N 304 
RIB HO3  H N N 305 
RIB H2   H N N 306 
RIB HO2  H N N 307 
RIB H1   H N N 308 
RIB HO1  H N N 309 
SER N    N N N 310 
SER CA   C N S 311 
SER C    C N N 312 
SER O    O N N 313 
SER CB   C N N 314 
SER OG   O N N 315 
SER OXT  O N N 316 
SER H    H N N 317 
SER H2   H N N 318 
SER HA   H N N 319 
SER HB2  H N N 320 
SER HB3  H N N 321 
SER HG   H N N 322 
SER HXT  H N N 323 
THR N    N N N 324 
THR CA   C N S 325 
THR C    C N N 326 
THR O    O N N 327 
THR CB   C N R 328 
THR OG1  O N N 329 
THR CG2  C N N 330 
THR OXT  O N N 331 
THR H    H N N 332 
THR H2   H N N 333 
THR HA   H N N 334 
THR HB   H N N 335 
THR HG1  H N N 336 
THR HG21 H N N 337 
THR HG22 H N N 338 
THR HG23 H N N 339 
THR HXT  H N N 340 
TRP N    N N N 341 
TRP CA   C N S 342 
TRP C    C N N 343 
TRP O    O N N 344 
TRP CB   C N N 345 
TRP CG   C Y N 346 
TRP CD1  C Y N 347 
TRP CD2  C Y N 348 
TRP NE1  N Y N 349 
TRP CE2  C Y N 350 
TRP CE3  C Y N 351 
TRP CZ2  C Y N 352 
TRP CZ3  C Y N 353 
TRP CH2  C Y N 354 
TRP OXT  O N N 355 
TRP H    H N N 356 
TRP H2   H N N 357 
TRP HA   H N N 358 
TRP HB2  H N N 359 
TRP HB3  H N N 360 
TRP HD1  H N N 361 
TRP HE1  H N N 362 
TRP HE3  H N N 363 
TRP HZ2  H N N 364 
TRP HZ3  H N N 365 
TRP HH2  H N N 366 
TRP HXT  H N N 367 
TYR N    N N N 368 
TYR CA   C N S 369 
TYR C    C N N 370 
TYR O    O N N 371 
TYR CB   C N N 372 
TYR CG   C Y N 373 
TYR CD1  C Y N 374 
TYR CD2  C Y N 375 
TYR CE1  C Y N 376 
TYR CE2  C Y N 377 
TYR CZ   C Y N 378 
TYR OH   O N N 379 
TYR OXT  O N N 380 
TYR H    H N N 381 
TYR H2   H N N 382 
TYR HA   H N N 383 
TYR HB2  H N N 384 
TYR HB3  H N N 385 
TYR HD1  H N N 386 
TYR HD2  H N N 387 
TYR HE1  H N N 388 
TYR HE2  H N N 389 
TYR HH   H N N 390 
TYR HXT  H N N 391 
VAL N    N N N 392 
VAL CA   C N S 393 
VAL C    C N N 394 
VAL O    O N N 395 
VAL CB   C N N 396 
VAL CG1  C N N 397 
VAL CG2  C N N 398 
VAL OXT  O N N 399 
VAL H    H N N 400 
VAL H2   H N N 401 
VAL HA   H N N 402 
VAL HB   H N N 403 
VAL HG11 H N N 404 
VAL HG12 H N N 405 
VAL HG13 H N N 406 
VAL HG21 H N N 407 
VAL HG22 H N N 408 
VAL HG23 H N N 409 
VAL HXT  H N N 410 
# 
loop_
_chem_comp_bond.comp_id 
_chem_comp_bond.atom_id_1 
_chem_comp_bond.atom_id_2 
_chem_comp_bond.value_order 
_chem_comp_bond.pdbx_aromatic_flag 
_chem_comp_bond.pdbx_stereo_config 
_chem_comp_bond.pdbx_ordinal 
ALA N   CA   sing N N 1   
ALA N   H    sing N N 2   
ALA N   H2   sing N N 3   
ALA CA  C    sing N N 4   
ALA CA  CB   sing N N 5   
ALA CA  HA   sing N N 6   
ALA C   O    doub N N 7   
ALA C   OXT  sing N N 8   
ALA CB  HB1  sing N N 9   
ALA CB  HB2  sing N N 10  
ALA CB  HB3  sing N N 11  
ALA OXT HXT  sing N N 12  
ARG N   CA   sing N N 13  
ARG N   H    sing N N 14  
ARG N   H2   sing N N 15  
ARG CA  C    sing N N 16  
ARG CA  CB   sing N N 17  
ARG CA  HA   sing N N 18  
ARG C   O    doub N N 19  
ARG C   OXT  sing N N 20  
ARG CB  CG   sing N N 21  
ARG CB  HB2  sing N N 22  
ARG CB  HB3  sing N N 23  
ARG CG  CD   sing N N 24  
ARG CG  HG2  sing N N 25  
ARG CG  HG3  sing N N 26  
ARG CD  NE   sing N N 27  
ARG CD  HD2  sing N N 28  
ARG CD  HD3  sing N N 29  
ARG NE  CZ   sing N N 30  
ARG NE  HE   sing N N 31  
ARG CZ  NH1  sing N N 32  
ARG CZ  NH2  doub N N 33  
ARG NH1 HH11 sing N N 34  
ARG NH1 HH12 sing N N 35  
ARG NH2 HH21 sing N N 36  
ARG NH2 HH22 sing N N 37  
ARG OXT HXT  sing N N 38  
ASN N   CA   sing N N 39  
ASN N   H    sing N N 40  
ASN N   H2   sing N N 41  
ASN CA  C    sing N N 42  
ASN CA  CB   sing N N 43  
ASN CA  HA   sing N N 44  
ASN C   O    doub N N 45  
ASN C   OXT  sing N N 46  
ASN CB  CG   sing N N 47  
ASN CB  HB2  sing N N 48  
ASN CB  HB3  sing N N 49  
ASN CG  OD1  doub N N 50  
ASN CG  ND2  sing N N 51  
ASN ND2 HD21 sing N N 52  
ASN ND2 HD22 sing N N 53  
ASN OXT HXT  sing N N 54  
ASP N   CA   sing N N 55  
ASP N   H    sing N N 56  
ASP N   H2   sing N N 57  
ASP CA  C    sing N N 58  
ASP CA  CB   sing N N 59  
ASP CA  HA   sing N N 60  
ASP C   O    doub N N 61  
ASP C   OXT  sing N N 62  
ASP CB  CG   sing N N 63  
ASP CB  HB2  sing N N 64  
ASP CB  HB3  sing N N 65  
ASP CG  OD1  doub N N 66  
ASP CG  OD2  sing N N 67  
ASP OD2 HD2  sing N N 68  
ASP OXT HXT  sing N N 69  
CYS N   CA   sing N N 70  
CYS N   H    sing N N 71  
CYS N   H2   sing N N 72  
CYS CA  C    sing N N 73  
CYS CA  CB   sing N N 74  
CYS CA  HA   sing N N 75  
CYS C   O    doub N N 76  
CYS C   OXT  sing N N 77  
CYS CB  SG   sing N N 78  
CYS CB  HB2  sing N N 79  
CYS CB  HB3  sing N N 80  
CYS SG  HG   sing N N 81  
CYS OXT HXT  sing N N 82  
GLN N   CA   sing N N 83  
GLN N   H    sing N N 84  
GLN N   H2   sing N N 85  
GLN CA  C    sing N N 86  
GLN CA  CB   sing N N 87  
GLN CA  HA   sing N N 88  
GLN C   O    doub N N 89  
GLN C   OXT  sing N N 90  
GLN CB  CG   sing N N 91  
GLN CB  HB2  sing N N 92  
GLN CB  HB3  sing N N 93  
GLN CG  CD   sing N N 94  
GLN CG  HG2  sing N N 95  
GLN CG  HG3  sing N N 96  
GLN CD  OE1  doub N N 97  
GLN CD  NE2  sing N N 98  
GLN NE2 HE21 sing N N 99  
GLN NE2 HE22 sing N N 100 
GLN OXT HXT  sing N N 101 
GLU N   CA   sing N N 102 
GLU N   H    sing N N 103 
GLU N   H2   sing N N 104 
GLU CA  C    sing N N 105 
GLU CA  CB   sing N N 106 
GLU CA  HA   sing N N 107 
GLU C   O    doub N N 108 
GLU C   OXT  sing N N 109 
GLU CB  CG   sing N N 110 
GLU CB  HB2  sing N N 111 
GLU CB  HB3  sing N N 112 
GLU CG  CD   sing N N 113 
GLU CG  HG2  sing N N 114 
GLU CG  HG3  sing N N 115 
GLU CD  OE1  doub N N 116 
GLU CD  OE2  sing N N 117 
GLU OE2 HE2  sing N N 118 
GLU OXT HXT  sing N N 119 
GLY N   CA   sing N N 120 
GLY N   H    sing N N 121 
GLY N   H2   sing N N 122 
GLY CA  C    sing N N 123 
GLY CA  HA2  sing N N 124 
GLY CA  HA3  sing N N 125 
GLY C   O    doub N N 126 
GLY C   OXT  sing N N 127 
GLY OXT HXT  sing N N 128 
HIS N   CA   sing N N 129 
HIS N   H    sing N N 130 
HIS N   H2   sing N N 131 
HIS CA  C    sing N N 132 
HIS CA  CB   sing N N 133 
HIS CA  HA   sing N N 134 
HIS C   O    doub N N 135 
HIS C   OXT  sing N N 136 
HIS CB  CG   sing N N 137 
HIS CB  HB2  sing N N 138 
HIS CB  HB3  sing N N 139 
HIS CG  ND1  sing Y N 140 
HIS CG  CD2  doub Y N 141 
HIS ND1 CE1  doub Y N 142 
HIS ND1 HD1  sing N N 143 
HIS CD2 NE2  sing Y N 144 
HIS CD2 HD2  sing N N 145 
HIS CE1 NE2  sing Y N 146 
HIS CE1 HE1  sing N N 147 
HIS NE2 HE2  sing N N 148 
HIS OXT HXT  sing N N 149 
HOH O   H1   sing N N 150 
HOH O   H2   sing N N 151 
ILE N   CA   sing N N 152 
ILE N   H    sing N N 153 
ILE N   H2   sing N N 154 
ILE CA  C    sing N N 155 
ILE CA  CB   sing N N 156 
ILE CA  HA   sing N N 157 
ILE C   O    doub N N 158 
ILE C   OXT  sing N N 159 
ILE CB  CG1  sing N N 160 
ILE CB  CG2  sing N N 161 
ILE CB  HB   sing N N 162 
ILE CG1 CD1  sing N N 163 
ILE CG1 HG12 sing N N 164 
ILE CG1 HG13 sing N N 165 
ILE CG2 HG21 sing N N 166 
ILE CG2 HG22 sing N N 167 
ILE CG2 HG23 sing N N 168 
ILE CD1 HD11 sing N N 169 
ILE CD1 HD12 sing N N 170 
ILE CD1 HD13 sing N N 171 
ILE OXT HXT  sing N N 172 
LEU N   CA   sing N N 173 
LEU N   H    sing N N 174 
LEU N   H2   sing N N 175 
LEU CA  C    sing N N 176 
LEU CA  CB   sing N N 177 
LEU CA  HA   sing N N 178 
LEU C   O    doub N N 179 
LEU C   OXT  sing N N 180 
LEU CB  CG   sing N N 181 
LEU CB  HB2  sing N N 182 
LEU CB  HB3  sing N N 183 
LEU CG  CD1  sing N N 184 
LEU CG  CD2  sing N N 185 
LEU CG  HG   sing N N 186 
LEU CD1 HD11 sing N N 187 
LEU CD1 HD12 sing N N 188 
LEU CD1 HD13 sing N N 189 
LEU CD2 HD21 sing N N 190 
LEU CD2 HD22 sing N N 191 
LEU CD2 HD23 sing N N 192 
LEU OXT HXT  sing N N 193 
LYS N   CA   sing N N 194 
LYS N   H    sing N N 195 
LYS N   H2   sing N N 196 
LYS CA  C    sing N N 197 
LYS CA  CB   sing N N 198 
LYS CA  HA   sing N N 199 
LYS C   O    doub N N 200 
LYS C   OXT  sing N N 201 
LYS CB  CG   sing N N 202 
LYS CB  HB2  sing N N 203 
LYS CB  HB3  sing N N 204 
LYS CG  CD   sing N N 205 
LYS CG  HG2  sing N N 206 
LYS CG  HG3  sing N N 207 
LYS CD  CE   sing N N 208 
LYS CD  HD2  sing N N 209 
LYS CD  HD3  sing N N 210 
LYS CE  NZ   sing N N 211 
LYS CE  HE2  sing N N 212 
LYS CE  HE3  sing N N 213 
LYS NZ  HZ1  sing N N 214 
LYS NZ  HZ2  sing N N 215 
LYS NZ  HZ3  sing N N 216 
LYS OXT HXT  sing N N 217 
MET N   CA   sing N N 218 
MET N   H    sing N N 219 
MET N   H2   sing N N 220 
MET CA  C    sing N N 221 
MET CA  CB   sing N N 222 
MET CA  HA   sing N N 223 
MET C   O    doub N N 224 
MET C   OXT  sing N N 225 
MET CB  CG   sing N N 226 
MET CB  HB2  sing N N 227 
MET CB  HB3  sing N N 228 
MET CG  SD   sing N N 229 
MET CG  HG2  sing N N 230 
MET CG  HG3  sing N N 231 
MET SD  CE   sing N N 232 
MET CE  HE1  sing N N 233 
MET CE  HE2  sing N N 234 
MET CE  HE3  sing N N 235 
MET OXT HXT  sing N N 236 
PHE N   CA   sing N N 237 
PHE N   H    sing N N 238 
PHE N   H2   sing N N 239 
PHE CA  C    sing N N 240 
PHE CA  CB   sing N N 241 
PHE CA  HA   sing N N 242 
PHE C   O    doub N N 243 
PHE C   OXT  sing N N 244 
PHE CB  CG   sing N N 245 
PHE CB  HB2  sing N N 246 
PHE CB  HB3  sing N N 247 
PHE CG  CD1  doub Y N 248 
PHE CG  CD2  sing Y N 249 
PHE CD1 CE1  sing Y N 250 
PHE CD1 HD1  sing N N 251 
PHE CD2 CE2  doub Y N 252 
PHE CD2 HD2  sing N N 253 
PHE CE1 CZ   doub Y N 254 
PHE CE1 HE1  sing N N 255 
PHE CE2 CZ   sing Y N 256 
PHE CE2 HE2  sing N N 257 
PHE CZ  HZ   sing N N 258 
PHE OXT HXT  sing N N 259 
PRO N   CA   sing N N 260 
PRO N   CD   sing N N 261 
PRO N   H    sing N N 262 
PRO CA  C    sing N N 263 
PRO CA  CB   sing N N 264 
PRO CA  HA   sing N N 265 
PRO C   O    doub N N 266 
PRO C   OXT  sing N N 267 
PRO CB  CG   sing N N 268 
PRO CB  HB2  sing N N 269 
PRO CB  HB3  sing N N 270 
PRO CG  CD   sing N N 271 
PRO CG  HG2  sing N N 272 
PRO CG  HG3  sing N N 273 
PRO CD  HD2  sing N N 274 
PRO CD  HD3  sing N N 275 
PRO OXT HXT  sing N N 276 
RIB O5  C5   sing N N 277 
RIB O5  HO5  sing N N 278 
RIB C5  C4   sing N N 279 
RIB C5  H51  sing N N 280 
RIB C5  H52  sing N N 281 
RIB C4  O4   sing N N 282 
RIB C4  C3   sing N N 283 
RIB C4  H4   sing N N 284 
RIB O4  C1   sing N N 285 
RIB C3  O3   sing N N 286 
RIB C3  C2   sing N N 287 
RIB C3  H3   sing N N 288 
RIB O3  HO3  sing N N 289 
RIB C2  O2   sing N N 290 
RIB C2  C1   sing N N 291 
RIB C2  H2   sing N N 292 
RIB O2  HO2  sing N N 293 
RIB C1  O1   sing N N 294 
RIB C1  H1   sing N N 295 
RIB O1  HO1  sing N N 296 
SER N   CA   sing N N 297 
SER N   H    sing N N 298 
SER N   H2   sing N N 299 
SER CA  C    sing N N 300 
SER CA  CB   sing N N 301 
SER CA  HA   sing N N 302 
SER C   O    doub N N 303 
SER C   OXT  sing N N 304 
SER CB  OG   sing N N 305 
SER CB  HB2  sing N N 306 
SER CB  HB3  sing N N 307 
SER OG  HG   sing N N 308 
SER OXT HXT  sing N N 309 
THR N   CA   sing N N 310 
THR N   H    sing N N 311 
THR N   H2   sing N N 312 
THR CA  C    sing N N 313 
THR CA  CB   sing N N 314 
THR CA  HA   sing N N 315 
THR C   O    doub N N 316 
THR C   OXT  sing N N 317 
THR CB  OG1  sing N N 318 
THR CB  CG2  sing N N 319 
THR CB  HB   sing N N 320 
THR OG1 HG1  sing N N 321 
THR CG2 HG21 sing N N 322 
THR CG2 HG22 sing N N 323 
THR CG2 HG23 sing N N 324 
THR OXT HXT  sing N N 325 
TRP N   CA   sing N N 326 
TRP N   H    sing N N 327 
TRP N   H2   sing N N 328 
TRP CA  C    sing N N 329 
TRP CA  CB   sing N N 330 
TRP CA  HA   sing N N 331 
TRP C   O    doub N N 332 
TRP C   OXT  sing N N 333 
TRP CB  CG   sing N N 334 
TRP CB  HB2  sing N N 335 
TRP CB  HB3  sing N N 336 
TRP CG  CD1  doub Y N 337 
TRP CG  CD2  sing Y N 338 
TRP CD1 NE1  sing Y N 339 
TRP CD1 HD1  sing N N 340 
TRP CD2 CE2  doub Y N 341 
TRP CD2 CE3  sing Y N 342 
TRP NE1 CE2  sing Y N 343 
TRP NE1 HE1  sing N N 344 
TRP CE2 CZ2  sing Y N 345 
TRP CE3 CZ3  doub Y N 346 
TRP CE3 HE3  sing N N 347 
TRP CZ2 CH2  doub Y N 348 
TRP CZ2 HZ2  sing N N 349 
TRP CZ3 CH2  sing Y N 350 
TRP CZ3 HZ3  sing N N 351 
TRP CH2 HH2  sing N N 352 
TRP OXT HXT  sing N N 353 
TYR N   CA   sing N N 354 
TYR N   H    sing N N 355 
TYR N   H2   sing N N 356 
TYR CA  C    sing N N 357 
TYR CA  CB   sing N N 358 
TYR CA  HA   sing N N 359 
TYR C   O    doub N N 360 
TYR C   OXT  sing N N 361 
TYR CB  CG   sing N N 362 
TYR CB  HB2  sing N N 363 
TYR CB  HB3  sing N N 364 
TYR CG  CD1  doub Y N 365 
TYR CG  CD2  sing Y N 366 
TYR CD1 CE1  sing Y N 367 
TYR CD1 HD1  sing N N 368 
TYR CD2 CE2  doub Y N 369 
TYR CD2 HD2  sing N N 370 
TYR CE1 CZ   doub Y N 371 
TYR CE1 HE1  sing N N 372 
TYR CE2 CZ   sing Y N 373 
TYR CE2 HE2  sing N N 374 
TYR CZ  OH   sing N N 375 
TYR OH  HH   sing N N 376 
TYR OXT HXT  sing N N 377 
VAL N   CA   sing N N 378 
VAL N   H    sing N N 379 
VAL N   H2   sing N N 380 
VAL CA  C    sing N N 381 
VAL CA  CB   sing N N 382 
VAL CA  HA   sing N N 383 
VAL C   O    doub N N 384 
VAL C   OXT  sing N N 385 
VAL CB  CG1  sing N N 386 
VAL CB  CG2  sing N N 387 
VAL CB  HB   sing N N 388 
VAL CG1 HG11 sing N N 389 
VAL CG1 HG12 sing N N 390 
VAL CG1 HG13 sing N N 391 
VAL CG2 HG21 sing N N 392 
VAL CG2 HG22 sing N N 393 
VAL CG2 HG23 sing N N 394 
VAL OXT HXT  sing N N 395 
# 
_atom_sites.entry_id                    4RHN 
_atom_sites.fract_transf_matrix[1][1]   -0.01407090 
_atom_sites.fract_transf_matrix[1][2]   0.01162368 
_atom_sites.fract_transf_matrix[1][3]   -0.01351165 
_atom_sites.fract_transf_matrix[2][1]   0.00100027 
_atom_sites.fract_transf_matrix[2][2]   -0.00277995 
_atom_sites.fract_transf_matrix[2][3]   -0.02251499 
_atom_sites.fract_transf_matrix[3][1]   -0.00818913 
_atom_sites.fract_transf_matrix[3][2]   -0.00903885 
_atom_sites.fract_transf_matrix[3][3]   0.00075222 
_atom_sites.fract_transf_vector[1]      0.793559 
_atom_sites.fract_transf_vector[2]      0.448575 
_atom_sites.fract_transf_vector[3]      0.137056 
# 
loop_
_atom_type.symbol 
C 
N 
O 
S 
# 
loop_
_atom_site.group_PDB 
_atom_site.id 
_atom_site.type_symbol 
_atom_site.label_atom_id 
_atom_site.label_alt_id 
_atom_site.label_comp_id 
_atom_site.label_asym_id 
_atom_site.label_entity_id 
_atom_site.label_seq_id 
_atom_site.pdbx_PDB_ins_code 
_atom_site.Cartn_x 
_atom_site.Cartn_y 
_atom_site.Cartn_z 
_atom_site.occupancy 
_atom_site.B_iso_or_equiv 
_atom_site.pdbx_formal_charge 
_atom_site.auth_seq_id 
_atom_site.auth_comp_id 
_atom_site.auth_asym_id 
_atom_site.auth_atom_id 
_atom_site.pdbx_PDB_model_num 
ATOM   1   N N   . ARG A 1 1   ? -2.202  -8.908  15.892  1.00 61.55 ? 12  ARG A N   1 
ATOM   2   C CA  . ARG A 1 1   ? -1.422  -9.485  17.023  1.00 61.20 ? 12  ARG A CA  1 
ATOM   3   C C   . ARG A 1 1   ? -0.708  -8.480  17.957  1.00 61.05 ? 12  ARG A C   1 
ATOM   4   O O   . ARG A 1 1   ? -0.144  -8.889  18.978  1.00 62.74 ? 12  ARG A O   1 
ATOM   5   C CB  . ARG A 1 1   ? -0.419  -10.520 16.489  1.00 59.74 ? 12  ARG A CB  1 
ATOM   6   N N   . PRO A 1 2   ? -0.767  -7.159  17.675  1.00 59.18 ? 13  PRO A N   1 
ATOM   7   C CA  . PRO A 1 2   ? -1.361  -6.271  16.657  1.00 56.66 ? 13  PRO A CA  1 
ATOM   8   C C   . PRO A 1 2   ? -0.594  -6.152  15.334  1.00 52.39 ? 13  PRO A C   1 
ATOM   9   O O   . PRO A 1 2   ? 0.634   -6.245  15.317  1.00 51.38 ? 13  PRO A O   1 
ATOM   10  C CB  . PRO A 1 2   ? -1.364  -4.904  17.357  1.00 59.82 ? 13  PRO A CB  1 
ATOM   11  C CG  . PRO A 1 2   ? -1.109  -5.217  18.822  1.00 60.01 ? 13  PRO A CG  1 
ATOM   12  C CD  . PRO A 1 2   ? -0.151  -6.340  18.733  1.00 59.41 ? 13  PRO A CD  1 
ATOM   13  N N   . GLY A 1 3   ? -1.320  -5.856  14.254  1.00 47.01 ? 14  GLY A N   1 
ATOM   14  C CA  . GLY A 1 3   ? -0.691  -5.694  12.950  1.00 41.37 ? 14  GLY A CA  1 
ATOM   15  C C   . GLY A 1 3   ? -0.970  -6.800  11.952  1.00 36.45 ? 14  GLY A C   1 
ATOM   16  O O   . GLY A 1 3   ? -0.583  -6.722  10.792  1.00 34.07 ? 14  GLY A O   1 
ATOM   17  N N   . GLY A 1 4   ? -1.628  -7.847  12.414  1.00 35.76 ? 15  GLY A N   1 
ATOM   18  C CA  . GLY A 1 4   ? -1.956  -8.952  11.534  1.00 33.95 ? 15  GLY A CA  1 
ATOM   19  C C   . GLY A 1 4   ? -0.942  -10.074 11.600  1.00 31.91 ? 15  GLY A C   1 
ATOM   20  O O   . GLY A 1 4   ? 0.122   -9.928  12.196  1.00 30.93 ? 15  GLY A O   1 
ATOM   21  N N   . ASP A 1 5   ? -1.259  -11.188 10.953  1.00 30.69 ? 16  ASP A N   1 
ATOM   22  C CA  . ASP A 1 5   ? -0.377  -12.353 10.971  1.00 29.91 ? 16  ASP A CA  1 
ATOM   23  C C   . ASP A 1 5   ? 0.363   -12.595 9.651   1.00 25.78 ? 16  ASP A C   1 
ATOM   24  O O   . ASP A 1 5   ? 1.011   -13.627 9.492   1.00 23.92 ? 16  ASP A O   1 
ATOM   25  C CB  . ASP A 1 5   ? -1.162  -13.622 11.384  1.00 36.18 ? 16  ASP A CB  1 
ATOM   26  C CG  . ASP A 1 5   ? -1.760  -13.525 12.797  1.00 40.82 ? 16  ASP A CG  1 
ATOM   27  O OD1 . ASP A 1 5   ? -0.991  -13.593 13.788  1.00 45.67 ? 16  ASP A OD1 1 
ATOM   28  O OD2 . ASP A 1 5   ? -3.001  -13.394 12.917  1.00 43.72 ? 16  ASP A OD2 1 
ATOM   29  N N   . THR A 1 6   ? 0.244   -11.659 8.705   1.00 22.95 ? 17  THR A N   1 
ATOM   30  C CA  . THR A 1 6   ? 0.940   -11.785 7.417   1.00 22.53 ? 17  THR A CA  1 
ATOM   31  C C   . THR A 1 6   ? 2.318   -11.143 7.562   1.00 20.77 ? 17  THR A C   1 
ATOM   32  O O   . THR A 1 6   ? 2.648   -10.640 8.638   1.00 19.85 ? 17  THR A O   1 
ATOM   33  C CB  . THR A 1 6   ? 0.179   -11.069 6.279   1.00 23.77 ? 17  THR A CB  1 
ATOM   34  O OG1 . THR A 1 6   ? 0.267   -9.644  6.460   1.00 21.55 ? 17  THR A OG1 1 
ATOM   35  C CG2 . THR A 1 6   ? -1.288  -11.492 6.286   1.00 22.55 ? 17  THR A CG2 1 
ATOM   36  N N   . ILE A 1 7   ? 3.119   -11.148 6.499   1.00 22.52 ? 18  ILE A N   1 
ATOM   37  C CA  . ILE A 1 7   ? 4.447   -10.520 6.577   1.00 25.07 ? 18  ILE A CA  1 
ATOM   38  C C   . ILE A 1 7   ? 4.312   -9.027  6.908   1.00 25.51 ? 18  ILE A C   1 
ATOM   39  O O   . ILE A 1 7   ? 5.224   -8.424  7.490   1.00 26.73 ? 18  ILE A O   1 
ATOM   40  C CB  . ILE A 1 7   ? 5.242   -10.600 5.266   1.00 25.08 ? 18  ILE A CB  1 
ATOM   41  C CG1 . ILE A 1 7   ? 4.310   -10.417 4.077   1.00 23.31 ? 18  ILE A CG1 1 
ATOM   42  C CG2 . ILE A 1 7   ? 6.151   -11.808 5.256   1.00 28.48 ? 18  ILE A CG2 1 
ATOM   43  C CD1 . ILE A 1 7   ? 5.038   -10.000 2.809   1.00 30.03 ? 18  ILE A CD1 1 
ATOM   44  N N   . PHE A 1 8   ? 3.188   -8.432  6.510   1.00 23.37 ? 19  PHE A N   1 
ATOM   45  C CA  . PHE A 1 8   ? 2.959   -7.027  6.774   1.00 22.09 ? 19  PHE A CA  1 
ATOM   46  C C   . PHE A 1 8   ? 2.934   -6.801  8.277   1.00 23.12 ? 19  PHE A C   1 
ATOM   47  O O   . PHE A 1 8   ? 3.423   -5.776  8.762   1.00 23.34 ? 19  PHE A O   1 
ATOM   48  C CB  . PHE A 1 8   ? 1.662   -6.562  6.125   1.00 21.26 ? 19  PHE A CB  1 
ATOM   49  C CG  . PHE A 1 8   ? 1.728   -6.472  4.629   1.00 18.65 ? 19  PHE A CG  1 
ATOM   50  C CD1 . PHE A 1 8   ? 2.928   -6.621  3.951   1.00 19.96 ? 19  PHE A CD1 1 
ATOM   51  C CD2 . PHE A 1 8   ? 0.581   -6.227  3.892   1.00 16.86 ? 19  PHE A CD2 1 
ATOM   52  C CE1 . PHE A 1 8   ? 2.980   -6.527  2.563   1.00 19.47 ? 19  PHE A CE1 1 
ATOM   53  C CE2 . PHE A 1 8   ? 0.626   -6.130  2.508   1.00 18.23 ? 19  PHE A CE2 1 
ATOM   54  C CZ  . PHE A 1 8   ? 1.816   -6.281  1.839   1.00 18.41 ? 19  PHE A CZ  1 
ATOM   55  N N   . GLY A 1 9   ? 2.399   -7.779  9.011   1.00 21.49 ? 20  GLY A N   1 
ATOM   56  C CA  . GLY A 1 9   ? 2.351   -7.687  10.458  1.00 21.34 ? 20  GLY A CA  1 
ATOM   57  C C   . GLY A 1 9   ? 3.758   -7.680  11.041  1.00 24.63 ? 20  GLY A C   1 
ATOM   58  O O   . GLY A 1 9   ? 4.021   -7.013  12.044  1.00 24.61 ? 20  GLY A O   1 
ATOM   59  N N   . LYS A 1 10  ? 4.667   -8.433  10.423  1.00 25.20 ? 21  LYS A N   1 
ATOM   60  C CA  . LYS A 1 10  ? 6.046   -8.475  10.885  1.00 26.93 ? 21  LYS A CA  1 
ATOM   61  C C   . LYS A 1 10  ? 6.740   -7.140  10.605  1.00 26.51 ? 21  LYS A C   1 
ATOM   62  O O   . LYS A 1 10  ? 7.555   -6.672  11.396  1.00 25.11 ? 21  LYS A O   1 
ATOM   63  C CB  . LYS A 1 10  ? 6.800   -9.609  10.209  1.00 28.04 ? 21  LYS A CB  1 
ATOM   64  C CG  . LYS A 1 10  ? 6.195   -10.950 10.499  1.00 34.05 ? 21  LYS A CG  1 
ATOM   65  C CD  . LYS A 1 10  ? 7.048   -12.049 9.940   1.00 39.28 ? 21  LYS A CD  1 
ATOM   66  C CE  . LYS A 1 10  ? 6.409   -13.395 10.208  1.00 43.55 ? 21  LYS A CE  1 
ATOM   67  N NZ  . LYS A 1 10  ? 7.464   -14.414 10.485  1.00 52.21 ? 21  LYS A NZ  1 
ATOM   68  N N   . ILE A 1 11  ? 6.409   -6.534  9.475   1.00 26.09 ? 22  ILE A N   1 
ATOM   69  C CA  . ILE A 1 11  ? 6.976   -5.247  9.118   1.00 25.49 ? 22  ILE A CA  1 
ATOM   70  C C   . ILE A 1 11  ? 6.492   -4.164  10.084  1.00 26.49 ? 22  ILE A C   1 
ATOM   71  O O   . ILE A 1 11  ? 7.277   -3.383  10.614  1.00 29.08 ? 22  ILE A O   1 
ATOM   72  C CB  . ILE A 1 11  ? 6.601   -4.897  7.683   1.00 24.67 ? 22  ILE A CB  1 
ATOM   73  C CG1 . ILE A 1 11  ? 7.455   -5.743  6.747   1.00 25.00 ? 22  ILE A CG1 1 
ATOM   74  C CG2 . ILE A 1 11  ? 6.752   -3.406  7.418   1.00 22.52 ? 22  ILE A CG2 1 
ATOM   75  C CD1 . ILE A 1 11  ? 7.247   -5.443  5.288   1.00 25.86 ? 22  ILE A CD1 1 
ATOM   76  N N   . ILE A 1 12  ? 5.192   -4.144  10.323  1.00 26.33 ? 23  ILE A N   1 
ATOM   77  C CA  . ILE A 1 12  ? 4.586   -3.178  11.219  1.00 27.08 ? 23  ILE A CA  1 
ATOM   78  C C   . ILE A 1 12  ? 5.195   -3.275  12.619  1.00 29.26 ? 23  ILE A C   1 
ATOM   79  O O   . ILE A 1 12  ? 5.476   -2.257  13.242  1.00 30.60 ? 23  ILE A O   1 
ATOM   80  C CB  . ILE A 1 12  ? 3.035   -3.370  11.257  1.00 24.62 ? 23  ILE A CB  1 
ATOM   81  C CG1 . ILE A 1 12  ? 2.426   -2.899  9.930   1.00 20.06 ? 23  ILE A CG1 1 
ATOM   82  C CG2 . ILE A 1 12  ? 2.418   -2.667  12.474  1.00 22.51 ? 23  ILE A CG2 1 
ATOM   83  C CD1 . ILE A 1 12  ? 0.997   -3.308  9.726   1.00 18.63 ? 23  ILE A CD1 1 
ATOM   84  N N   . ARG A 1 13  ? 5.419   -4.494  13.104  1.00 31.37 ? 24  ARG A N   1 
ATOM   85  C CA  . ARG A 1 13  ? 5.996   -4.692  14.433  1.00 35.12 ? 24  ARG A CA  1 
ATOM   86  C C   . ARG A 1 13  ? 7.520   -4.599  14.457  1.00 37.17 ? 24  ARG A C   1 
ATOM   87  O O   . ARG A 1 13  ? 8.137   -4.703  15.518  1.00 37.62 ? 24  ARG A O   1 
ATOM   88  C CB  . ARG A 1 13  ? 5.535   -6.027  15.037  1.00 34.77 ? 24  ARG A CB  1 
ATOM   89  C CG  . ARG A 1 13  ? 4.179   -5.959  15.734  1.00 36.33 ? 24  ARG A CG  1 
ATOM   90  C CD  . ARG A 1 13  ? 3.776   -7.303  16.305  1.00 37.57 ? 24  ARG A CD  1 
ATOM   91  N NE  . ARG A 1 13  ? 2.759   -7.944  15.477  1.00 41.97 ? 24  ARG A NE  1 
ATOM   92  C CZ  . ARG A 1 13  ? 2.984   -8.912  14.592  1.00 38.64 ? 24  ARG A CZ  1 
ATOM   93  N NH1 . ARG A 1 13  ? 4.200   -9.400  14.390  1.00 37.30 ? 24  ARG A NH1 1 
ATOM   94  N NH2 . ARG A 1 13  ? 1.975   -9.367  13.874  1.00 39.57 ? 24  ARG A NH2 1 
ATOM   95  N N   . LYS A 1 14  ? 8.105   -4.369  13.284  1.00 39.90 ? 25  LYS A N   1 
ATOM   96  C CA  . LYS A 1 14  ? 9.550   -4.262  13.110  1.00 43.22 ? 25  LYS A CA  1 
ATOM   97  C C   . LYS A 1 14  ? 10.317  -5.540  13.451  1.00 44.04 ? 25  LYS A C   1 
ATOM   98  O O   . LYS A 1 14  ? 11.427  -5.495  13.989  1.00 45.92 ? 25  LYS A O   1 
ATOM   99  C CB  . LYS A 1 14  ? 10.115  -3.064  13.880  1.00 45.07 ? 25  LYS A CB  1 
ATOM   100 C CG  . LYS A 1 14  ? 9.996   -1.733  13.141  1.00 48.85 ? 25  LYS A CG  1 
ATOM   101 C CD  . LYS A 1 14  ? 8.603   -1.162  13.251  1.00 49.00 ? 25  LYS A CD  1 
ATOM   102 C CE  . LYS A 1 14  ? 8.445   0.131   12.486  1.00 46.67 ? 25  LYS A CE  1 
ATOM   103 N NZ  . LYS A 1 14  ? 7.044   0.546   12.687  1.00 49.17 ? 25  LYS A NZ  1 
ATOM   104 N N   . GLU A 1 15  ? 9.725   -6.676  13.101  1.00 43.60 ? 26  GLU A N   1 
ATOM   105 C CA  . GLU A 1 15  ? 10.331  -7.974  13.348  1.00 43.63 ? 26  GLU A CA  1 
ATOM   106 C C   . GLU A 1 15  ? 11.231  -8.326  12.184  1.00 42.98 ? 26  GLU A C   1 
ATOM   107 O O   . GLU A 1 15  ? 12.129  -9.158  12.294  1.00 43.16 ? 26  GLU A O   1 
ATOM   108 C CB  . GLU A 1 15  ? 9.237   -9.021  13.545  1.00 45.75 ? 26  GLU A CB  1 
ATOM   109 C CG  . GLU A 1 15  ? 8.299   -8.655  14.702  1.00 48.13 ? 26  GLU A CG  1 
ATOM   110 C CD  . GLU A 1 15  ? 7.206   -9.671  14.954  1.00 48.62 ? 26  GLU A CD  1 
ATOM   111 O OE1 . GLU A 1 15  ? 6.939   -10.512 14.070  1.00 49.49 ? 26  GLU A OE1 1 
ATOM   112 O OE2 . GLU A 1 15  ? 6.606   -9.625  16.046  1.00 51.32 ? 26  GLU A OE2 1 
ATOM   113 N N   . ILE A 1 16  ? 10.941  -7.719  11.048  1.00 42.38 ? 27  ILE A N   1 
ATOM   114 C CA  . ILE A 1 16  ? 11.741  -7.903  9.858   1.00 42.79 ? 27  ILE A CA  1 
ATOM   115 C C   . ILE A 1 16  ? 11.881  -6.514  9.264   1.00 43.78 ? 27  ILE A C   1 
ATOM   116 O O   . ILE A 1 16  ? 10.963  -5.690  9.350   1.00 42.19 ? 27  ILE A O   1 
ATOM   117 C CB  . ILE A 1 16  ? 11.108  -8.877  8.868   1.00 42.86 ? 27  ILE A CB  1 
ATOM   118 C CG1 . ILE A 1 16  ? 9.732   -8.387  8.439   1.00 45.15 ? 27  ILE A CG1 1 
ATOM   119 C CG2 . ILE A 1 16  ? 11.021  -10.265 9.496   1.00 42.69 ? 27  ILE A CG2 1 
ATOM   120 C CD1 . ILE A 1 16  ? 9.127   -9.225  7.321   1.00 50.40 ? 27  ILE A CD1 1 
ATOM   121 N N   . PRO A 1 17  ? 13.082  -6.188  8.764   1.00 45.63 ? 28  PRO A N   1 
ATOM   122 C CA  . PRO A 1 17  ? 13.323  -4.867  8.173   1.00 45.03 ? 28  PRO A CA  1 
ATOM   123 C C   . PRO A 1 17  ? 12.667  -4.566  6.814   1.00 42.97 ? 28  PRO A C   1 
ATOM   124 O O   . PRO A 1 17  ? 12.399  -5.462  5.994   1.00 42.81 ? 28  PRO A O   1 
ATOM   125 C CB  . PRO A 1 17  ? 14.854  -4.798  8.110   1.00 45.82 ? 28  PRO A CB  1 
ATOM   126 C CG  . PRO A 1 17  ? 15.239  -6.234  7.874   1.00 47.70 ? 28  PRO A CG  1 
ATOM   127 C CD  . PRO A 1 17  ? 14.324  -6.986  8.815   1.00 46.69 ? 28  PRO A CD  1 
ATOM   128 N N   . ALA A 1 18  ? 12.424  -3.277  6.597   1.00 37.67 ? 29  ALA A N   1 
ATOM   129 C CA  . ALA A 1 18  ? 11.819  -2.802  5.376   1.00 32.92 ? 29  ALA A CA  1 
ATOM   130 C C   . ALA A 1 18  ? 12.332  -1.385  5.120   1.00 32.27 ? 29  ALA A C   1 
ATOM   131 O O   . ALA A 1 18  ? 12.932  -0.763  6.007   1.00 32.83 ? 29  ALA A O   1 
ATOM   132 C CB  . ALA A 1 18  ? 10.312  -2.800  5.531   1.00 32.77 ? 29  ALA A CB  1 
ATOM   133 N N   . LYS A 1 19  ? 12.165  -0.903  3.894   1.00 28.71 ? 30  LYS A N   1 
ATOM   134 C CA  . LYS A 1 19  ? 12.578  0.441   3.560   1.00 27.50 ? 30  LYS A CA  1 
ATOM   135 C C   . LYS A 1 19  ? 11.344  1.290   3.766   1.00 23.31 ? 30  LYS A C   1 
ATOM   136 O O   . LYS A 1 19  ? 10.585  1.548   2.834   1.00 22.94 ? 30  LYS A O   1 
ATOM   137 C CB  . LYS A 1 19  ? 13.039  0.534   2.116   1.00 31.77 ? 30  LYS A CB  1 
ATOM   138 C CG  . LYS A 1 19  ? 13.927  -0.600  1.711   1.00 40.25 ? 30  LYS A CG  1 
ATOM   139 C CD  . LYS A 1 19  ? 13.484  -1.133  0.356   1.00 46.31 ? 30  LYS A CD  1 
ATOM   140 C CE  . LYS A 1 19  ? 13.749  -2.632  0.212   1.00 47.44 ? 30  LYS A CE  1 
ATOM   141 N NZ  . LYS A 1 19  ? 13.257  -3.150  -1.098  1.00 48.82 ? 30  LYS A NZ  1 
ATOM   142 N N   . ILE A 1 20  ? 11.126  1.658   5.021   1.00 22.20 ? 31  ILE A N   1 
ATOM   143 C CA  . ILE A 1 20  ? 10.003  2.489   5.437   1.00 21.93 ? 31  ILE A CA  1 
ATOM   144 C C   . ILE A 1 20  ? 10.213  3.963   5.055   1.00 23.78 ? 31  ILE A C   1 
ATOM   145 O O   . ILE A 1 20  ? 11.258  4.570   5.335   1.00 23.98 ? 31  ILE A O   1 
ATOM   146 C CB  . ILE A 1 20  ? 9.723   2.336   6.961   1.00 21.55 ? 31  ILE A CB  1 
ATOM   147 C CG1 . ILE A 1 20  ? 9.476   0.852   7.289   1.00 22.82 ? 31  ILE A CG1 1 
ATOM   148 C CG2 . ILE A 1 20  ? 8.494   3.169   7.372   1.00 18.73 ? 31  ILE A CG2 1 
ATOM   149 C CD1 . ILE A 1 20  ? 9.130   0.591   8.727   1.00 21.82 ? 31  ILE A CD1 1 
ATOM   150 N N   . ILE A 1 21  ? 9.193   4.513   4.405   1.00 20.59 ? 32  ILE A N   1 
ATOM   151 C CA  . ILE A 1 21  ? 9.168   5.880   3.900   1.00 19.29 ? 32  ILE A CA  1 
ATOM   152 C C   . ILE A 1 21  ? 8.488   6.844   4.874   1.00 18.09 ? 32  ILE A C   1 
ATOM   153 O O   . ILE A 1 21  ? 8.922   7.981   5.085   1.00 18.08 ? 32  ILE A O   1 
ATOM   154 C CB  . ILE A 1 21  ? 8.370   5.892   2.572   1.00 21.78 ? 32  ILE A CB  1 
ATOM   155 C CG1 . ILE A 1 21  ? 8.994   4.934   1.572   1.00 18.25 ? 32  ILE A CG1 1 
ATOM   156 C CG2 . ILE A 1 21  ? 8.242   7.306   2.004   1.00 25.48 ? 32  ILE A CG2 1 
ATOM   157 C CD1 . ILE A 1 21  ? 8.055   4.608   0.428   1.00 22.28 ? 32  ILE A CD1 1 
ATOM   158 N N   . PHE A 1 22  ? 7.403   6.388   5.467   1.00 13.80 ? 33  PHE A N   1 
ATOM   159 C CA  . PHE A 1 22  ? 6.655   7.228   6.363   1.00 13.62 ? 33  PHE A CA  1 
ATOM   160 C C   . PHE A 1 22  ? 5.819   6.319   7.239   1.00 17.20 ? 33  PHE A C   1 
ATOM   161 O O   . PHE A 1 22  ? 5.448   5.207   6.816   1.00 12.49 ? 33  PHE A O   1 
ATOM   162 C CB  . PHE A 1 22  ? 5.737   8.116   5.531   1.00 14.90 ? 33  PHE A CB  1 
ATOM   163 C CG  . PHE A 1 22  ? 4.857   9.006   6.342   1.00 20.49 ? 33  PHE A CG  1 
ATOM   164 C CD1 . PHE A 1 22  ? 5.386   10.111  6.995   1.00 24.94 ? 33  PHE A CD1 1 
ATOM   165 C CD2 . PHE A 1 22  ? 3.500   8.723   6.491   1.00 20.78 ? 33  PHE A CD2 1 
ATOM   166 C CE1 . PHE A 1 22  ? 4.577   10.926  7.786   1.00 29.17 ? 33  PHE A CE1 1 
ATOM   167 C CE2 . PHE A 1 22  ? 2.689   9.528   7.272   1.00 21.56 ? 33  PHE A CE2 1 
ATOM   168 C CZ  . PHE A 1 22  ? 3.225   10.628  7.926   1.00 24.72 ? 33  PHE A CZ  1 
ATOM   169 N N   . GLU A 1 23  ? 5.515   6.812   8.434   1.00 15.10 ? 34  GLU A N   1 
ATOM   170 C CA  . GLU A 1 23  ? 4.714   6.078   9.382   1.00 16.17 ? 34  GLU A CA  1 
ATOM   171 C C   . GLU A 1 23  ? 3.983   6.988   10.330  1.00 16.60 ? 34  GLU A C   1 
ATOM   172 O O   . GLU A 1 23  ? 4.549   7.955   10.841  1.00 19.22 ? 34  GLU A O   1 
ATOM   173 C CB  . GLU A 1 23  ? 5.592   5.128   10.185  1.00 17.94 ? 34  GLU A CB  1 
ATOM   174 C CG  . GLU A 1 23  ? 4.808   4.204   11.061  1.00 19.29 ? 34  GLU A CG  1 
ATOM   175 C CD  . GLU A 1 23  ? 5.676   3.276   11.876  1.00 22.17 ? 34  GLU A CD  1 
ATOM   176 O OE1 . GLU A 1 23  ? 6.872   3.091   11.561  1.00 22.38 ? 34  GLU A OE1 1 
ATOM   177 O OE2 . GLU A 1 23  ? 5.153   2.727   12.859  1.00 23.32 ? 34  GLU A OE2 1 
ATOM   178 N N   . ASP A 1 24  ? 2.690   6.728   10.497  1.00 17.18 ? 35  ASP A N   1 
ATOM   179 C CA  . ASP A 1 24  ? 1.881   7.488   11.429  1.00 16.04 ? 35  ASP A CA  1 
ATOM   180 C C   . ASP A 1 24  ? 1.077   6.540   12.304  1.00 15.25 ? 35  ASP A C   1 
ATOM   181 O O   . ASP A 1 24  ? 1.319   5.343   12.312  1.00 16.42 ? 35  ASP A O   1 
ATOM   182 C CB  . ASP A 1 24  ? 1.003   8.541   10.738  1.00 15.01 ? 35  ASP A CB  1 
ATOM   183 C CG  . ASP A 1 24  ? -0.086  7.950   9.863   1.00 14.21 ? 35  ASP A CG  1 
ATOM   184 O OD1 . ASP A 1 24  ? -0.384  6.754   9.921   1.00 14.32 ? 35  ASP A OD1 1 
ATOM   185 O OD2 . ASP A 1 24  ? -0.668  8.721   9.108   1.00 13.59 ? 35  ASP A OD2 1 
ATOM   186 N N   . ASP A 1 25  ? 0.143   7.075   13.059  1.00 18.27 ? 36  ASP A N   1 
ATOM   187 C CA  . ASP A 1 25  ? -0.644  6.248   13.945  1.00 19.14 ? 36  ASP A CA  1 
ATOM   188 C C   . ASP A 1 25  ? -1.566  5.241   13.250  1.00 19.87 ? 36  ASP A C   1 
ATOM   189 O O   . ASP A 1 25  ? -1.943  4.253   13.870  1.00 22.28 ? 36  ASP A O   1 
ATOM   190 C CB  . ASP A 1 25  ? -1.449  7.141   14.894  1.00 20.41 ? 36  ASP A CB  1 
ATOM   191 C CG  . ASP A 1 25  ? -2.344  8.128   14.159  1.00 24.95 ? 36  ASP A CG  1 
ATOM   192 O OD1 . ASP A 1 25  ? -1.863  8.850   13.254  1.00 27.29 ? 36  ASP A OD1 1 
ATOM   193 O OD2 . ASP A 1 25  ? -3.542  8.198   14.503  1.00 29.21 ? 36  ASP A OD2 1 
ATOM   194 N N   . GLN A 1 26  ? -1.877  5.462   11.970  1.00 17.00 ? 37  GLN A N   1 
ATOM   195 C CA  . GLN A 1 26  ? -2.792  4.602   11.212  1.00 16.04 ? 37  GLN A CA  1 
ATOM   196 C C   . GLN A 1 26  ? -2.213  3.721   10.121  1.00 15.27 ? 37  GLN A C   1 
ATOM   197 O O   . GLN A 1 26  ? -2.821  2.736   9.732   1.00 12.87 ? 37  GLN A O   1 
ATOM   198 C CB  . GLN A 1 26  ? -3.860  5.462   10.542  1.00 16.47 ? 37  GLN A CB  1 
ATOM   199 C CG  . GLN A 1 26  ? -4.647  6.305   11.479  1.00 19.76 ? 37  GLN A CG  1 
ATOM   200 C CD  . GLN A 1 26  ? -5.686  7.127   10.778  1.00 24.87 ? 37  GLN A CD  1 
ATOM   201 O OE1 . GLN A 1 26  ? -5.490  8.319   10.523  1.00 25.98 ? 37  GLN A OE1 1 
ATOM   202 N NE2 . GLN A 1 26  ? -6.825  6.511   10.488  1.00 26.66 ? 37  GLN A NE2 1 
ATOM   203 N N   . CYS A 1 27  ? -1.063  4.099   9.589   1.00 14.90 ? 38  CYS A N   1 
ATOM   204 C CA  . CYS A 1 27  ? -0.486  3.364   8.480   1.00 15.26 ? 38  CYS A CA  1 
ATOM   205 C C   . CYS A 1 27  ? 1.017   3.495   8.376   1.00 15.35 ? 38  CYS A C   1 
ATOM   206 O O   . CYS A 1 27  ? 1.656   4.251   9.122   1.00 16.26 ? 38  CYS A O   1 
ATOM   207 C CB  . CYS A 1 27  ? -1.113  3.829   7.159   1.00 17.34 ? 38  CYS A CB  1 
ATOM   208 S SG  . CYS A 1 27  ? -0.698  5.530   6.678   1.00 15.22 ? 38  CYS A SG  1 
ATOM   209 N N   . LEU A 1 28  ? 1.550   2.813   7.374   1.00 14.05 ? 39  LEU A N   1 
ATOM   210 C CA  . LEU A 1 28  ? 2.972   2.773   7.133   1.00 14.44 ? 39  LEU A CA  1 
ATOM   211 C C   . LEU A 1 28  ? 3.149   2.615   5.621   1.00 16.03 ? 39  LEU A C   1 
ATOM   212 O O   . LEU A 1 28  ? 2.304   2.019   4.934   1.00 13.66 ? 39  LEU A O   1 
ATOM   213 C CB  . LEU A 1 28  ? 3.517   1.578   7.921   1.00 18.48 ? 39  LEU A CB  1 
ATOM   214 C CG  . LEU A 1 28  ? 4.954   1.120   8.056   1.00 24.05 ? 39  LEU A CG  1 
ATOM   215 C CD1 . LEU A 1 28  ? 5.093   0.285   9.316   1.00 24.60 ? 39  LEU A CD1 1 
ATOM   216 C CD2 . LEU A 1 28  ? 5.337   0.316   6.851   1.00 25.43 ? 39  LEU A CD2 1 
ATOM   217 N N   . ALA A 1 29  ? 4.191   3.241   5.085   1.00 12.54 ? 40  ALA A N   1 
ATOM   218 C CA  . ALA A 1 29  ? 4.489   3.152   3.668   1.00 11.48 ? 40  ALA A CA  1 
ATOM   219 C C   . ALA A 1 29  ? 5.903   2.621   3.564   1.00 12.74 ? 40  ALA A C   1 
ATOM   220 O O   . ALA A 1 29  ? 6.764   3.000   4.356   1.00 13.23 ? 40  ALA A O   1 
ATOM   221 C CB  . ALA A 1 29  ? 4.396   4.526   3.017   1.00 11.90 ? 40  ALA A CB  1 
ATOM   222 N N   . PHE A 1 30  ? 6.131   1.698   2.641   1.00 12.59 ? 41  PHE A N   1 
ATOM   223 C CA  . PHE A 1 30  ? 7.464   1.121   2.442   1.00 14.35 ? 41  PHE A CA  1 
ATOM   224 C C   . PHE A 1 30  ? 7.622   0.664   1.001   1.00 15.59 ? 41  PHE A C   1 
ATOM   225 O O   . PHE A 1 30  ? 6.625   0.403   0.322   1.00 15.74 ? 41  PHE A O   1 
ATOM   226 C CB  . PHE A 1 30  ? 7.757   -0.019  3.451   1.00 16.77 ? 41  PHE A CB  1 
ATOM   227 C CG  . PHE A 1 30  ? 6.868   -1.228  3.292   1.00 19.54 ? 41  PHE A CG  1 
ATOM   228 C CD1 . PHE A 1 30  ? 5.594   -1.258  3.848   1.00 20.01 ? 41  PHE A CD1 1 
ATOM   229 C CD2 . PHE A 1 30  ? 7.288   -2.307  2.530   1.00 20.33 ? 41  PHE A CD2 1 
ATOM   230 C CE1 . PHE A 1 30  ? 4.748   -2.339  3.631   1.00 21.44 ? 41  PHE A CE1 1 
ATOM   231 C CE2 . PHE A 1 30  ? 6.452   -3.391  2.307   1.00 22.73 ? 41  PHE A CE2 1 
ATOM   232 C CZ  . PHE A 1 30  ? 5.177   -3.408  2.855   1.00 19.42 ? 41  PHE A CZ  1 
ATOM   233 N N   . HIS A 1 31  ? 8.865   0.622   0.516   1.00 14.89 ? 42  HIS A N   1 
ATOM   234 C CA  . HIS A 1 31  ? 9.131   0.206   -0.856  1.00 16.47 ? 42  HIS A CA  1 
ATOM   235 C C   . HIS A 1 31  ? 8.839   -1.264  -1.138  1.00 16.18 ? 42  HIS A C   1 
ATOM   236 O O   . HIS A 1 31  ? 9.106   -2.129  -0.308  1.00 16.38 ? 42  HIS A O   1 
ATOM   237 C CB  . HIS A 1 31  ? 10.575  0.523   -1.238  1.00 17.36 ? 42  HIS A CB  1 
ATOM   238 C CG  . HIS A 1 31  ? 10.845  1.984   -1.349  1.00 17.28 ? 42  HIS A CG  1 
ATOM   239 N ND1 . HIS A 1 31  ? 10.585  2.701   -2.496  1.00 17.91 ? 42  HIS A ND1 1 
ATOM   240 C CD2 . HIS A 1 31  ? 11.306  2.878   -0.444  1.00 20.25 ? 42  HIS A CD2 1 
ATOM   241 C CE1 . HIS A 1 31  ? 10.871  3.972   -2.295  1.00 21.62 ? 42  HIS A CE1 1 
ATOM   242 N NE2 . HIS A 1 31  ? 11.312  4.108   -1.057  1.00 21.87 ? 42  HIS A NE2 1 
ATOM   243 N N   . ASP A 1 32  ? 8.305   -1.531  -2.322  1.00 17.69 ? 43  ASP A N   1 
ATOM   244 C CA  . ASP A 1 32  ? 7.981   -2.882  -2.753  1.00 20.52 ? 43  ASP A CA  1 
ATOM   245 C C   . ASP A 1 32  ? 9.298   -3.539  -3.160  1.00 24.02 ? 43  ASP A C   1 
ATOM   246 O O   . ASP A 1 32  ? 10.020  -3.027  -4.006  1.00 23.90 ? 43  ASP A O   1 
ATOM   247 C CB  . ASP A 1 32  ? 7.026   -2.830  -3.957  1.00 18.87 ? 43  ASP A CB  1 
ATOM   248 C CG  . ASP A 1 32  ? 6.414   -4.187  -4.301  1.00 21.25 ? 43  ASP A CG  1 
ATOM   249 O OD1 . ASP A 1 32  ? 7.139   -5.079  -4.753  1.00 21.45 ? 43  ASP A OD1 1 
ATOM   250 O OD2 . ASP A 1 32  ? 5.188   -4.356  -4.158  1.00 23.95 ? 43  ASP A OD2 1 
ATOM   251 N N   . ILE A 1 33  ? 9.554   -4.716  -2.605  1.00 28.22 ? 44  ILE A N   1 
ATOM   252 C CA  . ILE A 1 33  ? 10.768  -5.473  -2.862  1.00 30.29 ? 44  ILE A CA  1 
ATOM   253 C C   . ILE A 1 33  ? 10.877  -6.026  -4.286  1.00 29.21 ? 44  ILE A C   1 
ATOM   254 O O   . ILE A 1 33  ? 11.936  -6.511  -4.677  1.00 30.67 ? 44  ILE A O   1 
ATOM   255 C CB  . ILE A 1 33  ? 10.916  -6.589  -1.799  1.00 33.94 ? 44  ILE A CB  1 
ATOM   256 C CG1 . ILE A 1 33  ? 12.384  -6.977  -1.631  1.00 38.85 ? 44  ILE A CG1 1 
ATOM   257 C CG2 . ILE A 1 33  ? 10.031  -7.790  -2.140  1.00 36.45 ? 44  ILE A CG2 1 
ATOM   258 C CD1 . ILE A 1 33  ? 12.709  -7.508  -0.243  1.00 42.28 ? 44  ILE A CD1 1 
ATOM   259 N N   . SER A 1 34  ? 9.773   -5.994  -5.035  1.00 29.86 ? 45  SER A N   1 
ATOM   260 C CA  . SER A 1 34  ? 9.727   -6.438  -6.439  1.00 30.55 ? 45  SER A CA  1 
ATOM   261 C C   . SER A 1 34  ? 9.034   -5.324  -7.229  1.00 28.41 ? 45  SER A C   1 
ATOM   262 O O   . SER A 1 34  ? 7.937   -5.521  -7.766  1.00 25.75 ? 45  SER A O   1 
ATOM   263 C CB  . SER A 1 34  ? 8.916   -7.734  -6.594  1.00 33.26 ? 45  SER A CB  1 
ATOM   264 O OG  . SER A 1 34  ? 9.526   -8.820  -5.929  1.00 40.43 ? 45  SER A OG  1 
ATOM   265 N N   . PRO A 1 35  ? 9.704   -4.171  -7.382  1.00 26.72 ? 46  PRO A N   1 
ATOM   266 C CA  . PRO A 1 35  ? 9.185   -2.997  -8.086  1.00 26.80 ? 46  PRO A CA  1 
ATOM   267 C C   . PRO A 1 35  ? 8.831   -3.261  -9.528  1.00 26.16 ? 46  PRO A C   1 
ATOM   268 O O   . PRO A 1 35  ? 9.545   -3.966  -10.232 1.00 28.35 ? 46  PRO A O   1 
ATOM   269 C CB  . PRO A 1 35  ? 10.335  -1.987  -7.997  1.00 26.08 ? 46  PRO A CB  1 
ATOM   270 C CG  . PRO A 1 35  ? 11.228  -2.517  -6.933  1.00 30.64 ? 46  PRO A CG  1 
ATOM   271 C CD  . PRO A 1 35  ? 11.139  -4.002  -7.119  1.00 27.70 ? 46  PRO A CD  1 
ATOM   272 N N   . GLN A 1 36  ? 7.720   -2.679  -9.962  1.00 24.70 ? 47  GLN A N   1 
ATOM   273 C CA  . GLN A 1 36  ? 7.266   -2.828  -11.333 1.00 22.69 ? 47  GLN A CA  1 
ATOM   274 C C   . GLN A 1 36  ? 7.407   -1.500  -12.081 1.00 23.18 ? 47  GLN A C   1 
ATOM   275 O O   . GLN A 1 36  ? 6.944   -1.362  -13.218 1.00 23.20 ? 47  GLN A O   1 
ATOM   276 C CB  . GLN A 1 36  ? 5.818   -3.308  -11.353 1.00 23.69 ? 47  GLN A CB  1 
ATOM   277 C CG  . GLN A 1 36  ? 5.630   -4.655  -10.657 1.00 30.70 ? 47  GLN A CG  1 
ATOM   278 C CD  . GLN A 1 36  ? 6.327   -5.812  -11.375 1.00 32.39 ? 47  GLN A CD  1 
ATOM   279 O OE1 . GLN A 1 36  ? 6.038   -6.106  -12.543 1.00 35.43 ? 47  GLN A OE1 1 
ATOM   280 N NE2 . GLN A 1 36  ? 7.224   -6.488  -10.670 1.00 32.39 ? 47  GLN A NE2 1 
ATOM   281 N N   . ALA A 1 37  ? 8.022   -0.521  -11.417 1.00 20.40 ? 48  ALA A N   1 
ATOM   282 C CA  . ALA A 1 37  ? 8.263   0.797   -11.998 1.00 18.71 ? 48  ALA A CA  1 
ATOM   283 C C   . ALA A 1 37  ? 9.426   1.368   -11.194 1.00 20.21 ? 48  ALA A C   1 
ATOM   284 O O   . ALA A 1 37  ? 9.785   0.812   -10.148 1.00 19.86 ? 48  ALA A O   1 
ATOM   285 C CB  . ALA A 1 37  ? 7.030   1.680   -11.860 1.00 16.32 ? 48  ALA A CB  1 
ATOM   286 N N   . PRO A 1 38  ? 10.085  2.432   -11.703 1.00 22.63 ? 49  PRO A N   1 
ATOM   287 C CA  . PRO A 1 38  ? 11.216  3.060   -11.001 1.00 22.93 ? 49  PRO A CA  1 
ATOM   288 C C   . PRO A 1 38  ? 10.900  3.385   -9.540  1.00 21.64 ? 49  PRO A C   1 
ATOM   289 O O   . PRO A 1 38  ? 11.780  3.302   -8.676  1.00 23.44 ? 49  PRO A O   1 
ATOM   290 C CB  . PRO A 1 38  ? 11.485  4.302   -11.846 1.00 21.58 ? 49  PRO A CB  1 
ATOM   291 C CG  . PRO A 1 38  ? 11.226  3.781   -13.233 1.00 22.56 ? 49  PRO A CG  1 
ATOM   292 C CD  . PRO A 1 38  ? 9.929   3.018   -13.053 1.00 23.23 ? 49  PRO A CD  1 
ATOM   293 N N   . THR A 1 39  ? 9.652   3.773   -9.281  1.00 19.00 ? 50  THR A N   1 
ATOM   294 C CA  . THR A 1 39  ? 9.203   4.030   -7.916  1.00 18.76 ? 50  THR A CA  1 
ATOM   295 C C   . THR A 1 39  ? 7.957   3.162   -7.757  1.00 18.44 ? 50  THR A C   1 
ATOM   296 O O   . THR A 1 39  ? 7.028   3.244   -8.569  1.00 15.63 ? 50  THR A O   1 
ATOM   297 C CB  . THR A 1 39  ? 8.853   5.525   -7.646  1.00 21.02 ? 50  THR A CB  1 
ATOM   298 O OG1 . THR A 1 39  ? 10.033  6.330   -7.783  1.00 22.69 ? 50  THR A OG1 1 
ATOM   299 C CG2 . THR A 1 39  ? 8.309   5.709   -6.226  1.00 19.92 ? 50  THR A CG2 1 
ATOM   300 N N   . HIS A 1 40  ? 7.995   2.278   -6.763  1.00 19.17 ? 51  HIS A N   1 
ATOM   301 C CA  . HIS A 1 40  ? 6.877   1.376   -6.470  1.00 18.82 ? 51  HIS A CA  1 
ATOM   302 C C   . HIS A 1 40  ? 6.877   1.098   -4.979  1.00 15.29 ? 51  HIS A C   1 
ATOM   303 O O   . HIS A 1 40  ? 7.766   0.413   -4.473  1.00 16.31 ? 51  HIS A O   1 
ATOM   304 C CB  . HIS A 1 40  ? 7.033   0.069   -7.254  1.00 18.95 ? 51  HIS A CB  1 
ATOM   305 C CG  . HIS A 1 40  ? 5.924   -0.913  -7.036  1.00 18.84 ? 51  HIS A CG  1 
ATOM   306 N ND1 . HIS A 1 40  ? 5.825   -2.117  -7.693  1.00 17.93 ? 51  HIS A ND1 1 
ATOM   307 C CD2 . HIS A 1 40  ? 4.857   -0.858  -6.200  1.00 16.98 ? 51  HIS A CD2 1 
ATOM   308 C CE1 . HIS A 1 40  ? 4.727   -2.740  -7.246  1.00 17.84 ? 51  HIS A CE1 1 
ATOM   309 N NE2 . HIS A 1 40  ? 4.107   -2.011  -6.337  1.00 18.21 ? 51  HIS A NE2 1 
ATOM   310 N N   . PHE A 1 41  ? 5.927   1.696   -4.267  1.00 12.77 ? 52  PHE A N   1 
ATOM   311 C CA  . PHE A 1 41  ? 5.833   1.499   -2.826  1.00 12.14 ? 52  PHE A CA  1 
ATOM   312 C C   . PHE A 1 41  ? 4.417   1.093   -2.427  1.00 10.26 ? 52  PHE A C   1 
ATOM   313 O O   . PHE A 1 41  ? 3.503   1.148   -3.233  1.00 11.96 ? 52  PHE A O   1 
ATOM   314 C CB  . PHE A 1 41  ? 6.307   2.736   -2.023  1.00 8.13  ? 52  PHE A CB  1 
ATOM   315 C CG  . PHE A 1 41  ? 5.516   3.995   -2.281  1.00 12.13 ? 52  PHE A CG  1 
ATOM   316 C CD1 . PHE A 1 41  ? 5.821   4.818   -3.357  1.00 13.35 ? 52  PHE A CD1 1 
ATOM   317 C CD2 . PHE A 1 41  ? 4.479   4.371   -1.433  1.00 11.36 ? 52  PHE A CD2 1 
ATOM   318 C CE1 . PHE A 1 41  ? 5.112   6.000   -3.586  1.00 12.70 ? 52  PHE A CE1 1 
ATOM   319 C CE2 . PHE A 1 41  ? 3.759   5.554   -1.647  1.00 12.83 ? 52  PHE A CE2 1 
ATOM   320 C CZ  . PHE A 1 41  ? 4.076   6.372   -2.728  1.00 12.01 ? 52  PHE A CZ  1 
ATOM   321 N N   . LEU A 1 42  ? 4.252   0.681   -1.185  1.00 12.33 ? 53  LEU A N   1 
ATOM   322 C CA  . LEU A 1 42  ? 2.946   0.265   -0.693  1.00 14.14 ? 53  LEU A CA  1 
ATOM   323 C C   . LEU A 1 42  ? 2.587   1.065   0.540   1.00 12.84 ? 53  LEU A C   1 
ATOM   324 O O   . LEU A 1 42  ? 3.465   1.451   1.312   1.00 12.83 ? 53  LEU A O   1 
ATOM   325 C CB  . LEU A 1 42  ? 3.001   -1.212  -0.280  1.00 14.95 ? 53  LEU A CB  1 
ATOM   326 C CG  . LEU A 1 42  ? 3.428   -2.244  -1.321  1.00 16.07 ? 53  LEU A CG  1 
ATOM   327 C CD1 . LEU A 1 42  ? 3.998   -3.427  -0.623  1.00 20.56 ? 53  LEU A CD1 1 
ATOM   328 C CD2 . LEU A 1 42  ? 2.257   -2.659  -2.172  1.00 20.83 ? 53  LEU A CD2 1 
ATOM   329 N N   . VAL A 1 43  ? 1.294   1.301   0.734   1.00 11.37 ? 54  VAL A N   1 
ATOM   330 C CA  . VAL A 1 43  ? 0.806   1.981   1.926   1.00 9.56  ? 54  VAL A CA  1 
ATOM   331 C C   . VAL A 1 43  ? -0.161  0.963   2.515   1.00 13.59 ? 54  VAL A C   1 
ATOM   332 O O   . VAL A 1 43  ? -1.111  0.531   1.845   1.00 13.45 ? 54  VAL A O   1 
ATOM   333 C CB  . VAL A 1 43  ? 0.045   3.277   1.616   1.00 8.94  ? 54  VAL A CB  1 
ATOM   334 C CG1 . VAL A 1 43  ? -0.307  3.986   2.909   1.00 8.06  ? 54  VAL A CG1 1 
ATOM   335 C CG2 . VAL A 1 43  ? 0.882   4.187   0.705   1.00 9.87  ? 54  VAL A CG2 1 
ATOM   336 N N   . ILE A 1 44  ? 0.109   0.527   3.739   1.00 14.71 ? 55  ILE A N   1 
ATOM   337 C CA  . ILE A 1 44  ? -0.755  -0.465  4.394   1.00 16.36 ? 55  ILE A CA  1 
ATOM   338 C C   . ILE A 1 44  ? -1.304  0.031   5.730   1.00 16.75 ? 55  ILE A C   1 
ATOM   339 O O   . ILE A 1 44  ? -0.634  0.782   6.457   1.00 17.55 ? 55  ILE A O   1 
ATOM   340 C CB  . ILE A 1 44  ? 0.000   -1.796  4.635   1.00 15.82 ? 55  ILE A CB  1 
ATOM   341 C CG1 . ILE A 1 44  ? 1.092   -1.600  5.705   1.00 18.20 ? 55  ILE A CG1 1 
ATOM   342 C CG2 . ILE A 1 44  ? 0.586   -2.312  3.316   1.00 14.53 ? 55  ILE A CG2 1 
ATOM   343 C CD1 . ILE A 1 44  ? 1.935   -2.837  6.013   1.00 20.40 ? 55  ILE A CD1 1 
ATOM   344 N N   . PRO A 1 45  ? -2.543  -0.374  6.078   1.00 16.63 ? 56  PRO A N   1 
ATOM   345 C CA  . PRO A 1 45  ? -3.130  0.056   7.350   1.00 12.89 ? 56  PRO A CA  1 
ATOM   346 C C   . PRO A 1 45  ? -2.554  -0.797  8.466   1.00 11.04 ? 56  PRO A C   1 
ATOM   347 O O   . PRO A 1 45  ? -2.122  -1.920  8.226   1.00 14.51 ? 56  PRO A O   1 
ATOM   348 C CB  . PRO A 1 45  ? -4.615  -0.212  7.130   1.00 14.51 ? 56  PRO A CB  1 
ATOM   349 C CG  . PRO A 1 45  ? -4.589  -1.459  6.294   1.00 15.52 ? 56  PRO A CG  1 
ATOM   350 C CD  . PRO A 1 45  ? -3.496  -1.187  5.300   1.00 15.26 ? 56  PRO A CD  1 
ATOM   351 N N   . LYS A 1 46  ? -2.437  -0.228  9.664   1.00 14.06 ? 57  LYS A N   1 
ATOM   352 C CA  . LYS A 1 46  ? -1.933  -0.976  10.813  1.00 17.36 ? 57  LYS A CA  1 
ATOM   353 C C   . LYS A 1 46  ? -3.029  -1.943  11.308  1.00 18.63 ? 57  LYS A C   1 
ATOM   354 O O   . LYS A 1 46  ? -2.729  -2.982  11.890  1.00 19.20 ? 57  LYS A O   1 
ATOM   355 C CB  . LYS A 1 46  ? -1.476  -0.037  11.940  1.00 18.54 ? 57  LYS A CB  1 
ATOM   356 C CG  . LYS A 1 46  ? -0.108  0.538   11.677  1.00 17.95 ? 57  LYS A CG  1 
ATOM   357 C CD  . LYS A 1 46  ? 0.257   1.581   12.687  1.00 20.70 ? 57  LYS A CD  1 
ATOM   358 C CE  . LYS A 1 46  ? 1.681   2.052   12.408  1.00 20.75 ? 57  LYS A CE  1 
ATOM   359 N NZ  . LYS A 1 46  ? 2.176   2.973   13.487  1.00 21.03 ? 57  LYS A NZ  1 
ATOM   360 N N   . LYS A 1 47  ? -4.284  -1.563  11.079  1.00 19.59 ? 58  LYS A N   1 
ATOM   361 C CA  . LYS A 1 47  ? -5.431  -2.398  11.429  1.00 20.72 ? 58  LYS A CA  1 
ATOM   362 C C   . LYS A 1 47  ? -5.469  -3.509  10.376  1.00 18.95 ? 58  LYS A C   1 
ATOM   363 O O   . LYS A 1 47  ? -5.403  -3.225  9.188   1.00 18.35 ? 58  LYS A O   1 
ATOM   364 C CB  . LYS A 1 47  ? -6.729  -1.576  11.327  1.00 21.59 ? 58  LYS A CB  1 
ATOM   365 C CG  . LYS A 1 47  ? -8.014  -2.378  11.598  1.00 26.03 ? 58  LYS A CG  1 
ATOM   366 C CD  . LYS A 1 47  ? -9.298  -1.582  11.345  1.00 24.34 ? 58  LYS A CD  1 
ATOM   367 C CE  . LYS A 1 47  ? -10.510 -2.401  11.793  1.00 29.58 ? 58  LYS A CE  1 
ATOM   368 N NZ  . LYS A 1 47  ? -11.834 -1.707  11.694  1.00 32.63 ? 58  LYS A NZ  1 
ATOM   369 N N   . HIS A 1 48  ? -5.576  -4.764  10.791  1.00 18.81 ? 59  HIS A N   1 
ATOM   370 C CA  . HIS A 1 48  ? -5.640  -5.835  9.824   1.00 20.15 ? 59  HIS A CA  1 
ATOM   371 C C   . HIS A 1 48  ? -7.024  -5.963  9.199   1.00 18.98 ? 59  HIS A C   1 
ATOM   372 O O   . HIS A 1 48  ? -8.010  -6.229  9.885   1.00 19.04 ? 59  HIS A O   1 
ATOM   373 C CB  . HIS A 1 48  ? -5.243  -7.179  10.439  1.00 24.96 ? 59  HIS A CB  1 
ATOM   374 C CG  . HIS A 1 48  ? -5.345  -8.332  9.476   1.00 33.17 ? 59  HIS A CG  1 
ATOM   375 N ND1 . HIS A 1 48  ? -6.431  -9.185  9.448   1.00 36.89 ? 59  HIS A ND1 1 
ATOM   376 C CD2 . HIS A 1 48  ? -4.508  -8.761  8.498   1.00 35.22 ? 59  HIS A CD2 1 
ATOM   377 C CE1 . HIS A 1 48  ? -6.258  -10.088 8.497   1.00 37.41 ? 59  HIS A CE1 1 
ATOM   378 N NE2 . HIS A 1 48  ? -5.099  -9.854  7.905   1.00 36.26 ? 59  HIS A NE2 1 
ATOM   379 N N   . ILE A 1 49  ? -7.084  -5.693  7.901   1.00 17.95 ? 60  ILE A N   1 
ATOM   380 C CA  . ILE A 1 49  ? -8.306  -5.841  7.118   1.00 15.99 ? 60  ILE A CA  1 
ATOM   381 C C   . ILE A 1 49  ? -7.768  -6.795  6.083   1.00 16.74 ? 60  ILE A C   1 
ATOM   382 O O   . ILE A 1 49  ? -6.782  -6.497  5.415   1.00 16.30 ? 60  ILE A O   1 
ATOM   383 C CB  . ILE A 1 49  ? -8.726  -4.548  6.442   1.00 14.73 ? 60  ILE A CB  1 
ATOM   384 C CG1 . ILE A 1 49  ? -9.039  -3.495  7.498   1.00 12.26 ? 60  ILE A CG1 1 
ATOM   385 C CG2 . ILE A 1 49  ? -9.934  -4.805  5.537   1.00 15.56 ? 60  ILE A CG2 1 
ATOM   386 C CD1 . ILE A 1 49  ? -9.475  -2.181  6.918   1.00 16.60 ? 60  ILE A CD1 1 
ATOM   387 N N   . SER A 1 50  ? -8.352  -7.984  6.011   1.00 15.02 ? 61  SER A N   1 
ATOM   388 C CA  . SER A 1 50  ? -7.868  -9.006  5.089   1.00 14.22 ? 61  SER A CA  1 
ATOM   389 C C   . SER A 1 50  ? -7.997  -8.715  3.602   1.00 11.46 ? 61  SER A C   1 
ATOM   390 O O   . SER A 1 50  ? -7.101  -9.063  2.830   1.00 14.28 ? 61  SER A O   1 
ATOM   391 C CB  . SER A 1 50  ? -8.593  -10.324 5.375   1.00 18.34 ? 61  SER A CB  1 
ATOM   392 O OG  . SER A 1 50  ? -10.004 -10.121 5.268   1.00 21.25 ? 61  SER A OG  1 
ATOM   393 N N   . GLN A 1 51  ? -9.123  -8.124  3.206   1.00 10.79 ? 62  GLN A N   1 
ATOM   394 C CA  . GLN A 1 51  ? -9.430  -7.865  1.808   1.00 11.53 ? 62  GLN A CA  1 
ATOM   395 C C   . GLN A 1 51  ? -10.324 -6.650  1.779   1.00 11.44 ? 62  GLN A C   1 
ATOM   396 O O   . GLN A 1 51  ? -11.023 -6.389  2.749   1.00 14.60 ? 62  GLN A O   1 
ATOM   397 C CB  . GLN A 1 51  ? -10.242 -9.050  1.227   1.00 14.45 ? 62  GLN A CB  1 
ATOM   398 C CG  . GLN A 1 51  ? -9.481  -10.341 1.049   1.00 18.86 ? 62  GLN A CG  1 
ATOM   399 C CD  . GLN A 1 51  ? -10.391 -11.548 0.902   1.00 19.58 ? 62  GLN A CD  1 
ATOM   400 O OE1 . GLN A 1 51  ? -10.568 -12.314 1.835   1.00 18.58 ? 62  GLN A OE1 1 
ATOM   401 N NE2 . GLN A 1 51  ? -10.923 -11.743 -0.282  1.00 21.53 ? 62  GLN A NE2 1 
ATOM   402 N N   . ILE A 1 52  ? -10.350 -5.955  0.641   1.00 16.65 ? 63  ILE A N   1 
ATOM   403 C CA  . ILE A 1 52  ? -11.171 -4.755  0.464   1.00 18.36 ? 63  ILE A CA  1 
ATOM   404 C C   . ILE A 1 52  ? -12.664 -5.116  0.485   1.00 19.09 ? 63  ILE A C   1 
ATOM   405 O O   . ILE A 1 52  ? -13.508 -4.321  0.909   1.00 20.73 ? 63  ILE A O   1 
ATOM   406 C CB  . ILE A 1 52  ? -10.762 -3.960  -0.839  1.00 17.10 ? 63  ILE A CB  1 
ATOM   407 C CG1 . ILE A 1 52  ? -11.322 -2.533  -0.799  1.00 21.79 ? 63  ILE A CG1 1 
ATOM   408 C CG2 . ILE A 1 52  ? -11.229 -4.655  -2.096  1.00 15.51 ? 63  ILE A CG2 1 
ATOM   409 C CD1 . ILE A 1 52  ? -10.650 -1.649  0.220   1.00 18.80 ? 63  ILE A CD1 1 
ATOM   410 N N   . SER A 1 53  ? -12.969 -6.359  0.125   1.00 21.16 ? 64  SER A N   1 
ATOM   411 C CA  . SER A 1 53  ? -14.344 -6.850  0.126   1.00 18.68 ? 64  SER A CA  1 
ATOM   412 C C   . SER A 1 53  ? -14.877 -6.996  1.559   1.00 19.60 ? 64  SER A C   1 
ATOM   413 O O   . SER A 1 53  ? -16.077 -6.929  1.790   1.00 22.90 ? 64  SER A O   1 
ATOM   414 C CB  . SER A 1 53  ? -14.417 -8.187  -0.630  1.00 15.47 ? 64  SER A CB  1 
ATOM   415 O OG  . SER A 1 53  ? -13.531 -9.133  -0.069  1.00 14.43 ? 64  SER A OG  1 
ATOM   416 N N   . ALA A 1 54  ? -13.978 -7.167  2.522   1.00 19.87 ? 65  ALA A N   1 
ATOM   417 C CA  . ALA A 1 54  ? -14.348 -7.297  3.935   1.00 17.98 ? 65  ALA A CA  1 
ATOM   418 C C   . ALA A 1 54  ? -14.274 -5.982  4.721   1.00 17.87 ? 65  ALA A C   1 
ATOM   419 O O   . ALA A 1 54  ? -14.474 -5.984  5.923   1.00 20.73 ? 65  ALA A O   1 
ATOM   420 C CB  . ALA A 1 54  ? -13.449 -8.334  4.629   1.00 18.98 ? 65  ALA A CB  1 
ATOM   421 N N   . ALA A 1 55  ? -13.898 -4.881  4.083   1.00 17.68 ? 66  ALA A N   1 
ATOM   422 C CA  . ALA A 1 55  ? -13.831 -3.616  4.814   1.00 17.67 ? 66  ALA A CA  1 
ATOM   423 C C   . ALA A 1 55  ? -15.243 -3.192  5.184   1.00 18.94 ? 66  ALA A C   1 
ATOM   424 O O   . ALA A 1 55  ? -16.168 -3.368  4.394   1.00 21.76 ? 66  ALA A O   1 
ATOM   425 C CB  . ALA A 1 55  ? -13.192 -2.542  3.955   1.00 14.28 ? 66  ALA A CB  1 
ATOM   426 N N   . GLU A 1 56  ? -15.424 -2.639  6.376   1.00 20.60 ? 67  GLU A N   1 
ATOM   427 C CA  . GLU A 1 56  ? -16.743 -2.181  6.774   1.00 24.11 ? 67  GLU A CA  1 
ATOM   428 C C   . GLU A 1 56  ? -16.922 -0.707  6.502   1.00 24.21 ? 67  GLU A C   1 
ATOM   429 O O   . GLU A 1 56  ? -15.970 -0.003  6.153   1.00 22.78 ? 67  GLU A O   1 
ATOM   430 C CB  . GLU A 1 56  ? -16.977 -2.461  8.237   1.00 28.89 ? 67  GLU A CB  1 
ATOM   431 C CG  . GLU A 1 56  ? -16.802 -3.913  8.551   1.00 38.33 ? 67  GLU A CG  1 
ATOM   432 C CD  . GLU A 1 56  ? -16.118 -4.103  9.869   1.00 46.43 ? 67  GLU A CD  1 
ATOM   433 O OE1 . GLU A 1 56  ? -14.989 -3.585  10.030  1.00 50.68 ? 67  GLU A OE1 1 
ATOM   434 O OE2 . GLU A 1 56  ? -16.711 -4.752  10.755  1.00 52.05 ? 67  GLU A OE2 1 
ATOM   435 N N   . ASP A 1 57  ? -18.148 -0.239  6.686   1.00 24.15 ? 68  ASP A N   1 
ATOM   436 C CA  . ASP A 1 57  ? -18.471 1.160   6.453   1.00 26.62 ? 68  ASP A CA  1 
ATOM   437 C C   . ASP A 1 57  ? -17.627 2.091   7.319   1.00 25.55 ? 68  ASP A C   1 
ATOM   438 O O   . ASP A 1 57  ? -17.202 3.153   6.867   1.00 27.23 ? 68  ASP A O   1 
ATOM   439 C CB  . ASP A 1 57  ? -19.964 1.411   6.685   1.00 29.00 ? 68  ASP A CB  1 
ATOM   440 C CG  . ASP A 1 57  ? -20.850 0.816   5.569   1.00 36.18 ? 68  ASP A CG  1 
ATOM   441 O OD1 . ASP A 1 57  ? -20.328 0.236   4.585   1.00 33.78 ? 68  ASP A OD1 1 
ATOM   442 O OD2 . ASP A 1 57  ? -22.090 0.942   5.682   1.00 39.71 ? 68  ASP A OD2 1 
ATOM   443 N N   . ALA A 1 58  ? -17.329 1.654   8.533   1.00 22.64 ? 69  ALA A N   1 
ATOM   444 C CA  . ALA A 1 58  ? -16.527 2.441   9.461   1.00 23.64 ? 69  ALA A CA  1 
ATOM   445 C C   . ALA A 1 58  ? -15.031 2.557   9.066   1.00 22.41 ? 69  ALA A C   1 
ATOM   446 O O   . ALA A 1 58  ? -14.296 3.344   9.659   1.00 22.56 ? 69  ALA A O   1 
ATOM   447 C CB  . ALA A 1 58  ? -16.654 1.847   10.870  1.00 23.80 ? 69  ALA A CB  1 
ATOM   448 N N   . ASP A 1 59  ? -14.581 1.748   8.109   1.00 21.14 ? 70  ASP A N   1 
ATOM   449 C CA  . ASP A 1 59  ? -13.187 1.773   7.657   1.00 18.64 ? 70  ASP A CA  1 
ATOM   450 C C   . ASP A 1 59  ? -12.977 2.794   6.554   1.00 18.25 ? 70  ASP A C   1 
ATOM   451 O O   . ASP A 1 59  ? -11.894 2.926   5.998   1.00 19.12 ? 70  ASP A O   1 
ATOM   452 C CB  . ASP A 1 59  ? -12.757 0.398   7.132   1.00 20.00 ? 70  ASP A CB  1 
ATOM   453 C CG  . ASP A 1 59  ? -12.686 -0.650  8.223   1.00 22.26 ? 70  ASP A CG  1 
ATOM   454 O OD1 . ASP A 1 59  ? -12.179 -0.362  9.329   1.00 19.03 ? 70  ASP A OD1 1 
ATOM   455 O OD2 . ASP A 1 59  ? -13.129 -1.775  7.960   1.00 21.88 ? 70  ASP A OD2 1 
ATOM   456 N N   . GLU A 1 60  ? -14.039 3.493   6.234   1.00 17.27 ? 71  GLU A N   1 
ATOM   457 C CA  . GLU A 1 60  ? -14.041 4.502   5.204   1.00 17.25 ? 71  GLU A CA  1 
ATOM   458 C C   . GLU A 1 60  ? -12.908 5.537   5.297   1.00 15.65 ? 71  GLU A C   1 
ATOM   459 O O   . GLU A 1 60  ? -12.216 5.794   4.311   1.00 13.74 ? 71  GLU A O   1 
ATOM   460 C CB  . GLU A 1 60  ? -15.373 5.198   5.295   1.00 18.56 ? 71  GLU A CB  1 
ATOM   461 C CG  . GLU A 1 60  ? -15.732 5.969   4.120   1.00 21.51 ? 71  GLU A CG  1 
ATOM   462 C CD  . GLU A 1 60  ? -17.183 6.307   4.159   1.00 22.50 ? 71  GLU A CD  1 
ATOM   463 O OE1 . GLU A 1 60  ? -17.518 7.362   4.739   1.00 25.78 ? 71  GLU A OE1 1 
ATOM   464 O OE2 . GLU A 1 60  ? -17.981 5.501   3.631   1.00 24.19 ? 71  GLU A OE2 1 
ATOM   465 N N   . SER A 1 61  ? -12.778 6.171   6.459   1.00 14.74 ? 72  SER A N   1 
ATOM   466 C CA  . SER A 1 61  ? -11.745 7.187   6.681   1.00 13.85 ? 72  SER A CA  1 
ATOM   467 C C   . SER A 1 61  ? -10.355 6.599   6.544   1.00 10.80 ? 72  SER A C   1 
ATOM   468 O O   . SER A 1 61  ? -9.503  7.186   5.887   1.00 13.40 ? 72  SER A O   1 
ATOM   469 C CB  . SER A 1 61  ? -11.898 7.793   8.067   1.00 16.18 ? 72  SER A CB  1 
ATOM   470 O OG  . SER A 1 61  ? -13.104 8.520   8.153   1.00 24.59 ? 72  SER A OG  1 
ATOM   471 N N   . LEU A 1 62  ? -10.135 5.456   7.200   1.00 11.11 ? 73  LEU A N   1 
ATOM   472 C CA  . LEU A 1 62  ? -8.869  4.740   7.151   1.00 11.87 ? 73  LEU A CA  1 
ATOM   473 C C   . LEU A 1 62  ? -8.467  4.434   5.708   1.00 13.29 ? 73  LEU A C   1 
ATOM   474 O O   . LEU A 1 62  ? -7.303  4.598   5.343   1.00 15.96 ? 73  LEU A O   1 
ATOM   475 C CB  . LEU A 1 62  ? -8.924  3.432   7.974   1.00 11.37 ? 73  LEU A CB  1 
ATOM   476 C CG  . LEU A 1 62  ? -7.706  2.487   7.836   1.00 16.48 ? 73  LEU A CG  1 
ATOM   477 C CD1 . LEU A 1 62  ? -6.407  3.187   8.318   1.00 16.52 ? 73  LEU A CD1 1 
ATOM   478 C CD2 . LEU A 1 62  ? -7.915  1.170   8.608   1.00 13.94 ? 73  LEU A CD2 1 
ATOM   479 N N   . LEU A 1 63  ? -9.407  3.972   4.891   1.00 12.84 ? 74  LEU A N   1 
ATOM   480 C CA  . LEU A 1 63  ? -9.107  3.655   3.500   1.00 12.79 ? 74  LEU A CA  1 
ATOM   481 C C   . LEU A 1 63  ? -8.765  4.939   2.757   1.00 11.62 ? 74  LEU A C   1 
ATOM   482 O O   . LEU A 1 63  ? -7.829  4.972   1.972   1.00 13.40 ? 74  LEU A O   1 
ATOM   483 C CB  . LEU A 1 63  ? -10.292 2.926   2.858   1.00 15.94 ? 74  LEU A CB  1 
ATOM   484 C CG  . LEU A 1 63  ? -10.580 1.517   3.433   1.00 14.02 ? 74  LEU A CG  1 
ATOM   485 C CD1 . LEU A 1 63  ? -11.867 0.951   2.845   1.00 15.79 ? 74  LEU A CD1 1 
ATOM   486 C CD2 . LEU A 1 63  ? -9.418  0.567   3.175   1.00 12.51 ? 74  LEU A CD2 1 
ATOM   487 N N   . GLY A 1 64  ? -9.528  5.994   3.014   1.00 9.72  ? 75  GLY A N   1 
ATOM   488 C CA  . GLY A 1 64  ? -9.250  7.281   2.395   1.00 12.08 ? 75  GLY A CA  1 
ATOM   489 C C   . GLY A 1 64  ? -7.888  7.802   2.849   1.00 11.76 ? 75  GLY A C   1 
ATOM   490 O O   . GLY A 1 64  ? -7.164  8.422   2.069   1.00 13.10 ? 75  GLY A O   1 
ATOM   491 N N   . HIS A 1 65  ? -7.517  7.508   4.091   1.00 10.89 ? 76  HIS A N   1 
ATOM   492 C CA  . HIS A 1 65  ? -6.238  7.937   4.642   1.00 10.13 ? 76  HIS A CA  1 
ATOM   493 C C   . HIS A 1 65  ? -5.048  7.297   3.929   1.00 13.23 ? 76  HIS A C   1 
ATOM   494 O O   . HIS A 1 65  ? -4.002  7.934   3.796   1.00 10.28 ? 76  HIS A O   1 
ATOM   495 C CB  . HIS A 1 65  ? -6.191  7.680   6.144   1.00 10.22 ? 76  HIS A CB  1 
ATOM   496 C CG  . HIS A 1 65  ? -5.016  8.317   6.832   1.00 10.77 ? 76  HIS A CG  1 
ATOM   497 N ND1 . HIS A 1 65  ? -3.932  7.595   7.268   1.00 13.80 ? 76  HIS A ND1 1 
ATOM   498 C CD2 . HIS A 1 65  ? -4.774  9.607   7.173   1.00 13.90 ? 76  HIS A CD2 1 
ATOM   499 C CE1 . HIS A 1 65  ? -3.068  8.407   7.848   1.00 10.44 ? 76  HIS A CE1 1 
ATOM   500 N NE2 . HIS A 1 65  ? -3.556  9.632   7.804   1.00 15.35 ? 76  HIS A NE2 1 
ATOM   501 N N   . LEU A 1 66  ? -5.188  6.059   3.452   1.00 8.17  ? 77  LEU A N   1 
ATOM   502 C CA  . LEU A 1 66  ? -4.101  5.406   2.725   1.00 11.07 ? 77  LEU A CA  1 
ATOM   503 C C   . LEU A 1 66  ? -3.805  6.146   1.423   1.00 9.64  ? 77  LEU A C   1 
ATOM   504 O O   . LEU A 1 66  ? -2.672  6.170   0.965   1.00 9.24  ? 77  LEU A O   1 
ATOM   505 C CB  . LEU A 1 66  ? -4.437  3.949   2.386   1.00 11.75 ? 77  LEU A CB  1 
ATOM   506 C CG  . LEU A 1 66  ? -4.875  2.995   3.514   1.00 14.94 ? 77  LEU A CG  1 
ATOM   507 C CD1 . LEU A 1 66  ? -5.041  1.585   2.931   1.00 15.66 ? 77  LEU A CD1 1 
ATOM   508 C CD2 . LEU A 1 66  ? -3.867  2.968   4.647   1.00 14.33 ? 77  LEU A CD2 1 
ATOM   509 N N   . MET A 1 67  ? -4.842  6.673   0.786   1.00 10.08 ? 78  MET A N   1 
ATOM   510 C CA  . MET A 1 67  ? -4.684  7.429   -0.465  1.00 13.24 ? 78  MET A CA  1 
ATOM   511 C C   . MET A 1 67  ? -4.077  8.828   -0.238  1.00 11.62 ? 78  MET A C   1 
ATOM   512 O O   . MET A 1 67  ? -3.338  9.325   -1.079  1.00 15.41 ? 78  MET A O   1 
ATOM   513 C CB  . MET A 1 67  ? -6.024  7.554   -1.193  1.00 14.73 ? 78  MET A CB  1 
ATOM   514 C CG  . MET A 1 67  ? -6.467  6.266   -1.875  1.00 22.04 ? 78  MET A CG  1 
ATOM   515 S SD  . MET A 1 67  ? -8.142  6.394   -2.499  1.00 26.95 ? 78  MET A SD  1 
ATOM   516 C CE  . MET A 1 67  ? -7.925  7.321   -3.904  1.00 24.10 ? 78  MET A CE  1 
ATOM   517 N N   . ILE A 1 68  ? -4.417  9.460   0.878   1.00 11.71 ? 79  ILE A N   1 
ATOM   518 C CA  . ILE A 1 68  ? -3.863  10.774  1.197   1.00 13.62 ? 79  ILE A CA  1 
ATOM   519 C C   . ILE A 1 68  ? -2.364  10.595  1.469   1.00 14.70 ? 79  ILE A C   1 
ATOM   520 O O   . ILE A 1 68  ? -1.537  11.346  0.941   1.00 14.80 ? 79  ILE A O   1 
ATOM   521 C CB  . ILE A 1 68  ? -4.548  11.422  2.442   1.00 14.40 ? 79  ILE A CB  1 
ATOM   522 C CG1 . ILE A 1 68  ? -6.006  11.789  2.130   1.00 15.03 ? 79  ILE A CG1 1 
ATOM   523 C CG2 . ILE A 1 68  ? -3.786  12.679  2.870   1.00 13.36 ? 79  ILE A CG2 1 
ATOM   524 C CD1 . ILE A 1 68  ? -6.175  12.863  1.080   1.00 15.93 ? 79  ILE A CD1 1 
ATOM   525 N N   . VAL A 1 69  ? -2.016  9.602   2.291   1.00 11.64 ? 80  VAL A N   1 
ATOM   526 C CA  . VAL A 1 69  ? -0.616  9.328   2.611   1.00 12.43 ? 80  VAL A CA  1 
ATOM   527 C C   . VAL A 1 69  ? 0.127   8.945   1.330   1.00 14.71 ? 80  VAL A C   1 
ATOM   528 O O   . VAL A 1 69  ? 1.291   9.313   1.117   1.00 12.77 ? 80  VAL A O   1 
ATOM   529 C CB  . VAL A 1 69  ? -0.501  8.201   3.672   1.00 9.95  ? 80  VAL A CB  1 
ATOM   530 C CG1 . VAL A 1 69  ? 0.933   7.726   3.832   1.00 11.25 ? 80  VAL A CG1 1 
ATOM   531 C CG2 . VAL A 1 69  ? -0.995  8.719   5.005   1.00 11.07 ? 80  VAL A CG2 1 
ATOM   532 N N   . GLY A 1 70  ? -0.555  8.198   0.470   1.00 13.55 ? 81  GLY A N   1 
ATOM   533 C CA  . GLY A 1 70  ? 0.052   7.797   -0.778  1.00 12.80 ? 81  GLY A CA  1 
ATOM   534 C C   . GLY A 1 70  ? 0.417   8.977   -1.659  1.00 12.19 ? 81  GLY A C   1 
ATOM   535 O O   . GLY A 1 70  ? 1.531   9.026   -2.195  1.00 13.89 ? 81  GLY A O   1 
ATOM   536 N N   . LYS A 1 71  ? -0.502  9.922   -1.821  1.00 12.69 ? 82  LYS A N   1 
ATOM   537 C CA  . LYS A 1 71  ? -0.209  11.070  -2.671  1.00 14.01 ? 82  LYS A CA  1 
ATOM   538 C C   . LYS A 1 71  ? 0.875   11.950  -2.033  1.00 15.68 ? 82  LYS A C   1 
ATOM   539 O O   . LYS A 1 71  ? 1.701   12.539  -2.742  1.00 16.66 ? 82  LYS A O   1 
ATOM   540 C CB  . LYS A 1 71  ? -1.473  11.870  -2.988  1.00 16.04 ? 82  LYS A CB  1 
ATOM   541 C CG  . LYS A 1 71  ? -2.038  12.627  -1.836  1.00 16.26 ? 82  LYS A CG  1 
ATOM   542 C CD  . LYS A 1 71  ? -2.081  14.083  -2.152  1.00 17.96 ? 82  LYS A CD  1 
ATOM   543 C CE  . LYS A 1 71  ? -2.506  14.831  -0.939  1.00 21.41 ? 82  LYS A CE  1 
ATOM   544 N NZ  . LYS A 1 71  ? -2.516  16.295  -1.194  1.00 26.11 ? 82  LYS A NZ  1 
ATOM   545 N N   . LYS A 1 72  ? 0.890   12.020  -0.704  1.00 12.81 ? 83  LYS A N   1 
ATOM   546 C CA  . LYS A 1 72  ? 1.913   12.799  -0.018  1.00 15.22 ? 83  LYS A CA  1 
ATOM   547 C C   . LYS A 1 72  ? 3.289   12.164  -0.211  1.00 14.17 ? 83  LYS A C   1 
ATOM   548 O O   . LYS A 1 72  ? 4.258   12.861  -0.484  1.00 13.41 ? 83  LYS A O   1 
ATOM   549 C CB  . LYS A 1 72  ? 1.603   12.938  1.473   1.00 16.49 ? 83  LYS A CB  1 
ATOM   550 C CG  . LYS A 1 72  ? 0.412   13.811  1.761   1.00 19.96 ? 83  LYS A CG  1 
ATOM   551 C CD  . LYS A 1 72  ? 0.118   13.865  3.230   1.00 20.21 ? 83  LYS A CD  1 
ATOM   552 C CE  . LYS A 1 72  ? -0.969  14.868  3.477   1.00 22.56 ? 83  LYS A CE  1 
ATOM   553 N NZ  . LYS A 1 72  ? -1.151  15.074  4.923   1.00 22.73 ? 83  LYS A NZ  1 
ATOM   554 N N   . CYS A 1 73  ? 3.378   10.842  -0.087  1.00 12.51 ? 84  CYS A N   1 
ATOM   555 C CA  . CYS A 1 73  ? 4.648   10.151  -0.267  1.00 11.62 ? 84  CYS A CA  1 
ATOM   556 C C   . CYS A 1 73  ? 5.114   10.210  -1.716  1.00 12.92 ? 84  CYS A C   1 
ATOM   557 O O   . CYS A 1 73  ? 6.310   10.290  -1.975  1.00 12.14 ? 84  CYS A O   1 
ATOM   558 C CB  . CYS A 1 73  ? 4.549   8.686   0.191   1.00 12.46 ? 84  CYS A CB  1 
ATOM   559 S SG  . CYS A 1 73  ? 4.415   8.462   1.966   1.00 15.64 ? 84  CYS A SG  1 
ATOM   560 N N   . ALA A 1 74  ? 4.174   10.169  -2.661  1.00 12.47 ? 85  ALA A N   1 
ATOM   561 C CA  . ALA A 1 74  ? 4.516   10.229  -4.078  1.00 12.59 ? 85  ALA A CA  1 
ATOM   562 C C   . ALA A 1 74  ? 5.165   11.579  -4.421  1.00 15.19 ? 85  ALA A C   1 
ATOM   563 O O   . ALA A 1 74  ? 6.119   11.637  -5.200  1.00 15.55 ? 85  ALA A O   1 
ATOM   564 C CB  . ALA A 1 74  ? 3.287   10.021  -4.940  1.00 12.16 ? 85  ALA A CB  1 
ATOM   565 N N   . ALA A 1 75  ? 4.620   12.651  -3.860  1.00 14.45 ? 86  ALA A N   1 
ATOM   566 C CA  . ALA A 1 75  ? 5.150   13.988  -4.086  1.00 16.95 ? 86  ALA A CA  1 
ATOM   567 C C   . ALA A 1 75  ? 6.549   14.097  -3.459  1.00 18.29 ? 86  ALA A C   1 
ATOM   568 O O   . ALA A 1 75  ? 7.465   14.673  -4.051  1.00 17.94 ? 86  ALA A O   1 
ATOM   569 C CB  . ALA A 1 75  ? 4.209   15.014  -3.488  1.00 15.15 ? 86  ALA A CB  1 
ATOM   570 N N   . ASP A 1 76  ? 6.712   13.487  -2.286  1.00 18.71 ? 87  ASP A N   1 
ATOM   571 C CA  . ASP A 1 76  ? 7.972   13.504  -1.566  1.00 20.07 ? 87  ASP A CA  1 
ATOM   572 C C   . ASP A 1 76  ? 9.042   12.691  -2.280  1.00 20.52 ? 87  ASP A C   1 
ATOM   573 O O   . ASP A 1 76  ? 10.235  12.957  -2.127  1.00 20.18 ? 87  ASP A O   1 
ATOM   574 C CB  . ASP A 1 76  ? 7.789   12.984  -0.140  1.00 19.37 ? 87  ASP A CB  1 
ATOM   575 C CG  . ASP A 1 76  ? 8.879   13.481  0.798   1.00 24.64 ? 87  ASP A CG  1 
ATOM   576 O OD1 . ASP A 1 76  ? 9.011   14.720  0.938   1.00 29.38 ? 87  ASP A OD1 1 
ATOM   577 O OD2 . ASP A 1 76  ? 9.612   12.655  1.370   1.00 21.84 ? 87  ASP A OD2 1 
ATOM   578 N N   . LEU A 1 77  ? 8.620   11.681  -3.034  1.00 16.61 ? 88  LEU A N   1 
ATOM   579 C CA  . LEU A 1 77  ? 9.551   10.838  -3.776  1.00 17.66 ? 88  LEU A CA  1 
ATOM   580 C C   . LEU A 1 77  ? 9.790   11.386  -5.195  1.00 17.41 ? 88  LEU A C   1 
ATOM   581 O O   . LEU A 1 77  ? 10.433  10.752  -6.024  1.00 20.23 ? 88  LEU A O   1 
ATOM   582 C CB  . LEU A 1 77  ? 9.062   9.372   -3.792  1.00 18.18 ? 88  LEU A CB  1 
ATOM   583 C CG  . LEU A 1 77  ? 9.115   8.607   -2.451  1.00 18.93 ? 88  LEU A CG  1 
ATOM   584 C CD1 . LEU A 1 77  ? 8.366   7.281   -2.549  1.00 15.83 ? 88  LEU A CD1 1 
ATOM   585 C CD2 . LEU A 1 77  ? 10.543  8.337   -2.043  1.00 19.61 ? 88  LEU A CD2 1 
ATOM   586 N N   . GLY A 1 78  ? 9.292   12.591  -5.441  1.00 17.76 ? 89  GLY A N   1 
ATOM   587 C CA  . GLY A 1 78  ? 9.474   13.238  -6.724  1.00 19.01 ? 89  GLY A CA  1 
ATOM   588 C C   . GLY A 1 78  ? 8.658   12.762  -7.912  1.00 21.26 ? 89  GLY A C   1 
ATOM   589 O O   . GLY A 1 78  ? 9.110   12.954  -9.037  1.00 22.41 ? 89  GLY A O   1 
ATOM   590 N N   . LEU A 1 79  ? 7.465   12.195  -7.699  1.00 21.56 ? 90  LEU A N   1 
ATOM   591 C CA  . LEU A 1 79  ? 6.651   11.716  -8.826  1.00 21.24 ? 90  LEU A CA  1 
ATOM   592 C C   . LEU A 1 79  ? 5.728   12.827  -9.314  1.00 23.98 ? 90  LEU A C   1 
ATOM   593 O O   . LEU A 1 79  ? 4.503   12.687  -9.285  1.00 25.03 ? 90  LEU A O   1 
ATOM   594 C CB  . LEU A 1 79  ? 5.834   10.470  -8.448  1.00 18.49 ? 90  LEU A CB  1 
ATOM   595 C CG  . LEU A 1 79  ? 6.562   9.211   -7.977  1.00 18.54 ? 90  LEU A CG  1 
ATOM   596 C CD1 . LEU A 1 79  ? 5.560   8.182   -7.547  1.00 16.73 ? 90  LEU A CD1 1 
ATOM   597 C CD2 . LEU A 1 79  ? 7.478   8.661   -9.063  1.00 22.53 ? 90  LEU A CD2 1 
ATOM   598 N N   . LYS A 1 80  ? 6.327   13.917  -9.792  1.00 26.60 ? 91  LYS A N   1 
ATOM   599 C CA  . LYS A 1 80  ? 5.557   15.065  -10.265 1.00 30.05 ? 91  LYS A CA  1 
ATOM   600 C C   . LYS A 1 80  ? 4.885   14.938  -11.628 1.00 26.50 ? 91  LYS A C   1 
ATOM   601 O O   . LYS A 1 80  ? 4.025   15.742  -11.972 1.00 27.51 ? 91  LYS A O   1 
ATOM   602 C CB  . LYS A 1 80  ? 6.402   16.338  -10.215 1.00 36.79 ? 91  LYS A CB  1 
ATOM   603 C CG  . LYS A 1 80  ? 5.794   17.439  -9.337  1.00 46.78 ? 91  LYS A CG  1 
ATOM   604 C CD  . LYS A 1 80  ? 5.725   17.007  -7.867  1.00 50.45 ? 91  LYS A CD  1 
ATOM   605 C CE  . LYS A 1 80  ? 5.343   18.166  -6.957  1.00 52.73 ? 91  LYS A CE  1 
ATOM   606 N NZ  . LYS A 1 80  ? 5.471   17.817  -5.514  1.00 54.26 ? 91  LYS A NZ  1 
ATOM   607 N N   . LYS A 1 81  ? 5.298   13.967  -12.430 1.00 26.56 ? 92  LYS A N   1 
ATOM   608 C CA  . LYS A 1 81  ? 4.653   13.775  -13.721 1.00 27.31 ? 92  LYS A CA  1 
ATOM   609 C C   . LYS A 1 81  ? 3.499   12.770  -13.652 1.00 25.71 ? 92  LYS A C   1 
ATOM   610 O O   . LYS A 1 81  ? 2.903   12.427  -14.674 1.00 24.61 ? 92  LYS A O   1 
ATOM   611 C CB  . LYS A 1 81  ? 5.661   13.348  -14.783 1.00 31.50 ? 92  LYS A CB  1 
ATOM   612 C CG  . LYS A 1 81  ? 6.430   14.499  -15.425 1.00 37.45 ? 92  LYS A CG  1 
ATOM   613 C CD  . LYS A 1 81  ? 7.307   13.968  -16.555 1.00 44.57 ? 92  LYS A CD  1 
ATOM   614 C CE  . LYS A 1 81  ? 7.746   15.073  -17.512 1.00 49.41 ? 92  LYS A CE  1 
ATOM   615 N NZ  . LYS A 1 81  ? 8.473   14.513  -18.704 1.00 52.86 ? 92  LYS A NZ  1 
ATOM   616 N N   . GLY A 1 82  ? 3.212   12.273  -12.450 1.00 23.97 ? 93  GLY A N   1 
ATOM   617 C CA  . GLY A 1 82  ? 2.105   11.341  -12.283 1.00 19.67 ? 93  GLY A CA  1 
ATOM   618 C C   . GLY A 1 82  ? 2.428   9.967   -11.731 1.00 15.45 ? 93  GLY A C   1 
ATOM   619 O O   . GLY A 1 82  ? 3.579   9.566   -11.574 1.00 14.65 ? 93  GLY A O   1 
ATOM   620 N N   . TYR A 1 83  ? 1.369   9.230   -11.438 1.00 14.96 ? 94  TYR A N   1 
ATOM   621 C CA  . TYR A 1 83  ? 1.499   7.887   -10.885 1.00 14.59 ? 94  TYR A CA  1 
ATOM   622 C C   . TYR A 1 83  ? 0.152   7.160   -10.956 1.00 11.66 ? 94  TYR A C   1 
ATOM   623 O O   . TYR A 1 83  ? -0.862  7.724   -11.360 1.00 9.78  ? 94  TYR A O   1 
ATOM   624 C CB  . TYR A 1 83  ? 1.965   7.947   -9.419  1.00 16.06 ? 94  TYR A CB  1 
ATOM   625 C CG  . TYR A 1 83  ? 1.202   8.933   -8.544  1.00 18.26 ? 94  TYR A CG  1 
ATOM   626 C CD1 . TYR A 1 83  ? 0.027   8.555   -7.871  1.00 16.32 ? 94  TYR A CD1 1 
ATOM   627 C CD2 . TYR A 1 83  ? 1.675   10.249  -8.372  1.00 16.43 ? 94  TYR A CD2 1 
ATOM   628 C CE1 . TYR A 1 83  ? -0.654  9.472   -7.032  1.00 18.25 ? 94  TYR A CE1 1 
ATOM   629 C CE2 . TYR A 1 83  ? 1.004   11.162  -7.551  1.00 14.80 ? 94  TYR A CE2 1 
ATOM   630 C CZ  . TYR A 1 83  ? -0.152  10.772  -6.887  1.00 17.05 ? 94  TYR A CZ  1 
ATOM   631 O OH  . TYR A 1 83  ? -0.804  11.687  -6.093  1.00 17.03 ? 94  TYR A OH  1 
ATOM   632 N N   . ARG A 1 84  ? 0.161   5.906   -10.540 1.00 14.05 ? 95  ARG A N   1 
ATOM   633 C CA  . ARG A 1 84  ? -1.059  5.118   -10.540 1.00 12.54 ? 95  ARG A CA  1 
ATOM   634 C C   . ARG A 1 84  ? -1.146  4.427   -9.189  1.00 11.33 ? 95  ARG A C   1 
ATOM   635 O O   . ARG A 1 84  ? -0.139  3.964   -8.657  1.00 11.46 ? 95  ARG A O   1 
ATOM   636 C CB  . ARG A 1 84  ? -1.026  4.091   -11.679 1.00 11.79 ? 95  ARG A CB  1 
ATOM   637 C CG  . ARG A 1 84  ? -2.172  3.048   -11.639 1.00 12.97 ? 95  ARG A CG  1 
ATOM   638 C CD  . ARG A 1 84  ? -2.221  2.223   -12.912 1.00 13.60 ? 95  ARG A CD  1 
ATOM   639 N NE  . ARG A 1 84  ? -2.599  3.025   -14.068 1.00 13.14 ? 95  ARG A NE  1 
ATOM   640 C CZ  . ARG A 1 84  ? -2.368  2.691   -15.334 1.00 13.50 ? 95  ARG A CZ  1 
ATOM   641 N NH1 . ARG A 1 84  ? -1.761  1.549   -15.632 1.00 10.67 ? 95  ARG A NH1 1 
ATOM   642 N NH2 . ARG A 1 84  ? -2.679  3.539   -16.302 1.00 14.81 ? 95  ARG A NH2 1 
ATOM   643 N N   . MET A 1 85  ? -2.341  4.444   -8.610  1.00 10.11 ? 96  MET A N   1 
ATOM   644 C CA  . MET A 1 85  ? -2.610  3.790   -7.334  1.00 11.03 ? 96  MET A CA  1 
ATOM   645 C C   . MET A 1 85  ? -3.408  2.536   -7.652  1.00 11.43 ? 96  MET A C   1 
ATOM   646 O O   . MET A 1 85  ? -4.291  2.571   -8.506  1.00 12.20 ? 96  MET A O   1 
ATOM   647 C CB  . MET A 1 85  ? -3.427  4.698   -6.451  1.00 10.47 ? 96  MET A CB  1 
ATOM   648 C CG  . MET A 1 85  ? -2.650  5.921   -6.008  1.00 13.64 ? 96  MET A CG  1 
ATOM   649 S SD  . MET A 1 85  ? -3.693  6.897   -4.957  1.00 19.11 ? 96  MET A SD  1 
ATOM   650 C CE  . MET A 1 85  ? -2.476  7.729   -3.926  1.00 18.17 ? 96  MET A CE  1 
ATOM   651 N N   . VAL A 1 86  ? -3.121  1.435   -6.971  1.00 10.86 ? 97  VAL A N   1 
ATOM   652 C CA  . VAL A 1 86  ? -3.815  0.179   -7.283  1.00 11.92 ? 97  VAL A CA  1 
ATOM   653 C C   . VAL A 1 86  ? -4.121  -0.643  -6.049  1.00 11.08 ? 97  VAL A C   1 
ATOM   654 O O   . VAL A 1 86  ? -3.275  -0.754  -5.166  1.00 10.38 ? 97  VAL A O   1 
ATOM   655 C CB  . VAL A 1 86  ? -2.933  -0.707  -8.200  1.00 13.95 ? 97  VAL A CB  1 
ATOM   656 C CG1 . VAL A 1 86  ? -3.592  -2.073  -8.457  1.00 16.70 ? 97  VAL A CG1 1 
ATOM   657 C CG2 . VAL A 1 86  ? -2.649  0.010   -9.508  1.00 15.73 ? 97  VAL A CG2 1 
ATOM   658 N N   . VAL A 1 87  ? -5.338  -1.190  -5.985  1.00 8.90  ? 98  VAL A N   1 
ATOM   659 C CA  . VAL A 1 87  ? -5.753  -2.074  -4.890  1.00 10.78 ? 98  VAL A CA  1 
ATOM   660 C C   . VAL A 1 87  ? -6.218  -3.380  -5.567  1.00 9.40  ? 98  VAL A C   1 
ATOM   661 O O   . VAL A 1 87  ? -7.047  -3.342  -6.466  1.00 9.74  ? 98  VAL A O   1 
ATOM   662 C CB  . VAL A 1 87  ? -6.934  -1.512  -4.021  1.00 14.03 ? 98  VAL A CB  1 
ATOM   663 C CG1 . VAL A 1 87  ? -7.283  -2.518  -2.897  1.00 14.69 ? 98  VAL A CG1 1 
ATOM   664 C CG2 . VAL A 1 87  ? -6.583  -0.174  -3.383  1.00 11.06 ? 98  VAL A CG2 1 
ATOM   665 N N   . ASN A 1 88  ? -5.596  -4.496  -5.203  1.00 11.39 ? 99  ASN A N   1 
ATOM   666 C CA  . ASN A 1 88  ? -5.930  -5.819  -5.758  1.00 11.47 ? 99  ASN A CA  1 
ATOM   667 C C   . ASN A 1 88  ? -6.816  -6.590  -4.777  1.00 13.37 ? 99  ASN A C   1 
ATOM   668 O O   . ASN A 1 88  ? -6.510  -6.686  -3.577  1.00 14.30 ? 99  ASN A O   1 
ATOM   669 C CB  . ASN A 1 88  ? -4.668  -6.636  -5.991  1.00 7.37  ? 99  ASN A CB  1 
ATOM   670 C CG  . ASN A 1 88  ? -3.787  -6.038  -7.055  1.00 10.17 ? 99  ASN A CG  1 
ATOM   671 O OD1 . ASN A 1 88  ? -4.278  -5.388  -7.958  1.00 12.47 ? 99  ASN A OD1 1 
ATOM   672 N ND2 . ASN A 1 88  ? -2.484  -6.256  -6.954  1.00 11.70 ? 99  ASN A ND2 1 
ATOM   673 N N   . GLU A 1 89  ? -7.878  -7.196  -5.303  1.00 15.50 ? 100 GLU A N   1 
ATOM   674 C CA  . GLU A 1 89  ? -8.804  -7.961  -4.473  1.00 12.75 ? 100 GLU A CA  1 
ATOM   675 C C   . GLU A 1 89  ? -8.960  -9.370  -5.037  1.00 11.37 ? 100 GLU A C   1 
ATOM   676 O O   . GLU A 1 89  ? -9.267  -9.539  -6.211  1.00 10.15 ? 100 GLU A O   1 
ATOM   677 C CB  . GLU A 1 89  ? -10.168 -7.270  -4.432  1.00 13.51 ? 100 GLU A CB  1 
ATOM   678 C CG  . GLU A 1 89  ? -11.330 -8.163  -4.008  1.00 17.74 ? 100 GLU A CG  1 
ATOM   679 C CD  . GLU A 1 89  ? -11.367 -8.506  -2.519  1.00 18.29 ? 100 GLU A CD  1 
ATOM   680 O OE1 . GLU A 1 89  ? -10.937 -7.694  -1.684  1.00 21.01 ? 100 GLU A OE1 1 
ATOM   681 O OE2 . GLU A 1 89  ? -11.876 -9.599  -2.171  1.00 26.57 ? 100 GLU A OE2 1 
ATOM   682 N N   . GLY A 1 90  ? -8.651  -10.361 -4.205  1.00 16.00 ? 101 GLY A N   1 
ATOM   683 C CA  . GLY A 1 90  ? -8.785  -11.748 -4.598  1.00 17.53 ? 101 GLY A CA  1 
ATOM   684 C C   . GLY A 1 90  ? -7.881  -12.290 -5.684  1.00 20.95 ? 101 GLY A C   1 
ATOM   685 O O   . GLY A 1 90  ? -6.940  -11.635 -6.147  1.00 20.98 ? 101 GLY A O   1 
ATOM   686 N N   . SER A 1 91  ? -8.212  -13.507 -6.104  1.00 20.98 ? 102 SER A N   1 
ATOM   687 C CA  . SER A 1 91  ? -7.488  -14.243 -7.130  1.00 21.27 ? 102 SER A CA  1 
ATOM   688 C C   . SER A 1 91  ? -7.428  -13.497 -8.465  1.00 19.75 ? 102 SER A C   1 
ATOM   689 O O   . SER A 1 91  ? -6.346  -13.320 -9.049  1.00 16.47 ? 102 SER A O   1 
ATOM   690 C CB  . SER A 1 91  ? -8.174  -15.603 -7.340  1.00 25.07 ? 102 SER A CB  1 
ATOM   691 O OG  . SER A 1 91  ? -7.627  -16.300 -8.447  1.00 35.57 ? 102 SER A OG  1 
ATOM   692 N N   . ASP A 1 92  ? -8.596  -13.108 -8.968  1.00 17.93 ? 103 ASP A N   1 
ATOM   693 C CA  . ASP A 1 92  ? -8.678  -12.389 -10.228 1.00 17.53 ? 103 ASP A CA  1 
ATOM   694 C C   . ASP A 1 92  ? -7.962  -11.042 -10.198 1.00 15.32 ? 103 ASP A C   1 
ATOM   695 O O   . ASP A 1 92  ? -7.479  -10.585 -11.229 1.00 14.97 ? 103 ASP A O   1 
ATOM   696 C CB  . ASP A 1 92  ? -10.135 -12.187 -10.626 1.00 17.48 ? 103 ASP A CB  1 
ATOM   697 C CG  . ASP A 1 92  ? -10.671 -13.326 -11.481 1.00 22.14 ? 103 ASP A CG  1 
ATOM   698 O OD1 . ASP A 1 92  ? -9.961  -14.340 -11.664 1.00 20.18 ? 103 ASP A OD1 1 
ATOM   699 O OD2 . ASP A 1 92  ? -11.806 -13.193 -11.987 1.00 26.41 ? 103 ASP A OD2 1 
ATOM   700 N N   . GLY A 1 93  ? -7.958  -10.388 -9.041  1.00 14.62 ? 104 GLY A N   1 
ATOM   701 C CA  . GLY A 1 93  ? -7.286  -9.106  -8.934  1.00 16.32 ? 104 GLY A CA  1 
ATOM   702 C C   . GLY A 1 93  ? -5.779  -9.222  -8.725  1.00 18.93 ? 104 GLY A C   1 
ATOM   703 O O   . GLY A 1 93  ? -5.053  -8.222  -8.833  1.00 19.24 ? 104 GLY A O   1 
ATOM   704 N N   . GLY A 1 94  ? -5.306  -10.432 -8.423  1.00 18.89 ? 105 GLY A N   1 
ATOM   705 C CA  . GLY A 1 94  ? -3.887  -10.668 -8.187  1.00 17.94 ? 105 GLY A CA  1 
ATOM   706 C C   . GLY A 1 94  ? -3.412  -10.371 -6.768  1.00 19.23 ? 105 GLY A C   1 
ATOM   707 O O   . GLY A 1 94  ? -2.229  -10.133 -6.540  1.00 19.84 ? 105 GLY A O   1 
ATOM   708 N N   . GLN A 1 95  ? -4.326  -10.385 -5.805  1.00 18.36 ? 106 GLN A N   1 
ATOM   709 C CA  . GLN A 1 95  ? -3.957  -10.118 -4.424  1.00 18.86 ? 106 GLN A CA  1 
ATOM   710 C C   . GLN A 1 95  ? -3.096  -11.251 -3.859  1.00 22.56 ? 106 GLN A C   1 
ATOM   711 O O   . GLN A 1 95  ? -3.553  -12.394 -3.727  1.00 23.10 ? 106 GLN A O   1 
ATOM   712 C CB  . GLN A 1 95  ? -5.196  -9.909  -3.553  1.00 13.27 ? 106 GLN A CB  1 
ATOM   713 C CG  . GLN A 1 95  ? -4.855  -9.726  -2.103  1.00 13.05 ? 106 GLN A CG  1 
ATOM   714 C CD  . GLN A 1 95  ? -6.049  -9.458  -1.230  1.00 11.13 ? 106 GLN A CD  1 
ATOM   715 O OE1 . GLN A 1 95  ? -7.197  -9.591  -1.659  1.00 14.32 ? 106 GLN A OE1 1 
ATOM   716 N NE2 . GLN A 1 95  ? -5.789  -9.057  0.006   1.00 11.58 ? 106 GLN A NE2 1 
ATOM   717 N N   . SER A 1 96  ? -1.852  -10.928 -3.518  1.00 20.84 ? 107 SER A N   1 
ATOM   718 C CA  . SER A 1 96  ? -0.929  -11.926 -2.984  1.00 24.57 ? 107 SER A CA  1 
ATOM   719 C C   . SER A 1 96  ? -0.814  -11.968 -1.461  1.00 23.28 ? 107 SER A C   1 
ATOM   720 O O   . SER A 1 96  ? -0.486  -13.003 -0.894  1.00 29.84 ? 107 SER A O   1 
ATOM   721 C CB  . SER A 1 96  ? 0.454   -11.788 -3.646  1.00 26.88 ? 107 SER A CB  1 
ATOM   722 O OG  . SER A 1 96  ? 0.875   -10.434 -3.703  1.00 33.68 ? 107 SER A OG  1 
ATOM   723 N N   . VAL A 1 97  ? -1.100  -10.856 -0.799  1.00 20.16 ? 108 VAL A N   1 
ATOM   724 C CA  . VAL A 1 97  ? -1.031  -10.805 0.654   1.00 17.71 ? 108 VAL A CA  1 
ATOM   725 C C   . VAL A 1 97  ? -2.413  -10.428 1.179   1.00 17.19 ? 108 VAL A C   1 
ATOM   726 O O   . VAL A 1 97  ? -3.007  -9.429  0.735   1.00 15.24 ? 108 VAL A O   1 
ATOM   727 C CB  . VAL A 1 97  ? 0.026   -9.784  1.121   1.00 19.44 ? 108 VAL A CB  1 
ATOM   728 C CG1 . VAL A 1 97  ? 0.092   -9.750  2.637   1.00 19.63 ? 108 VAL A CG1 1 
ATOM   729 C CG2 . VAL A 1 97  ? 1.393   -10.150 0.545   1.00 17.91 ? 108 VAL A CG2 1 
ATOM   730 N N   . TYR A 1 98  ? -2.928  -11.228 2.117   1.00 15.71 ? 109 TYR A N   1 
ATOM   731 C CA  . TYR A 1 98  ? -4.262  -10.992 2.673   1.00 14.59 ? 109 TYR A CA  1 
ATOM   732 C C   . TYR A 1 98  ? -4.297  -9.983  3.817   1.00 14.02 ? 109 TYR A C   1 
ATOM   733 O O   . TYR A 1 98  ? -4.680  -10.275 4.949   1.00 12.24 ? 109 TYR A O   1 
ATOM   734 C CB  . TYR A 1 98  ? -4.974  -12.314 3.044   1.00 17.87 ? 109 TYR A CB  1 
ATOM   735 C CG  . TYR A 1 98  ? -4.945  -13.347 1.924   1.00 24.10 ? 109 TYR A CG  1 
ATOM   736 C CD1 . TYR A 1 98  ? -5.115  -12.957 0.590   1.00 26.71 ? 109 TYR A CD1 1 
ATOM   737 C CD2 . TYR A 1 98  ? -4.666  -14.700 2.193   1.00 29.10 ? 109 TYR A CD2 1 
ATOM   738 C CE1 . TYR A 1 98  ? -5.008  -13.877 -0.461  1.00 30.39 ? 109 TYR A CE1 1 
ATOM   739 C CE2 . TYR A 1 98  ? -4.552  -15.645 1.145   1.00 31.25 ? 109 TYR A CE2 1 
ATOM   740 C CZ  . TYR A 1 98  ? -4.719  -15.222 -0.182  1.00 34.32 ? 109 TYR A CZ  1 
ATOM   741 O OH  . TYR A 1 98  ? -4.589  -16.124 -1.237  1.00 34.89 ? 109 TYR A OH  1 
ATOM   742 N N   . HIS A 1 99  ? -3.869  -8.772  3.481   1.00 16.16 ? 110 HIS A N   1 
ATOM   743 C CA  . HIS A 1 99  ? -3.859  -7.618  4.379   1.00 13.42 ? 110 HIS A CA  1 
ATOM   744 C C   . HIS A 1 99  ? -4.010  -6.529  3.321   1.00 12.86 ? 110 HIS A C   1 
ATOM   745 O O   . HIS A 1 99  ? -3.260  -6.530  2.338   1.00 13.69 ? 110 HIS A O   1 
ATOM   746 C CB  . HIS A 1 99  ? -2.512  -7.464  5.094   1.00 13.87 ? 110 HIS A CB  1 
ATOM   747 C CG  . HIS A 1 99  ? -2.474  -6.320  6.065   1.00 13.98 ? 110 HIS A CG  1 
ATOM   748 N ND1 . HIS A 1 99  ? -2.087  -6.472  7.379   1.00 16.07 ? 110 HIS A ND1 1 
ATOM   749 C CD2 . HIS A 1 99  ? -2.797  -5.012  5.920   1.00 15.39 ? 110 HIS A CD2 1 
ATOM   750 C CE1 . HIS A 1 99  ? -2.178  -5.309  7.999   1.00 15.46 ? 110 HIS A CE1 1 
ATOM   751 N NE2 . HIS A 1 99  ? -2.607  -4.409  7.137   1.00 15.48 ? 110 HIS A NE2 1 
ATOM   752 N N   . VAL A 1 100 ? -5.015  -5.673  3.472   1.00 9.79  ? 111 VAL A N   1 
ATOM   753 C CA  . VAL A 1 100 ? -5.273  -4.616  2.499   1.00 11.81 ? 111 VAL A CA  1 
ATOM   754 C C   . VAL A 1 100 ? -4.038  -3.748  2.280   1.00 11.25 ? 111 VAL A C   1 
ATOM   755 O O   . VAL A 1 100 ? -3.392  -3.354  3.241   1.00 11.65 ? 111 VAL A O   1 
ATOM   756 C CB  . VAL A 1 100 ? -6.454  -3.724  2.951   1.00 14.82 ? 111 VAL A CB  1 
ATOM   757 C CG1 . VAL A 1 100 ? -6.545  -2.486  2.089   1.00 15.66 ? 111 VAL A CG1 1 
ATOM   758 C CG2 . VAL A 1 100 ? -7.769  -4.487  2.834   1.00 15.19 ? 111 VAL A CG2 1 
ATOM   759 N N   . HIS A 1 101 ? -3.656  -3.565  1.016   1.00 12.35 ? 112 HIS A N   1 
ATOM   760 C CA  . HIS A 1 101 ? -2.512  -2.713  0.666   1.00 13.61 ? 112 HIS A CA  1 
ATOM   761 C C   . HIS A 1 101 ? -2.742  -1.900  -0.618  1.00 12.68 ? 112 HIS A C   1 
ATOM   762 O O   . HIS A 1 101 ? -3.393  -2.351  -1.564  1.00 13.10 ? 112 HIS A O   1 
ATOM   763 C CB  . HIS A 1 101 ? -1.186  -3.496  0.594   1.00 11.60 ? 112 HIS A CB  1 
ATOM   764 C CG  . HIS A 1 101 ? -1.227  -4.685  -0.305  1.00 15.59 ? 112 HIS A CG  1 
ATOM   765 N ND1 . HIS A 1 101 ? -1.903  -5.840  0.023   1.00 15.89 ? 112 HIS A ND1 1 
ATOM   766 C CD2 . HIS A 1 101 ? -0.670  -4.909  -1.518  1.00 17.82 ? 112 HIS A CD2 1 
ATOM   767 C CE1 . HIS A 1 101 ? -1.766  -6.724  -0.950  1.00 16.77 ? 112 HIS A CE1 1 
ATOM   768 N NE2 . HIS A 1 101 ? -1.021  -6.184  -1.897  1.00 19.23 ? 112 HIS A NE2 1 
ATOM   769 N N   . LEU A 1 102 ? -2.235  -0.670  -0.623  1.00 12.14 ? 113 LEU A N   1 
ATOM   770 C CA  . LEU A 1 102 ? -2.377  0.212   -1.771  1.00 10.29 ? 113 LEU A CA  1 
ATOM   771 C C   . LEU A 1 102 ? -1.026  0.332   -2.470  1.00 11.94 ? 113 LEU A C   1 
ATOM   772 O O   . LEU A 1 102 ? -0.039  0.675   -1.831  1.00 13.88 ? 113 LEU A O   1 
ATOM   773 C CB  . LEU A 1 102 ? -2.825  1.594   -1.297  1.00 11.77 ? 113 LEU A CB  1 
ATOM   774 C CG  . LEU A 1 102 ? -2.835  2.733   -2.325  1.00 11.21 ? 113 LEU A CG  1 
ATOM   775 C CD1 . LEU A 1 102 ? -4.027  2.579   -3.244  1.00 10.94 ? 113 LEU A CD1 1 
ATOM   776 C CD2 . LEU A 1 102 ? -2.913  4.058   -1.584  1.00 11.69 ? 113 LEU A CD2 1 
ATOM   777 N N   . HIS A 1 103 ? -0.973  -0.014  -3.754  1.00 12.23 ? 114 HIS A N   1 
ATOM   778 C CA  . HIS A 1 103 ? 0.251   0.104   -4.547  1.00 12.66 ? 114 HIS A CA  1 
ATOM   779 C C   . HIS A 1 103 ? 0.304   1.517   -5.148  1.00 12.22 ? 114 HIS A C   1 
ATOM   780 O O   . HIS A 1 103 ? -0.724  2.096   -5.504  1.00 14.03 ? 114 HIS A O   1 
ATOM   781 C CB  . HIS A 1 103 ? 0.296   -0.906  -5.721  1.00 13.09 ? 114 HIS A CB  1 
ATOM   782 C CG  . HIS A 1 103 ? 0.499   -2.336  -5.313  1.00 15.25 ? 114 HIS A CG  1 
ATOM   783 N ND1 . HIS A 1 103 ? 1.732   -2.939  -5.396  1.00 14.84 ? 114 HIS A ND1 1 
ATOM   784 C CD2 . HIS A 1 103 ? -0.420  -3.249  -4.900  1.00 15.94 ? 114 HIS A CD2 1 
ATOM   785 C CE1 . HIS A 1 103 ? 1.547   -4.196  -5.032  1.00 16.00 ? 114 HIS A CE1 1 
ATOM   786 N NE2 . HIS A 1 103 ? 0.262   -4.435  -4.722  1.00 15.33 ? 114 HIS A NE2 1 
ATOM   787 N N   . VAL A 1 104 ? 1.502   2.085   -5.211  1.00 11.99 ? 115 VAL A N   1 
ATOM   788 C CA  . VAL A 1 104 ? 1.693   3.400   -5.840  1.00 12.08 ? 115 VAL A CA  1 
ATOM   789 C C   . VAL A 1 104 ? 2.920   3.211   -6.724  1.00 9.90  ? 115 VAL A C   1 
ATOM   790 O O   . VAL A 1 104 ? 3.971   2.765   -6.257  1.00 12.05 ? 115 VAL A O   1 
ATOM   791 C CB  . VAL A 1 104 ? 1.904   4.562   -4.824  1.00 13.65 ? 115 VAL A CB  1 
ATOM   792 C CG1 . VAL A 1 104 ? 1.992   5.890   -5.559  1.00 13.28 ? 115 VAL A CG1 1 
ATOM   793 C CG2 . VAL A 1 104 ? 0.748   4.621   -3.798  1.00 12.21 ? 115 VAL A CG2 1 
ATOM   794 N N   . LEU A 1 105 ? 2.725   3.394   -8.026  1.00 11.30 ? 116 LEU A N   1 
ATOM   795 C CA  . LEU A 1 105 ? 3.797   3.225   -8.998  1.00 13.86 ? 116 LEU A CA  1 
ATOM   796 C C   . LEU A 1 105 ? 3.920   4.467   -9.880  1.00 12.87 ? 116 LEU A C   1 
ATOM   797 O O   . LEU A 1 105 ? 2.926   5.034   -10.317 1.00 13.02 ? 116 LEU A O   1 
ATOM   798 C CB  . LEU A 1 105 ? 3.528   2.026   -9.914  1.00 16.66 ? 116 LEU A CB  1 
ATOM   799 C CG  . LEU A 1 105 ? 3.149   0.635   -9.414  1.00 16.56 ? 116 LEU A CG  1 
ATOM   800 C CD1 . LEU A 1 105 ? 1.645   0.556   -9.186  1.00 18.65 ? 116 LEU A CD1 1 
ATOM   801 C CD2 . LEU A 1 105 ? 3.561   -0.358  -10.471 1.00 17.50 ? 116 LEU A CD2 1 
ATOM   802 N N   . GLY A 1 106 ? 5.152   4.839   -10.198 1.00 17.14 ? 117 GLY A N   1 
ATOM   803 C CA  . GLY A 1 106 ? 5.381   5.999   -11.039 1.00 15.57 ? 117 GLY A CA  1 
ATOM   804 C C   . GLY A 1 106 ? 6.825   5.988   -11.492 1.00 16.39 ? 117 GLY A C   1 
ATOM   805 O O   . GLY A 1 106 ? 7.552   5.042   -11.216 1.00 14.06 ? 117 GLY A O   1 
ATOM   806 N N   . GLY A 1 107 ? 7.254   7.061   -12.147 1.00 20.79 ? 118 GLY A N   1 
ATOM   807 C CA  . GLY A 1 107 ? 8.625   7.130   -12.623 1.00 18.89 ? 118 GLY A CA  1 
ATOM   808 C C   . GLY A 1 107 ? 8.736   6.621   -14.041 1.00 19.30 ? 118 GLY A C   1 
ATOM   809 O O   . GLY A 1 107 ? 9.830   6.489   -14.583 1.00 22.10 ? 118 GLY A O   1 
ATOM   810 N N   . ARG A 1 108 ? 7.601   6.239   -14.614 1.00 19.05 ? 119 ARG A N   1 
ATOM   811 C CA  . ARG A 1 108 ? 7.573   5.773   -15.991 1.00 19.22 ? 119 ARG A CA  1 
ATOM   812 C C   . ARG A 1 108 ? 6.157   5.918   -16.490 1.00 20.67 ? 119 ARG A C   1 
ATOM   813 O O   . ARG A 1 108 ? 5.240   6.167   -15.707 1.00 19.74 ? 119 ARG A O   1 
ATOM   814 C CB  . ARG A 1 108 ? 8.031   4.321   -16.128 1.00 21.05 ? 119 ARG A CB  1 
ATOM   815 C CG  . ARG A 1 108 ? 7.096   3.263   -15.550 1.00 18.04 ? 119 ARG A CG  1 
ATOM   816 C CD  . ARG A 1 108 ? 7.600   1.904   -15.976 1.00 17.72 ? 119 ARG A CD  1 
ATOM   817 N NE  . ARG A 1 108 ? 6.875   0.787   -15.371 1.00 23.06 ? 119 ARG A NE  1 
ATOM   818 C CZ  . ARG A 1 108 ? 5.660   0.370   -15.737 1.00 21.00 ? 119 ARG A CZ  1 
ATOM   819 N NH1 . ARG A 1 108 ? 4.992   0.979   -16.717 1.00 20.24 ? 119 ARG A NH1 1 
ATOM   820 N NH2 . ARG A 1 108 ? 5.134   -0.705  -15.152 1.00 21.44 ? 119 ARG A NH2 1 
ATOM   821 N N   . GLN A 1 109 ? 5.989   5.817   -17.799 1.00 21.91 ? 120 GLN A N   1 
ATOM   822 C CA  . GLN A 1 109 ? 4.667   5.925   -18.370 1.00 21.71 ? 120 GLN A CA  1 
ATOM   823 C C   . GLN A 1 109 ? 3.940   4.626   -18.043 1.00 21.37 ? 120 GLN A C   1 
ATOM   824 O O   . GLN A 1 109 ? 4.484   3.535   -18.227 1.00 18.84 ? 120 GLN A O   1 
ATOM   825 C CB  . GLN A 1 109 ? 4.742   6.112   -19.886 1.00 23.41 ? 120 GLN A CB  1 
ATOM   826 C CG  . GLN A 1 109 ? 3.385   6.170   -20.577 1.00 24.54 ? 120 GLN A CG  1 
ATOM   827 C CD  . GLN A 1 109 ? 2.538   7.349   -20.125 1.00 29.14 ? 120 GLN A CD  1 
ATOM   828 O OE1 . GLN A 1 109 ? 2.864   8.505   -20.405 1.00 29.67 ? 120 GLN A OE1 1 
ATOM   829 N NE2 . GLN A 1 109 ? 1.443   7.063   -19.420 1.00 30.57 ? 120 GLN A NE2 1 
ATOM   830 N N   . MET A 1 110 ? 2.756   4.761   -17.454 1.00 22.03 ? 121 MET A N   1 
ATOM   831 C CA  . MET A 1 110 ? 1.943   3.601   -17.121 1.00 20.31 ? 121 MET A CA  1 
ATOM   832 C C   . MET A 1 110 ? 1.016   3.415   -18.308 1.00 18.73 ? 121 MET A C   1 
ATOM   833 O O   . MET A 1 110 ? 0.497   4.379   -18.859 1.00 18.70 ? 121 MET A O   1 
ATOM   834 C CB  . MET A 1 110 ? 1.152   3.830   -15.831 1.00 17.74 ? 121 MET A CB  1 
ATOM   835 C CG  . MET A 1 110 ? 2.016   4.160   -14.610 1.00 16.81 ? 121 MET A CG  1 
ATOM   836 S SD  . MET A 1 110 ? 3.216   2.910   -14.182 1.00 22.45 ? 121 MET A SD  1 
ATOM   837 C CE  . MET A 1 110 ? 2.166   1.598   -13.651 1.00 25.26 ? 121 MET A CE  1 
ATOM   838 N N   . ASN A 1 111 ? 0.874   2.169   -18.739 1.00 20.88 ? 122 ASN A N   1 
ATOM   839 C CA  . ASN A 1 111 ? 0.050   1.824   -19.888 1.00 20.12 ? 122 ASN A CA  1 
ATOM   840 C C   . ASN A 1 111 ? -1.370  1.412   -19.538 1.00 19.55 ? 122 ASN A C   1 
ATOM   841 O O   . ASN A 1 111 ? -1.723  1.263   -18.370 1.00 21.11 ? 122 ASN A O   1 
ATOM   842 C CB  . ASN A 1 111 ? 0.750   0.733   -20.690 1.00 23.26 ? 122 ASN A CB  1 
ATOM   843 C CG  . ASN A 1 111 ? 2.171   1.129   -21.074 1.00 27.89 ? 122 ASN A CG  1 
ATOM   844 O OD1 . ASN A 1 111 ? 2.406   2.219   -21.607 1.00 31.44 ? 122 ASN A OD1 1 
ATOM   845 N ND2 . ASN A 1 111 ? 3.133   0.275   -20.750 1.00 28.72 ? 122 ASN A ND2 1 
ATOM   846 N N   . TRP A 1 112 ? -2.176  1.224   -20.575 1.00 18.80 ? 123 TRP A N   1 
ATOM   847 C CA  . TRP A 1 112 ? -3.577  0.851   -20.430 1.00 19.77 ? 123 TRP A CA  1 
ATOM   848 C C   . TRP A 1 112 ? -3.879  -0.303  -21.419 1.00 20.83 ? 123 TRP A C   1 
ATOM   849 O O   . TRP A 1 112 ? -3.514  -0.214  -22.587 1.00 21.05 ? 123 TRP A O   1 
ATOM   850 C CB  . TRP A 1 112 ? -4.427  2.084   -20.758 1.00 17.63 ? 123 TRP A CB  1 
ATOM   851 C CG  . TRP A 1 112 ? -5.779  2.097   -20.152 1.00 16.24 ? 123 TRP A CG  1 
ATOM   852 C CD1 . TRP A 1 112 ? -6.968  2.083   -20.815 1.00 19.16 ? 123 TRP A CD1 1 
ATOM   853 C CD2 . TRP A 1 112 ? -6.094  2.202   -18.760 1.00 15.55 ? 123 TRP A CD2 1 
ATOM   854 N NE1 . TRP A 1 112 ? -8.010  2.182   -19.925 1.00 19.60 ? 123 TRP A NE1 1 
ATOM   855 C CE2 . TRP A 1 112 ? -7.508  2.253   -18.660 1.00 16.07 ? 123 TRP A CE2 1 
ATOM   856 C CE3 . TRP A 1 112 ? -5.325  2.258   -17.591 1.00 13.60 ? 123 TRP A CE3 1 
ATOM   857 C CZ2 . TRP A 1 112 ? -8.170  2.362   -17.437 1.00 14.88 ? 123 TRP A CZ2 1 
ATOM   858 C CZ3 . TRP A 1 112 ? -5.979  2.362   -16.377 1.00 14.66 ? 123 TRP A CZ3 1 
ATOM   859 C CH2 . TRP A 1 112 ? -7.395  2.411   -16.308 1.00 14.08 ? 123 TRP A CH2 1 
ATOM   860 N N   . PRO A 1 113 ? -4.631  -1.349  -20.991 1.00 22.67 ? 124 PRO A N   1 
ATOM   861 C CA  . PRO A 1 113 ? -5.274  -1.620  -19.693 1.00 21.59 ? 124 PRO A CA  1 
ATOM   862 C C   . PRO A 1 113 ? -4.310  -1.738  -18.515 1.00 18.56 ? 124 PRO A C   1 
ATOM   863 O O   . PRO A 1 113 ? -3.114  -1.984  -18.687 1.00 17.77 ? 124 PRO A O   1 
ATOM   864 C CB  . PRO A 1 113 ? -6.035  -2.927  -19.950 1.00 21.07 ? 124 PRO A CB  1 
ATOM   865 C CG  . PRO A 1 113 ? -5.165  -3.633  -20.941 1.00 21.32 ? 124 PRO A CG  1 
ATOM   866 C CD  . PRO A 1 113 ? -4.823  -2.505  -21.895 1.00 20.85 ? 124 PRO A CD  1 
ATOM   867 N N   . PRO A 1 114 ? -4.830  -1.561  -17.295 1.00 17.93 ? 125 PRO A N   1 
ATOM   868 C CA  . PRO A 1 114 ? -4.005  -1.654  -16.090 1.00 16.70 ? 125 PRO A CA  1 
ATOM   869 C C   . PRO A 1 114 ? -3.848  -3.115  -15.702 1.00 17.92 ? 125 PRO A C   1 
ATOM   870 O O   . PRO A 1 114 ? -4.139  -3.513  -14.569 1.00 16.18 ? 125 PRO A O   1 
ATOM   871 C CB  . PRO A 1 114 ? -4.837  -0.878  -15.085 1.00 14.34 ? 125 PRO A CB  1 
ATOM   872 C CG  . PRO A 1 114 ? -6.241  -1.260  -15.492 1.00 15.10 ? 125 PRO A CG  1 
ATOM   873 C CD  . PRO A 1 114 ? -6.234  -1.247  -16.969 1.00 15.42 ? 125 PRO A CD  1 
ATOM   874 N N   . GLY A 1 115 ? -3.351  -3.902  -16.649 1.00 19.60 ? 126 GLY A N   1 
ATOM   875 C CA  . GLY A 1 115 ? -3.194  -5.328  -16.441 1.00 18.35 ? 126 GLY A CA  1 
ATOM   876 C C   . GLY A 1 115 ? -4.377  -6.051  -17.081 1.00 19.23 ? 126 GLY A C   1 
ATOM   877 O O   . GLY A 1 115 ? -5.070  -5.435  -17.912 1.00 18.98 ? 126 GLY A O   1 
ATOM   878 O OXT . GLY A 1 115 ? -4.626  -7.223  -16.754 1.00 16.71 ? 126 GLY A OXT 1 
HETATM 879 O O5  . RIB B 2 .   ? 0.730   -7.970  -3.227  1.00 60.35 ? 201 RIB A O5  1 
HETATM 880 C C5  . RIB B 2 .   ? 1.619   -7.633  -2.163  1.00 56.08 ? 201 RIB A C5  1 
HETATM 881 C C4  . RIB B 2 .   ? 2.896   -6.992  -2.742  1.00 51.51 ? 201 RIB A C4  1 
HETATM 882 O O4  . RIB B 2 .   ? 3.822   -6.866  -1.689  1.00 54.82 ? 201 RIB A O4  1 
HETATM 883 C C3  . RIB B 2 .   ? 3.636   -7.758  -3.848  1.00 46.84 ? 201 RIB A C3  1 
HETATM 884 O O3  . RIB B 2 .   ? 3.687   -6.937  -4.970  1.00 41.02 ? 201 RIB A O3  1 
HETATM 885 C C2  . RIB B 2 .   ? 5.046   -8.026  -3.320  1.00 53.90 ? 201 RIB A C2  1 
HETATM 886 O O2  . RIB B 2 .   ? 6.109   -7.862  -4.261  1.00 55.44 ? 201 RIB A O2  1 
HETATM 887 C C1  . RIB B 2 .   ? 5.165   -7.062  -2.161  1.00 56.52 ? 201 RIB A C1  1 
HETATM 888 O O1  . RIB B 2 .   ? 5.908   -7.591  -1.035  1.00 57.19 ? 201 RIB A O1  1 
HETATM 889 O O   . HOH C 3 .   ? -19.548 -0.310  9.438   1.00 35.19 ? 211 HOH A O   1 
HETATM 890 O O   . HOH C 3 .   ? -1.401  -16.105 11.108  1.00 45.11 ? 212 HOH A O   1 
HETATM 891 O O   . HOH C 3 .   ? -11.040 2.464   -20.412 1.00 26.02 ? 213 HOH A O   1 
HETATM 892 O O   . HOH C 3 .   ? 0.594   16.567  6.657   1.00 51.90 ? 214 HOH A O   1 
HETATM 893 O O   . HOH C 3 .   ? -2.236  4.572   -19.160 1.00 19.62 ? 215 HOH A O   1 
HETATM 894 O O   . HOH C 3 .   ? -14.898 6.075   8.853   1.00 31.30 ? 216 HOH A O   1 
HETATM 895 O O   . HOH C 3 .   ? 6.373   1.909   -19.570 1.00 32.48 ? 217 HOH A O   1 
HETATM 896 O O   . HOH C 3 .   ? 13.877  3.032   6.830   1.00 38.15 ? 218 HOH A O   1 
HETATM 897 O O   . HOH C 3 .   ? 9.825   -3.114  9.769   1.00 26.75 ? 219 HOH A O   1 
HETATM 898 O O   . HOH C 3 .   ? 11.055  7.610   -9.950  1.00 37.44 ? 220 HOH A O   1 
HETATM 899 O O   . HOH C 3 .   ? 8.127   5.908   -19.667 1.00 24.62 ? 221 HOH A O   1 
HETATM 900 O O   . HOH C 3 .   ? 11.895  3.711   9.344   1.00 72.05 ? 222 HOH A O   1 
HETATM 901 O O   . HOH C 3 .   ? -12.077 4.716   9.537   1.00 19.88 ? 223 HOH A O   1 
HETATM 902 O O   . HOH C 3 .   ? -19.025 -2.310  4.140   1.00 32.26 ? 224 HOH A O   1 
HETATM 903 O O   . HOH C 3 .   ? -5.268  -5.392  -0.943  1.00 16.75 ? 225 HOH A O   1 
HETATM 904 O O   . HOH C 3 .   ? -8.737  8.435   9.543   1.00 47.36 ? 226 HOH A O   1 
HETATM 905 O O   . HOH C 3 .   ? -5.089  1.322   11.303  1.00 20.91 ? 227 HOH A O   1 
HETATM 906 O O   . HOH C 3 .   ? -13.394 -11.210 -11.449 1.00 17.90 ? 228 HOH A O   1 
HETATM 907 O O   . HOH C 3 .   ? -3.393  -4.461  -3.248  1.00 12.07 ? 229 HOH A O   1 
HETATM 908 O O   . HOH C 3 .   ? -10.306 -16.333 -13.889 1.00 83.75 ? 230 HOH A O   1 
HETATM 909 O O   . HOH C 3 .   ? -0.165  11.612  9.148   1.00 18.79 ? 231 HOH A O   1 
HETATM 910 O O   . HOH C 3 .   ? -5.924  -14.758 -4.060  1.00 44.07 ? 232 HOH A O   1 
HETATM 911 O O   . HOH C 3 .   ? 9.804   8.216   -17.644 1.00 56.18 ? 233 HOH A O   1 
HETATM 912 O O   . HOH C 3 .   ? 2.125   11.578  4.773   1.00 29.41 ? 234 HOH A O   1 
HETATM 913 O O   . HOH C 3 .   ? -7.904  -6.394  -1.222  1.00 19.37 ? 235 HOH A O   1 
HETATM 914 O O   . HOH C 3 .   ? -1.153  -17.198 12.681  1.00 55.83 ? 236 HOH A O   1 
HETATM 915 O O   . HOH C 3 .   ? -10.516 -14.897 -4.960  1.00 20.50 ? 237 HOH A O   1 
HETATM 916 O O   . HOH C 3 .   ? -8.759  -6.453  12.683  1.00 60.45 ? 238 HOH A O   1 
HETATM 917 O O   . HOH C 3 .   ? 3.531   7.074   14.805  1.00 41.57 ? 239 HOH A O   1 
HETATM 918 O O   . HOH C 3 .   ? 0.857   13.702  -5.053  1.00 13.31 ? 240 HOH A O   1 
HETATM 919 O O   . HOH C 3 .   ? 7.399   11.619  -12.339 1.00 24.66 ? 241 HOH A O   1 
HETATM 920 O O   . HOH C 3 .   ? 10.962  -0.458  -4.714  1.00 37.99 ? 242 HOH A O   1 
HETATM 921 O O   . HOH C 3 .   ? -5.319  -6.311  13.941  1.00 45.43 ? 243 HOH A O   1 
HETATM 922 O O   . HOH C 3 .   ? -12.501 -4.540  9.190   1.00 31.92 ? 244 HOH A O   1 
HETATM 923 O O   . HOH C 3 .   ? 10.320  2.118   -5.185  1.00 20.12 ? 245 HOH A O   1 
HETATM 924 O O   . HOH C 3 .   ? -16.102 -10.421 6.000   1.00 61.85 ? 246 HOH A O   1 
HETATM 925 O O   . HOH C 3 .   ? 11.183  15.558  -1.384  1.00 23.85 ? 247 HOH A O   1 
HETATM 926 O O   . HOH C 3 .   ? 12.089  13.852  -4.844  1.00 41.35 ? 248 HOH A O   1 
HETATM 927 O O   . HOH C 3 .   ? 2.362   14.661  -8.750  1.00 52.16 ? 249 HOH A O   1 
HETATM 928 O O   . HOH C 3 .   ? -11.630 -11.937 3.977   1.00 27.60 ? 250 HOH A O   1 
HETATM 929 O O   . HOH C 3 .   ? -4.456  -7.315  -20.631 1.00 36.69 ? 251 HOH A O   1 
HETATM 930 O O   . HOH C 3 .   ? 9.076   4.564   11.184  1.00 26.14 ? 252 HOH A O   1 
HETATM 931 O O   . HOH C 3 .   ? -2.712  11.535  10.908  1.00 42.54 ? 253 HOH A O   1 
HETATM 932 O O   . HOH C 3 .   ? 11.037  -2.586  1.845   1.00 28.80 ? 254 HOH A O   1 
HETATM 933 O O   . HOH C 3 .   ? -1.469  -7.404  -4.424  1.00 19.49 ? 255 HOH A O   1 
HETATM 934 O O   . HOH C 3 .   ? 11.978  -9.370  -8.421  1.00 44.78 ? 256 HOH A O   1 
HETATM 935 O O   . HOH C 3 .   ? 1.716   1.631   16.190  1.00 48.44 ? 257 HOH A O   1 
HETATM 936 O O   . HOH C 3 .   ? 0.561   16.360  -4.126  1.00 69.83 ? 258 HOH A O   1 
HETATM 937 O O   . HOH C 3 .   ? -0.696  -8.647  8.674   1.00 26.59 ? 259 HOH A O   1 
HETATM 938 O O   . HOH C 3 .   ? -12.706 -12.005 -3.811  1.00 35.24 ? 260 HOH A O   1 
HETATM 939 O O   . HOH C 3 .   ? 7.972   -4.011  -15.032 1.00 43.66 ? 261 HOH A O   1 
HETATM 940 O O   . HOH C 3 .   ? -5.725  -12.311 6.634   1.00 21.25 ? 262 HOH A O   1 
HETATM 941 O O   . HOH C 3 .   ? -10.634 -8.295  7.787   1.00 26.55 ? 263 HOH A O   1 
HETATM 942 O O   . HOH C 3 .   ? 4.720   15.629  0.411   1.00 28.99 ? 264 HOH A O   1 
HETATM 943 O O   . HOH C 3 .   ? 9.920   -0.738  -14.637 1.00 41.69 ? 265 HOH A O   1 
HETATM 944 O O   . HOH C 3 .   ? 1.015   -8.162  -5.989  1.00 42.71 ? 266 HOH A O   1 
HETATM 945 O O   . HOH C 3 .   ? -0.058  -11.231 20.268  1.00 60.93 ? 267 HOH A O   1 
HETATM 946 O O   . HOH C 3 .   ? -15.066 -10.948 1.389   1.00 51.39 ? 268 HOH A O   1 
HETATM 947 O O   . HOH C 3 .   ? 7.523   -15.461 7.078   1.00 62.71 ? 269 HOH A O   1 
HETATM 948 O O   . HOH C 3 .   ? 9.135   -11.994 -2.907  1.00 66.27 ? 270 HOH A O   1 
HETATM 949 O O   . HOH C 3 .   ? 12.569  3.726   -5.796  1.00 37.17 ? 271 HOH A O   1 
HETATM 950 O O   . HOH C 3 .   ? 0.830   -11.346 -9.162  1.00 66.30 ? 272 HOH A O   1 
HETATM 951 O O   . HOH C 3 .   ? -1.698  -5.776  -19.753 1.00 62.16 ? 273 HOH A O   1 
HETATM 952 O O   . HOH C 3 .   ? 14.988  -3.670  4.171   1.00 59.60 ? 274 HOH A O   1 
HETATM 953 O O   . HOH C 3 .   ? 9.356   15.783  -11.207 1.00 49.05 ? 275 HOH A O   1 
HETATM 954 O O   . HOH C 3 .   ? 2.720   -10.490 -7.144  1.00 67.27 ? 276 HOH A O   1 
HETATM 955 O O   . HOH C 3 .   ? 4.428   -10.756 -1.783  1.00 56.05 ? 277 HOH A O   1 
HETATM 956 O O   . HOH C 3 .   ? 7.827   16.096  -6.087  1.00 46.89 ? 278 HOH A O   1 
HETATM 957 O O   . HOH C 3 .   ? 14.472  3.345   1.122   1.00 65.67 ? 279 HOH A O   1 
HETATM 958 O O   . HOH C 3 .   ? -4.969  3.557   14.469  1.00 52.57 ? 280 HOH A O   1 
# 
